data_3T2N
#
_entry.id   3T2N
#
_cell.length_a   62.980
_cell.length_b   66.580
_cell.length_c   108.330
_cell.angle_alpha   88.71
_cell.angle_beta   94.30
_cell.angle_gamma   104.53
#
_symmetry.space_group_name_H-M   'P 1'
#
loop_
_entity.id
_entity.type
_entity.pdbx_description
1 polymer 'Serine protease hepsin'
2 polymer 'Antibody, Fab fragment, Heavy Chain'
3 polymer 'Antibody, Fab fragment, Light Chain'
4 water water
#
loop_
_entity_poly.entity_id
_entity_poly.type
_entity_poly.pdbx_seq_one_letter_code
_entity_poly.pdbx_strand_id
1 'polypeptide(L)'
;SDQEPLYPVQVSSADARLMVFDKTEGTWRLLCSSRSNARVAGLSCEEMGFLRALTHSELDVRTAGANGTSGFFCVDEGRL
PHTQRLLEVISVCDCPRGRFLAAICQDCGRRKLPVDRIVGGRDTSLGRWPWQVSLRYDGAHLCGGSLLSGDWVLTAAHCF
PERNRVLSRWRVFAGAVAQASPHGLQLGVQAVVYHGGYLPFRDPNSEENSNDIALVHLSSPLPLTEYIQPVCLPAAGQAL
VDGKICTVTGWGNTQYYGQQAGVLQEARVPIISNDVCNGADFYGNQIKPKMFCAGYPEGGIDACQGDSGGPFVCEDSISR
TPRWRLCGIVSWGTGCALAQKPGVYTKVSDFREWIFQAIKTHSEASGMVTQL
;
A,B
2 'polypeptide(L)'
;QVQLVQSGSELKKPGASVKVSCKASGYTFTDYSMRWVRQAPGQGLEWMGWINTETGSPTYADDFKGRFVFSLDTSVSTAY
LQISSLKAEDTAVYYCARGFAYWGQGTLVTVSSASTKGPSVFPLAPSSKSTSGGTAALGCLVKDYFPEPVTVSWNSGALT
SGVHTFPAVLQSSGLYSLSSVVTVPSSSLGTQTYICNVNHKPSNTKVDKKVEPKSCDKTHTCPPC
;
H,I
3 'polypeptide(L)'
;QTVVTQEPSLTVSPGGTVTLTCRSSTGAVTTSNYANWVQQKPGQAFRGLIGDTNNRAPWTPARFSGSLLGGKAALTLSGV
QPEDEAEYYCALWYSNHFIFGSGTKVTVLGQPKAAPSVTLFPPSSEELQANKATLVCLISDFYPGAVTVAWKADSSPVKA
GVETTTPSKQSNNKYAASSYLSLTPEQWKSHRSYSCQVTHEGSTVEKTVAPTECS
;
L,M
#
# COMPACT_ATOMS: atom_id res chain seq x y z
N GLN A 3 12.69 1.00 19.71
CA GLN A 3 11.37 0.48 19.40
C GLN A 3 10.99 -0.53 20.48
N GLU A 4 9.77 -0.35 21.03
CA GLU A 4 9.15 -1.17 22.05
C GLU A 4 8.00 -1.90 21.39
N PRO A 5 8.26 -3.10 20.78
CA PRO A 5 7.18 -3.80 20.04
C PRO A 5 6.06 -4.35 20.93
N LEU A 6 6.31 -4.45 22.25
CA LEU A 6 5.40 -4.98 23.26
C LEU A 6 5.25 -4.01 24.45
N TYR A 7 4.00 -3.54 24.72
CA TYR A 7 3.64 -2.59 25.78
C TYR A 7 3.87 -3.19 27.21
N PRO A 8 4.37 -2.41 28.22
CA PRO A 8 4.63 -2.99 29.56
C PRO A 8 3.40 -3.39 30.39
N VAL A 9 2.17 -3.21 29.86
CA VAL A 9 0.98 -3.67 30.57
C VAL A 9 0.25 -4.61 29.59
N GLN A 10 -0.12 -5.80 30.07
CA GLN A 10 -0.78 -6.79 29.26
C GLN A 10 -1.97 -7.39 29.96
N VAL A 11 -2.98 -7.74 29.18
CA VAL A 11 -4.19 -8.41 29.67
C VAL A 11 -4.22 -9.74 28.93
N SER A 12 -4.43 -10.85 29.67
CA SER A 12 -4.40 -12.21 29.14
C SER A 12 -5.62 -12.54 28.24
N SER A 13 -5.37 -13.31 27.19
CA SER A 13 -6.35 -13.77 26.20
C SER A 13 -7.11 -15.02 26.70
N ALA A 14 -6.51 -15.76 27.67
CA ALA A 14 -7.06 -17.00 28.23
C ALA A 14 -7.75 -16.81 29.60
N ASP A 15 -7.12 -16.11 30.57
CA ASP A 15 -7.67 -15.90 31.92
C ASP A 15 -7.97 -14.42 32.22
N ALA A 16 -7.60 -13.48 31.29
CA ALA A 16 -7.78 -12.01 31.36
C ALA A 16 -6.95 -11.38 32.50
N ARG A 17 -5.93 -12.09 32.96
CA ARG A 17 -5.08 -11.60 34.02
C ARG A 17 -4.20 -10.44 33.56
N LEU A 18 -3.99 -9.47 34.43
CA LEU A 18 -3.16 -8.31 34.15
C LEU A 18 -1.69 -8.67 34.35
N MET A 19 -0.82 -8.26 33.41
CA MET A 19 0.61 -8.56 33.42
C MET A 19 1.39 -7.30 33.17
N VAL A 20 2.23 -6.92 34.13
CA VAL A 20 3.00 -5.67 34.11
C VAL A 20 4.48 -5.99 34.06
N PHE A 21 5.21 -5.34 33.16
CA PHE A 21 6.64 -5.58 32.95
C PHE A 21 7.49 -4.73 33.87
N ASP A 22 8.49 -5.37 34.47
CA ASP A 22 9.47 -4.70 35.31
C ASP A 22 10.67 -4.43 34.39
N LYS A 23 10.75 -3.22 33.84
CA LYS A 23 11.76 -2.79 32.84
C LYS A 23 13.22 -3.04 33.27
N THR A 24 13.50 -2.84 34.56
CA THR A 24 14.84 -2.96 35.15
C THR A 24 15.23 -4.41 35.42
N GLU A 25 14.24 -5.26 35.82
CA GLU A 25 14.44 -6.68 36.10
C GLU A 25 14.19 -7.55 34.86
N GLY A 26 13.56 -6.96 33.83
CA GLY A 26 13.16 -7.66 32.62
C GLY A 26 12.18 -8.76 32.92
N THR A 27 11.38 -8.57 33.99
CA THR A 27 10.43 -9.55 34.48
C THR A 27 8.99 -9.10 34.41
N TRP A 28 8.11 -10.02 33.99
CA TRP A 28 6.68 -9.87 33.98
C TRP A 28 6.15 -10.31 35.31
N ARG A 29 5.27 -9.49 35.88
CA ARG A 29 4.66 -9.74 37.19
C ARG A 29 3.16 -9.61 37.14
N LEU A 30 2.46 -10.23 38.10
CA LEU A 30 1.01 -10.14 38.26
C LEU A 30 0.69 -9.02 39.24
N LEU A 31 -0.43 -8.30 39.06
CA LEU A 31 -0.82 -7.22 39.98
C LEU A 31 -1.51 -7.82 41.22
N CYS A 32 -1.04 -7.49 42.42
CA CYS A 32 -1.60 -8.02 43.67
C CYS A 32 -3.00 -7.39 43.96
N SER A 33 -3.96 -8.24 44.31
CA SER A 33 -5.35 -7.86 44.60
C SER A 33 -5.45 -7.04 45.89
N SER A 34 -6.31 -6.00 45.89
CA SER A 34 -6.53 -5.08 47.02
C SER A 34 -8.00 -4.63 47.12
N ARG A 35 -8.33 -3.82 48.16
CA ARG A 35 -9.69 -3.30 48.42
C ARG A 35 -10.13 -2.26 47.36
N SER A 36 -9.19 -1.81 46.50
CA SER A 36 -9.44 -0.82 45.44
C SER A 36 -9.18 -1.43 44.05
N ASN A 37 -9.62 -2.69 43.85
CA ASN A 37 -9.52 -3.48 42.63
C ASN A 37 -10.23 -2.85 41.44
N ALA A 38 -11.39 -2.18 41.65
CA ALA A 38 -12.21 -1.53 40.62
C ALA A 38 -11.41 -0.43 39.87
N ARG A 39 -10.76 0.46 40.66
CA ARG A 39 -9.95 1.59 40.24
C ARG A 39 -8.72 1.13 39.46
N VAL A 40 -7.99 0.12 39.97
CA VAL A 40 -6.78 -0.45 39.34
C VAL A 40 -7.12 -1.18 38.01
N ALA A 41 -8.27 -1.88 37.96
CA ALA A 41 -8.76 -2.57 36.75
C ALA A 41 -9.00 -1.52 35.67
N GLY A 42 -9.71 -0.45 36.08
CA GLY A 42 -10.00 0.71 35.26
C GLY A 42 -8.74 1.44 34.80
N LEU A 43 -7.80 1.67 35.75
CA LEU A 43 -6.50 2.33 35.49
C LEU A 43 -5.65 1.53 34.52
N SER A 44 -5.59 0.18 34.69
CA SER A 44 -4.80 -0.71 33.84
C SER A 44 -5.29 -0.74 32.39
N CYS A 45 -6.64 -0.73 32.17
CA CYS A 45 -7.25 -0.71 30.84
C CYS A 45 -6.94 0.63 30.15
N GLU A 46 -7.01 1.75 30.88
CA GLU A 46 -6.73 3.12 30.40
C GLU A 46 -5.27 3.27 29.94
N GLU A 47 -4.34 2.66 30.69
CA GLU A 47 -2.90 2.64 30.42
C GLU A 47 -2.60 1.99 29.08
N MET A 48 -3.39 0.97 28.71
CA MET A 48 -3.26 0.21 27.48
C MET A 48 -4.06 0.84 26.30
N GLY A 49 -4.78 1.93 26.58
CA GLY A 49 -5.55 2.65 25.56
C GLY A 49 -7.02 2.33 25.45
N PHE A 50 -7.51 1.45 26.32
CA PHE A 50 -8.91 1.09 26.40
C PHE A 50 -9.60 2.20 27.15
N LEU A 51 -10.87 2.47 26.89
CA LEU A 51 -11.54 3.58 27.57
C LEU A 51 -11.81 3.26 29.05
N ARG A 52 -12.17 1.99 29.32
CA ARG A 52 -12.55 1.50 30.64
C ARG A 52 -12.45 -0.03 30.75
N ALA A 53 -12.61 -0.53 31.97
CA ALA A 53 -12.74 -1.93 32.29
C ALA A 53 -14.23 -2.24 32.36
N LEU A 54 -14.65 -3.34 31.71
CA LEU A 54 -16.05 -3.75 31.73
C LEU A 54 -16.37 -4.40 33.08
N THR A 55 -15.54 -5.39 33.48
CA THR A 55 -15.61 -6.11 34.75
C THR A 55 -14.21 -6.51 35.19
N HIS A 56 -14.03 -6.75 36.49
CA HIS A 56 -12.77 -7.24 37.04
C HIS A 56 -13.04 -8.48 37.86
N SER A 57 -12.00 -9.30 38.07
CA SER A 57 -12.10 -10.54 38.82
C SER A 57 -10.87 -10.76 39.74
N GLU A 58 -11.08 -11.65 40.72
CA GLU A 58 -10.10 -12.07 41.72
C GLU A 58 -9.66 -13.47 41.39
N LEU A 59 -8.35 -13.66 41.14
CA LEU A 59 -7.79 -14.98 40.81
C LEU A 59 -6.76 -15.39 41.84
N ASP A 60 -6.60 -16.70 42.03
CA ASP A 60 -5.70 -17.30 42.98
C ASP A 60 -4.63 -18.12 42.29
N VAL A 61 -3.39 -17.99 42.72
CA VAL A 61 -2.28 -18.74 42.12
C VAL A 61 -2.40 -20.21 42.37
N ARG A 62 -2.93 -20.60 43.54
CA ARG A 62 -2.96 -22.02 43.88
C ARG A 62 -3.66 -22.82 42.82
N THR A 63 -4.72 -22.26 42.26
CA THR A 63 -5.43 -22.98 41.24
C THR A 63 -5.37 -22.38 39.87
N ALA A 64 -4.98 -21.12 39.76
CA ALA A 64 -5.11 -20.32 38.53
C ALA A 64 -3.90 -20.30 37.67
N GLY A 65 -2.82 -20.89 38.20
CA GLY A 65 -1.55 -20.86 37.54
C GLY A 65 -0.93 -19.50 37.72
N ALA A 66 0.32 -19.40 37.31
CA ALA A 66 1.09 -18.17 37.28
C ALA A 66 2.18 -18.31 36.21
N ASN A 67 1.88 -19.07 35.12
CA ASN A 67 2.84 -19.27 34.02
C ASN A 67 2.94 -18.01 33.17
N GLY A 68 4.18 -17.64 32.85
CA GLY A 68 4.48 -16.45 32.06
C GLY A 68 4.85 -15.23 32.88
N THR A 69 4.69 -15.32 34.21
CA THR A 69 5.02 -14.26 35.16
C THR A 69 5.86 -14.79 36.31
N SER A 70 6.57 -13.90 37.01
CA SER A 70 7.37 -14.28 38.17
C SER A 70 7.29 -13.20 39.22
N GLY A 71 6.66 -13.54 40.34
CA GLY A 71 6.47 -12.61 41.44
C GLY A 71 5.32 -11.67 41.22
N PHE A 72 5.26 -10.61 42.04
CA PHE A 72 4.15 -9.65 41.99
C PHE A 72 4.55 -8.18 42.13
N PHE A 73 3.59 -7.32 41.74
CA PHE A 73 3.57 -5.86 41.87
C PHE A 73 2.41 -5.49 42.78
N CYS A 74 2.63 -4.59 43.72
CA CYS A 74 1.59 -4.12 44.63
C CYS A 74 1.27 -2.69 44.31
N VAL A 75 0.01 -2.31 44.48
CA VAL A 75 -0.47 -0.96 44.19
C VAL A 75 -0.41 -0.08 45.45
N ASP A 76 0.00 1.18 45.28
CA ASP A 76 0.00 2.22 46.29
C ASP A 76 -1.41 2.76 46.27
N GLU A 77 -2.24 2.32 47.23
CA GLU A 77 -3.67 2.68 47.30
C GLU A 77 -3.90 4.16 47.69
N GLY A 78 -2.86 4.82 48.21
CA GLY A 78 -2.89 6.23 48.58
C GLY A 78 -2.55 7.17 47.44
N ARG A 79 -1.68 6.72 46.52
CA ARG A 79 -1.26 7.49 45.34
C ARG A 79 -2.19 7.26 44.14
N LEU A 80 -2.94 6.14 44.15
CA LEU A 80 -3.86 5.70 43.09
C LEU A 80 -4.96 6.72 42.71
N PRO A 81 -5.63 7.39 43.69
CA PRO A 81 -6.73 8.31 43.37
C PRO A 81 -6.40 9.44 42.39
N HIS A 82 -5.17 10.00 42.44
CA HIS A 82 -4.82 11.07 41.53
C HIS A 82 -3.58 10.74 40.69
N THR A 83 -3.38 9.45 40.38
CA THR A 83 -2.30 9.08 39.45
C THR A 83 -2.84 8.97 38.01
N GLN A 84 -2.03 9.39 37.04
CA GLN A 84 -2.30 9.27 35.60
C GLN A 84 -1.59 8.06 34.99
N ARG A 85 -0.79 7.36 35.80
CA ARG A 85 -0.01 6.19 35.35
C ARG A 85 -0.04 5.05 36.38
N LEU A 86 0.07 3.80 35.88
CA LEU A 86 0.09 2.58 36.69
C LEU A 86 1.53 2.23 37.10
N LEU A 87 2.55 2.49 36.23
CA LEU A 87 3.95 2.15 36.50
C LEU A 87 4.58 2.97 37.65
N GLU A 88 3.97 4.11 38.00
CA GLU A 88 4.42 5.01 39.08
C GLU A 88 3.88 4.60 40.46
N VAL A 89 2.75 3.85 40.50
CA VAL A 89 2.06 3.46 41.74
C VAL A 89 2.30 1.99 42.14
N ILE A 90 3.16 1.29 41.42
CA ILE A 90 3.43 -0.13 41.66
C ILE A 90 4.86 -0.38 42.18
N SER A 91 4.94 -1.19 43.25
CA SER A 91 6.17 -1.64 43.89
C SER A 91 6.24 -3.14 43.79
N VAL A 92 7.45 -3.70 43.79
CA VAL A 92 7.66 -5.15 43.75
C VAL A 92 7.26 -5.69 45.12
N CYS A 93 6.34 -6.68 45.16
CA CYS A 93 5.88 -7.19 46.44
C CYS A 93 5.66 -8.70 46.42
N ASP A 94 5.51 -9.27 47.62
CA ASP A 94 5.12 -10.67 47.80
C ASP A 94 3.65 -10.65 48.20
N CYS A 95 2.83 -11.35 47.43
CA CYS A 95 1.36 -11.45 47.57
C CYS A 95 1.13 -12.74 48.30
N PRO A 96 1.00 -12.71 49.65
CA PRO A 96 0.89 -13.97 50.42
C PRO A 96 -0.32 -14.79 50.03
N ARG A 97 -1.53 -14.17 49.98
CA ARG A 97 -2.75 -14.89 49.59
C ARG A 97 -2.61 -15.43 48.18
N GLY A 98 -1.78 -14.77 47.39
CA GLY A 98 -1.50 -15.17 46.04
C GLY A 98 -2.61 -14.73 45.13
N ARG A 99 -3.44 -13.77 45.59
CA ARG A 99 -4.56 -13.24 44.83
C ARG A 99 -4.07 -12.10 43.96
N PHE A 100 -4.32 -12.23 42.66
CA PHE A 100 -3.90 -11.27 41.65
C PHE A 100 -5.10 -10.73 40.89
N LEU A 101 -4.88 -9.62 40.16
CA LEU A 101 -5.95 -8.95 39.43
C LEU A 101 -6.05 -9.39 37.98
N ALA A 102 -7.29 -9.65 37.57
CA ALA A 102 -7.75 -9.98 36.23
C ALA A 102 -8.86 -9.03 35.92
N ALA A 103 -8.91 -8.49 34.69
CA ALA A 103 -9.97 -7.57 34.29
C ALA A 103 -10.23 -7.64 32.79
N ILE A 104 -11.52 -7.52 32.41
CA ILE A 104 -11.93 -7.52 31.02
C ILE A 104 -12.11 -6.07 30.62
N CYS A 105 -11.33 -5.64 29.60
CA CYS A 105 -11.32 -4.27 29.07
C CYS A 105 -12.39 -4.14 27.95
N GLN A 106 -12.78 -2.89 27.59
CA GLN A 106 -13.76 -2.69 26.52
C GLN A 106 -13.10 -3.06 25.17
N ASP A 107 -13.70 -4.03 24.40
CA ASP A 107 -13.15 -4.41 23.08
C ASP A 107 -13.17 -3.17 22.21
N CYS A 108 -11.99 -2.89 21.69
CA CYS A 108 -11.49 -1.65 21.15
C CYS A 108 -10.64 -1.81 19.86
N GLY A 109 -10.78 -0.86 18.94
CA GLY A 109 -10.03 -0.68 17.69
C GLY A 109 -9.74 -1.83 16.71
N ARG A 110 -10.65 -2.80 16.57
CA ARG A 110 -10.49 -3.93 15.63
C ARG A 110 -11.60 -3.97 14.57
N ARG A 111 -11.26 -4.41 13.34
CA ARG A 111 -12.19 -4.64 12.22
C ARG A 111 -12.84 -5.98 12.48
N LYS A 112 -14.18 -6.07 12.41
CA LYS A 112 -14.87 -7.32 12.71
C LYS A 112 -15.22 -8.09 11.40
N LEU A 113 -14.21 -8.28 10.51
CA LEU A 113 -14.33 -8.98 9.22
C LEU A 113 -14.77 -10.45 9.43
N PRO A 114 -15.87 -10.86 8.76
CA PRO A 114 -16.32 -12.24 8.89
C PRO A 114 -15.67 -13.15 7.83
N ARG A 122 -9.95 7.73 -1.93
CA ARG A 122 -10.14 6.32 -2.19
C ARG A 122 -11.44 5.82 -1.65
N ASP A 123 -12.34 5.33 -2.52
CA ASP A 123 -13.57 4.74 -2.04
C ASP A 123 -13.24 3.64 -1.01
N THR A 124 -14.03 3.55 0.06
CA THR A 124 -13.84 2.52 1.08
C THR A 124 -15.01 1.54 1.03
N SER A 125 -14.80 0.33 1.55
CA SER A 125 -15.81 -0.71 1.71
C SER A 125 -16.27 -0.76 3.17
N LEU A 126 -17.50 -1.21 3.41
CA LEU A 126 -18.07 -1.30 4.76
C LEU A 126 -17.23 -2.18 5.71
N GLY A 127 -16.98 -1.67 6.93
CA GLY A 127 -16.27 -2.39 7.98
C GLY A 127 -14.78 -2.12 8.21
N ARG A 128 -14.09 -1.41 7.28
CA ARG A 128 -12.66 -1.07 7.37
C ARG A 128 -12.35 -0.14 8.56
N TRP A 129 -13.25 0.87 8.78
CA TRP A 129 -13.16 1.87 9.85
C TRP A 129 -14.52 1.91 10.54
N PRO A 130 -14.85 0.90 11.39
CA PRO A 130 -16.19 0.85 12.02
C PRO A 130 -16.48 1.93 13.07
N TRP A 131 -15.45 2.70 13.46
CA TRP A 131 -15.51 3.80 14.43
C TRP A 131 -15.86 5.12 13.79
N GLN A 132 -15.65 5.25 12.46
CA GLN A 132 -15.92 6.46 11.69
C GLN A 132 -17.41 6.80 11.72
N VAL A 133 -17.73 8.03 12.17
CA VAL A 133 -19.11 8.53 12.19
C VAL A 133 -19.20 9.87 11.45
N SER A 134 -20.43 10.18 10.99
CA SER A 134 -20.78 11.44 10.35
C SER A 134 -21.64 12.23 11.30
N LEU A 135 -21.25 13.49 11.57
CA LEU A 135 -22.02 14.37 12.43
C LEU A 135 -22.77 15.35 11.54
N ARG A 136 -24.09 15.20 11.57
CA ARG A 136 -25.02 15.96 10.73
C ARG A 136 -25.78 17.01 11.51
N TYR A 137 -25.83 18.23 10.96
CA TYR A 137 -26.60 19.36 11.48
C TYR A 137 -27.66 19.70 10.44
N ASP A 138 -28.96 19.46 10.79
CA ASP A 138 -30.14 19.65 9.91
C ASP A 138 -30.00 18.77 8.64
N GLY A 139 -29.54 17.53 8.82
CA GLY A 139 -29.39 16.56 7.74
C GLY A 139 -28.08 16.59 6.99
N ALA A 140 -27.43 17.77 6.95
CA ALA A 140 -26.17 17.96 6.24
C ALA A 140 -24.97 17.49 7.03
N HIS A 141 -24.06 16.74 6.37
CA HIS A 141 -22.80 16.32 6.95
C HIS A 141 -21.97 17.54 7.23
N LEU A 142 -21.48 17.68 8.45
CA LEU A 142 -20.61 18.81 8.70
C LEU A 142 -19.26 18.33 9.22
N CYS A 143 -19.26 17.59 10.31
CA CYS A 143 -18.03 17.12 10.92
C CYS A 143 -17.99 15.58 11.02
N GLY A 144 -16.78 15.07 11.17
CA GLY A 144 -16.53 13.65 11.36
C GLY A 144 -16.30 13.36 12.82
N GLY A 145 -16.28 12.11 13.17
CA GLY A 145 -16.05 11.65 14.53
C GLY A 145 -15.57 10.21 14.56
N SER A 146 -15.12 9.80 15.74
CA SER A 146 -14.62 8.45 16.01
C SER A 146 -15.24 7.96 17.28
N LEU A 147 -15.90 6.78 17.23
CA LEU A 147 -16.54 6.18 18.40
C LEU A 147 -15.47 5.68 19.37
N LEU A 148 -15.57 6.08 20.64
CA LEU A 148 -14.68 5.59 21.70
C LEU A 148 -15.43 4.52 22.51
N SER A 149 -16.75 4.50 22.32
CA SER A 149 -17.74 3.58 22.88
C SER A 149 -19.05 3.75 22.07
N GLY A 150 -20.11 3.04 22.47
CA GLY A 150 -21.41 3.13 21.83
C GLY A 150 -22.07 4.50 21.96
N ASP A 151 -21.86 5.21 23.07
CA ASP A 151 -22.50 6.51 23.23
C ASP A 151 -21.49 7.63 23.55
N TRP A 152 -20.30 7.56 22.96
CA TRP A 152 -19.24 8.56 23.11
C TRP A 152 -18.48 8.68 21.81
N VAL A 153 -18.48 9.87 21.24
CA VAL A 153 -17.79 10.15 20.00
C VAL A 153 -16.74 11.23 20.23
N LEU A 154 -15.58 11.06 19.58
CA LEU A 154 -14.57 12.08 19.74
C LEU A 154 -14.39 12.87 18.46
N THR A 155 -14.35 14.19 18.59
CA THR A 155 -14.17 15.07 17.45
C THR A 155 -13.44 16.36 17.84
N ALA A 156 -13.55 17.35 16.96
CA ALA A 156 -12.98 18.66 17.09
C ALA A 156 -13.98 19.62 17.75
N ALA A 157 -13.44 20.59 18.49
CA ALA A 157 -14.22 21.63 19.17
C ALA A 157 -14.78 22.57 18.15
N HIS A 158 -13.99 22.89 17.11
CA HIS A 158 -14.34 23.82 16.02
C HIS A 158 -15.62 23.37 15.27
N CYS A 159 -16.06 22.13 15.49
CA CYS A 159 -17.24 21.54 14.87
C CYS A 159 -18.51 22.18 15.41
N PHE A 160 -18.42 22.78 16.60
CA PHE A 160 -19.56 23.40 17.25
C PHE A 160 -19.38 24.90 17.42
N PRO A 161 -19.38 25.68 16.30
CA PRO A 161 -19.34 27.14 16.50
C PRO A 161 -20.70 27.55 16.98
N GLU A 162 -20.81 28.76 17.56
CA GLU A 162 -22.06 29.27 18.09
C GLU A 162 -23.25 29.03 17.14
N ARG A 163 -22.98 29.06 15.81
CA ARG A 163 -23.89 28.80 14.70
C ARG A 163 -24.52 27.40 14.79
N ASN A 164 -23.75 26.37 15.19
CA ASN A 164 -24.19 24.97 15.23
C ASN A 164 -24.23 24.43 16.67
N ARG A 165 -24.90 25.16 17.57
CA ARG A 165 -24.97 24.77 19.00
C ARG A 165 -26.34 24.24 19.46
N VAL A 166 -27.37 24.20 18.58
CA VAL A 166 -28.69 23.65 18.98
C VAL A 166 -28.59 22.11 18.82
N LEU A 167 -28.24 21.41 19.92
CA LEU A 167 -28.00 19.96 19.98
C LEU A 167 -29.12 19.04 19.48
N SER A 168 -30.42 19.47 19.58
CA SER A 168 -31.55 18.67 19.09
C SER A 168 -31.60 18.68 17.55
N ARG A 169 -30.74 19.49 16.90
CA ARG A 169 -30.58 19.57 15.45
C ARG A 169 -29.34 18.74 15.00
N TRP A 170 -28.62 18.14 15.97
CA TRP A 170 -27.47 17.27 15.68
C TRP A 170 -27.89 15.83 15.66
N ARG A 171 -27.26 15.05 14.75
CA ARG A 171 -27.42 13.61 14.57
C ARG A 171 -26.07 12.96 14.24
N VAL A 172 -25.88 11.71 14.71
CA VAL A 172 -24.67 10.91 14.52
C VAL A 172 -25.01 9.71 13.65
N PHE A 173 -24.41 9.66 12.45
CA PHE A 173 -24.61 8.61 11.45
C PHE A 173 -23.45 7.62 11.54
N ALA A 174 -23.74 6.33 11.68
CA ALA A 174 -22.73 5.29 11.82
C ALA A 174 -23.10 4.05 10.98
N GLY A 175 -22.19 3.08 10.95
CA GLY A 175 -22.34 1.80 10.25
C GLY A 175 -22.61 1.85 8.76
N ALA A 176 -22.11 2.88 8.09
CA ALA A 176 -22.27 3.10 6.65
C ALA A 176 -21.13 3.96 6.08
N VAL A 177 -20.67 3.59 4.87
CA VAL A 177 -19.60 4.26 4.15
C VAL A 177 -20.20 5.39 3.27
N ALA A 178 -21.42 5.19 2.72
CA ALA A 178 -22.12 6.16 1.89
C ALA A 178 -23.11 6.93 2.75
N GLN A 179 -23.18 8.25 2.53
CA GLN A 179 -24.05 9.15 3.29
C GLN A 179 -25.55 8.93 3.00
N ALA A 180 -25.89 8.38 1.82
CA ALA A 180 -27.27 8.12 1.43
C ALA A 180 -27.76 6.74 1.88
N SER A 181 -26.82 5.89 2.37
CA SER A 181 -27.09 4.52 2.81
C SER A 181 -28.16 4.44 3.90
N PRO A 182 -29.26 3.68 3.63
CA PRO A 182 -30.34 3.56 4.62
C PRO A 182 -30.07 2.48 5.67
N HIS A 183 -28.96 1.73 5.50
CA HIS A 183 -28.51 0.67 6.40
C HIS A 183 -27.87 1.26 7.65
N GLY A 184 -27.21 2.40 7.50
CA GLY A 184 -26.54 3.10 8.58
C GLY A 184 -27.48 3.71 9.61
N LEU A 185 -27.09 3.61 10.90
CA LEU A 185 -27.86 4.10 12.06
C LEU A 185 -27.67 5.60 12.33
N GLN A 186 -28.76 6.27 12.74
CA GLN A 186 -28.82 7.71 13.05
C GLN A 186 -29.38 7.94 14.47
N LEU A 187 -28.57 8.58 15.35
CA LEU A 187 -28.94 8.85 16.73
C LEU A 187 -28.66 10.30 17.13
N GLY A 188 -29.47 10.80 18.06
CA GLY A 188 -29.36 12.14 18.62
C GLY A 188 -28.24 12.34 19.61
N VAL A 189 -28.12 13.58 20.13
CA VAL A 189 -27.06 14.01 21.06
C VAL A 189 -27.66 14.62 22.38
N GLN A 190 -27.10 14.15 23.52
CA GLN A 190 -27.41 14.49 24.92
C GLN A 190 -26.57 15.69 25.42
N ALA A 191 -25.23 15.59 25.28
CA ALA A 191 -24.28 16.64 25.65
C ALA A 191 -23.10 16.67 24.71
N VAL A 192 -22.48 17.85 24.59
CA VAL A 192 -21.27 18.06 23.82
C VAL A 192 -20.29 18.72 24.79
N VAL A 193 -19.29 17.96 25.21
CA VAL A 193 -18.25 18.39 26.14
C VAL A 193 -17.07 18.91 25.32
N TYR A 194 -16.94 20.24 25.22
CA TYR A 194 -15.83 20.84 24.47
C TYR A 194 -14.76 21.34 25.44
N HIS A 195 -13.51 21.31 24.99
CA HIS A 195 -12.38 21.77 25.76
C HIS A 195 -12.50 23.27 25.99
N GLY A 196 -12.41 23.67 27.25
CA GLY A 196 -12.47 25.06 27.68
C GLY A 196 -11.26 25.86 27.27
N GLY A 197 -10.23 25.16 26.81
CA GLY A 197 -8.95 25.72 26.38
C GLY A 197 -8.90 26.07 24.91
N TYR A 198 -9.98 25.81 24.16
CA TYR A 198 -10.07 26.13 22.73
C TYR A 198 -10.53 27.59 22.63
N LEU A 199 -9.56 28.48 22.44
CA LEU A 199 -9.66 29.93 22.47
C LEU A 199 -10.44 30.60 21.32
N PRO A 200 -10.42 30.11 20.08
CA PRO A 200 -11.20 30.78 19.01
C PRO A 200 -12.68 30.93 19.37
N PHE A 201 -13.11 30.19 20.41
CA PHE A 201 -14.44 30.27 20.96
C PHE A 201 -14.59 31.48 21.84
N ARG A 202 -13.59 31.71 22.71
CA ARG A 202 -13.53 32.83 23.64
C ARG A 202 -13.06 34.11 22.93
N ASP A 203 -12.19 33.95 21.89
CA ASP A 203 -11.64 35.03 21.04
C ASP A 203 -11.88 34.73 19.55
N PRO A 204 -12.67 35.54 18.79
CA PRO A 204 -12.92 35.22 17.37
C PRO A 204 -11.87 35.82 16.41
N ASN A 205 -10.73 36.23 16.94
CA ASN A 205 -9.60 36.79 16.19
C ASN A 205 -8.31 36.01 16.57
N SER A 206 -8.46 34.82 17.19
CA SER A 206 -7.39 33.97 17.73
C SER A 206 -6.85 33.00 16.71
N GLU A 207 -5.51 32.90 16.66
CA GLU A 207 -4.71 32.11 15.72
C GLU A 207 -4.82 30.58 15.82
N GLU A 208 -5.07 30.15 17.04
CA GLU A 208 -4.98 28.82 17.57
C GLU A 208 -5.80 27.68 16.94
N ASN A 209 -5.17 26.49 16.86
CA ASN A 209 -5.80 25.21 16.59
C ASN A 209 -5.76 24.39 17.83
N SER A 210 -4.95 24.77 18.85
CA SER A 210 -4.76 24.10 20.13
C SER A 210 -6.03 23.83 20.94
N ASN A 211 -6.04 22.67 21.65
CA ASN A 211 -7.12 22.15 22.49
C ASN A 211 -8.43 22.00 21.70
N ASP A 212 -8.32 21.78 20.37
CA ASP A 212 -9.45 21.55 19.49
C ASP A 212 -9.89 20.09 19.63
N ILE A 213 -10.62 19.82 20.72
CA ILE A 213 -11.13 18.50 21.07
C ILE A 213 -12.50 18.66 21.78
N ALA A 214 -13.44 17.78 21.44
CA ALA A 214 -14.80 17.74 21.96
C ALA A 214 -15.26 16.31 22.08
N LEU A 215 -16.08 16.03 23.12
CA LEU A 215 -16.68 14.71 23.37
C LEU A 215 -18.17 14.81 23.15
N VAL A 216 -18.67 14.04 22.17
CA VAL A 216 -20.09 13.99 21.84
C VAL A 216 -20.66 12.77 22.53
N HIS A 217 -21.62 13.01 23.42
CA HIS A 217 -22.31 11.96 24.16
C HIS A 217 -23.70 11.78 23.55
N LEU A 218 -23.92 10.56 23.03
CA LEU A 218 -25.18 10.17 22.40
C LEU A 218 -26.17 9.81 23.47
N SER A 219 -27.43 10.26 23.30
CA SER A 219 -28.56 10.05 24.23
C SER A 219 -28.79 8.55 24.55
N SER A 220 -28.54 7.65 23.56
CA SER A 220 -28.65 6.20 23.70
C SER A 220 -27.43 5.50 23.06
N PRO A 221 -26.94 4.36 23.61
CA PRO A 221 -25.77 3.69 23.02
C PRO A 221 -26.03 3.10 21.64
N LEU A 222 -25.00 3.15 20.77
CA LEU A 222 -25.04 2.57 19.44
C LEU A 222 -24.82 1.06 19.55
N PRO A 223 -25.58 0.23 18.80
CA PRO A 223 -25.37 -1.20 18.91
C PRO A 223 -24.03 -1.52 18.32
N LEU A 224 -23.29 -2.38 18.99
CA LEU A 224 -22.00 -2.68 18.43
C LEU A 224 -22.12 -3.85 17.53
N THR A 225 -21.76 -3.61 16.27
CA THR A 225 -21.88 -4.59 15.21
C THR A 225 -20.52 -4.78 14.53
N GLU A 226 -20.50 -5.38 13.33
CA GLU A 226 -19.25 -5.56 12.59
C GLU A 226 -19.01 -4.31 11.79
N TYR A 227 -20.03 -3.44 11.80
CA TYR A 227 -20.00 -2.17 11.09
C TYR A 227 -19.80 -1.01 12.00
N ILE A 228 -20.10 -1.22 13.28
CA ILE A 228 -19.95 -0.23 14.33
C ILE A 228 -19.11 -0.84 15.40
N GLN A 229 -18.01 -0.17 15.76
CA GLN A 229 -17.09 -0.63 16.79
C GLN A 229 -16.32 0.56 17.34
N PRO A 230 -15.82 0.55 18.60
CA PRO A 230 -15.02 1.70 19.06
C PRO A 230 -13.54 1.62 18.61
N VAL A 231 -12.85 2.76 18.60
CA VAL A 231 -11.43 2.86 18.27
C VAL A 231 -10.62 3.02 19.57
N CYS A 232 -9.37 2.56 19.56
CA CYS A 232 -8.51 2.66 20.73
C CYS A 232 -7.91 4.05 20.88
N LEU A 233 -7.60 4.40 22.12
CA LEU A 233 -6.90 5.63 22.41
C LEU A 233 -5.41 5.26 22.45
N PRO A 234 -4.44 6.18 22.23
CA PRO A 234 -3.04 5.78 22.37
C PRO A 234 -2.77 5.24 23.80
N ALA A 235 -1.79 4.35 23.94
CA ALA A 235 -1.43 3.83 25.24
C ALA A 235 -0.69 4.92 26.07
N ALA A 236 -0.64 4.76 27.39
CA ALA A 236 0.07 5.71 28.25
C ALA A 236 1.57 5.64 27.97
N GLY A 237 2.16 6.78 27.60
CA GLY A 237 3.57 6.86 27.27
C GLY A 237 3.91 6.47 25.83
N GLN A 238 2.93 5.97 25.03
CA GLN A 238 3.11 5.56 23.63
C GLN A 238 3.57 6.73 22.76
N ALA A 239 4.67 6.53 22.04
CA ALA A 239 5.28 7.55 21.20
C ALA A 239 4.62 7.65 19.84
N LEU A 240 4.69 8.86 19.28
CA LEU A 240 4.23 9.18 17.94
C LEU A 240 5.50 9.15 17.10
N VAL A 241 5.65 8.10 16.27
CA VAL A 241 6.85 7.81 15.49
C VAL A 241 6.86 8.61 14.20
N ASP A 242 7.97 9.35 13.98
CA ASP A 242 8.20 10.13 12.76
C ASP A 242 8.46 9.15 11.63
N GLY A 243 7.72 9.31 10.53
CA GLY A 243 7.83 8.42 9.37
C GLY A 243 6.86 7.27 9.36
N LYS A 244 6.14 7.06 10.47
CA LYS A 244 5.12 6.01 10.62
C LYS A 244 3.90 6.42 9.77
N ILE A 245 3.44 5.52 8.86
CA ILE A 245 2.32 5.81 7.97
C ILE A 245 1.00 5.38 8.62
N CYS A 246 0.14 6.37 8.89
CA CYS A 246 -1.18 6.21 9.47
C CYS A 246 -2.25 6.46 8.38
N THR A 247 -3.55 6.36 8.75
CA THR A 247 -4.66 6.54 7.82
C THR A 247 -5.58 7.66 8.32
N VAL A 248 -6.09 8.47 7.38
CA VAL A 248 -7.02 9.54 7.67
C VAL A 248 -8.31 9.26 6.85
N THR A 249 -9.48 9.18 7.54
CA THR A 249 -10.77 8.91 6.87
C THR A 249 -11.77 10.08 7.00
N GLY A 250 -12.73 10.11 6.07
CA GLY A 250 -13.75 11.13 5.99
C GLY A 250 -14.36 11.29 4.61
N TRP A 251 -15.33 12.22 4.50
CA TRP A 251 -16.05 12.55 3.27
C TRP A 251 -15.61 13.93 2.75
N GLY A 262 -20.59 11.04 -2.24
CA GLY A 262 -20.77 11.01 -0.79
C GLY A 262 -20.38 9.72 -0.13
N VAL A 263 -19.36 9.03 -0.66
CA VAL A 263 -18.84 7.76 -0.11
C VAL A 263 -17.53 8.08 0.64
N LEU A 264 -17.29 7.38 1.77
CA LEU A 264 -16.12 7.55 2.64
C LEU A 264 -14.84 7.15 1.92
N GLN A 265 -13.85 8.03 2.03
CA GLN A 265 -12.51 7.93 1.47
C GLN A 265 -11.45 7.77 2.59
N GLU A 266 -10.28 7.24 2.21
CA GLU A 266 -9.14 7.02 3.09
C GLU A 266 -7.85 7.50 2.39
N ALA A 267 -6.88 7.96 3.19
CA ALA A 267 -5.58 8.37 2.71
C ALA A 267 -4.50 7.93 3.68
N ARG A 268 -3.49 7.23 3.13
CA ARG A 268 -2.32 6.76 3.88
C ARG A 268 -1.36 7.95 3.92
N VAL A 269 -1.12 8.52 5.11
CA VAL A 269 -0.27 9.71 5.24
C VAL A 269 0.82 9.49 6.33
N PRO A 270 2.07 9.90 6.07
CA PRO A 270 3.14 9.73 7.08
C PRO A 270 3.15 10.77 8.16
N ILE A 271 3.66 10.43 9.37
CA ILE A 271 3.83 11.37 10.47
C ILE A 271 5.11 12.13 10.18
N ILE A 272 5.03 13.45 10.22
CA ILE A 272 6.13 14.37 9.95
C ILE A 272 6.62 14.95 11.28
N SER A 273 7.94 15.16 11.39
CA SER A 273 8.57 15.75 12.57
C SER A 273 8.08 17.17 12.78
N ASN A 274 8.05 17.62 14.05
CA ASN A 274 7.70 19.00 14.43
C ASN A 274 8.71 19.91 13.74
N ASP A 275 10.01 19.58 13.92
CA ASP A 275 11.18 20.25 13.32
C ASP A 275 11.04 20.39 11.81
N VAL A 276 10.64 19.31 11.08
CA VAL A 276 10.50 19.29 9.61
C VAL A 276 9.42 20.29 9.16
N CYS A 277 8.23 20.26 9.76
CA CYS A 277 7.16 21.19 9.41
C CYS A 277 7.54 22.62 9.80
N ASN A 278 8.16 22.79 10.99
CA ASN A 278 8.61 24.08 11.51
C ASN A 278 9.77 24.67 10.68
N GLY A 279 10.61 23.82 10.10
CA GLY A 279 11.70 24.23 9.23
C GLY A 279 11.29 24.51 7.80
N ALA A 280 10.07 24.08 7.39
CA ALA A 280 9.56 24.17 6.02
C ALA A 280 8.43 25.16 5.83
N ASP A 281 7.68 25.48 6.91
CA ASP A 281 6.53 26.40 6.88
C ASP A 281 6.90 27.70 6.14
N PHE A 282 6.03 28.13 5.22
CA PHE A 282 6.23 29.32 4.39
C PHE A 282 6.08 30.62 5.20
N TYR A 283 5.16 30.64 6.19
CA TYR A 283 4.85 31.79 7.04
C TYR A 283 5.69 31.79 8.34
N GLY A 284 6.50 30.74 8.53
CA GLY A 284 7.36 30.58 9.70
C GLY A 284 6.61 30.20 10.95
N ASN A 285 5.43 29.58 10.78
CA ASN A 285 4.55 29.15 11.86
C ASN A 285 5.03 27.85 12.51
N GLN A 286 5.18 27.87 13.83
CA GLN A 286 5.58 26.72 14.65
C GLN A 286 4.35 25.92 15.10
N ILE A 287 4.42 24.57 15.07
CA ILE A 287 3.30 23.74 15.53
C ILE A 287 3.20 23.95 17.04
N LYS A 288 2.00 24.33 17.51
CA LYS A 288 1.76 24.65 18.92
C LYS A 288 1.78 23.38 19.80
N PRO A 289 1.81 23.49 21.16
CA PRO A 289 1.81 22.26 21.98
C PRO A 289 0.51 21.48 21.80
N LYS A 290 0.54 20.17 22.10
CA LYS A 290 -0.60 19.23 22.01
C LYS A 290 -1.06 19.07 20.54
N MET A 291 -0.15 19.23 19.58
CA MET A 291 -0.46 19.11 18.16
C MET A 291 0.66 18.53 17.35
N PHE A 292 0.32 17.85 16.24
CA PHE A 292 1.33 17.25 15.36
C PHE A 292 0.99 17.43 13.86
N CYS A 293 2.01 17.16 12.99
CA CYS A 293 1.82 17.26 11.55
C CYS A 293 2.02 15.94 10.84
N ALA A 294 1.32 15.81 9.71
CA ALA A 294 1.36 14.61 8.91
C ALA A 294 1.38 14.99 7.43
N GLY A 295 2.08 14.19 6.63
CA GLY A 295 2.22 14.40 5.19
C GLY A 295 0.98 14.71 4.40
N TYR A 296 1.11 15.56 3.38
CA TYR A 296 0.01 15.90 2.51
C TYR A 296 -0.37 14.68 1.65
N PRO A 297 -1.66 14.26 1.62
CA PRO A 297 -2.04 13.07 0.82
C PRO A 297 -1.42 12.97 -0.59
N GLY A 306 -9.60 16.98 3.70
CA GLY A 306 -9.39 16.37 5.01
C GLY A 306 -10.50 16.75 5.95
N ASP A 307 -11.56 15.89 6.04
CA ASP A 307 -12.82 16.09 6.78
C ASP A 307 -12.60 16.47 8.25
N SER A 308 -13.12 17.67 8.65
CA SER A 308 -13.01 18.30 9.97
C SER A 308 -13.50 17.43 11.08
N GLY A 309 -12.68 17.27 12.10
CA GLY A 309 -12.97 16.44 13.25
C GLY A 309 -12.76 14.96 13.00
N GLY A 310 -12.54 14.63 11.73
CA GLY A 310 -12.32 13.26 11.25
C GLY A 310 -11.16 12.54 11.89
N PRO A 311 -11.12 11.19 11.79
CA PRO A 311 -10.03 10.43 12.45
C PRO A 311 -8.67 10.46 11.74
N PHE A 312 -7.62 10.19 12.53
CA PHE A 312 -6.24 9.94 12.14
C PHE A 312 -5.82 8.74 12.97
N VAL A 313 -5.89 7.56 12.36
CA VAL A 313 -5.65 6.30 13.07
C VAL A 313 -4.36 5.58 12.59
N CYS A 314 -3.60 4.99 13.53
CA CYS A 314 -2.42 4.18 13.24
C CYS A 314 -2.64 2.80 13.83
N GLU A 315 -2.07 1.75 13.18
CA GLU A 315 -2.16 0.37 13.65
C GLU A 315 -0.86 -0.04 14.34
N ASP A 316 -0.95 -0.86 15.42
CA ASP A 316 0.21 -1.39 16.16
C ASP A 316 -0.16 -2.76 16.72
N SER A 317 0.82 -3.49 17.30
CA SER A 317 0.62 -4.82 17.89
C SER A 317 1.17 -4.88 19.32
N ILE A 318 1.37 -3.71 19.94
CA ILE A 318 1.91 -3.53 21.29
C ILE A 318 1.05 -4.23 22.37
N SER A 319 -0.23 -4.57 22.05
CA SER A 319 -1.17 -5.27 22.93
C SER A 319 -1.29 -6.77 22.54
N ARG A 320 -0.33 -7.29 21.75
CA ARG A 320 -0.24 -8.67 21.21
C ARG A 320 -1.35 -8.96 20.20
N THR A 321 -2.08 -7.93 19.76
CA THR A 321 -3.12 -8.06 18.73
C THR A 321 -3.14 -6.74 17.94
N PRO A 322 -3.33 -6.80 16.59
CA PRO A 322 -3.34 -5.54 15.83
C PRO A 322 -4.55 -4.68 16.21
N ARG A 323 -4.25 -3.47 16.67
CA ARG A 323 -5.28 -2.53 17.06
C ARG A 323 -5.03 -1.18 16.44
N TRP A 324 -6.10 -0.58 15.92
CA TRP A 324 -6.06 0.77 15.38
C TRP A 324 -6.30 1.76 16.47
N ARG A 325 -5.48 2.80 16.53
CA ARG A 325 -5.59 3.80 17.58
C ARG A 325 -5.74 5.18 17.03
N LEU A 326 -6.64 5.98 17.66
CA LEU A 326 -6.88 7.35 17.30
C LEU A 326 -5.74 8.22 17.79
N CYS A 327 -4.91 8.73 16.85
CA CYS A 327 -3.72 9.50 17.20
C CYS A 327 -3.87 10.99 16.99
N GLY A 328 -4.68 11.36 16.02
CA GLY A 328 -4.93 12.76 15.73
C GLY A 328 -6.37 13.01 15.40
N ILE A 329 -6.79 14.27 15.53
CA ILE A 329 -8.10 14.72 15.11
C ILE A 329 -7.86 15.79 14.07
N VAL A 330 -8.63 15.79 12.98
CA VAL A 330 -8.50 16.82 11.96
C VAL A 330 -8.97 18.15 12.57
N SER A 331 -8.03 19.11 12.66
CA SER A 331 -8.29 20.45 13.21
C SER A 331 -8.46 21.57 12.10
N LEU A 338 -6.31 26.60 0.75
CA LEU A 338 -5.20 27.06 -0.08
C LEU A 338 -3.82 26.44 0.25
N ALA A 339 -3.63 25.11 0.20
CA ALA A 339 -2.26 24.64 0.45
C ALA A 339 -2.10 23.18 0.29
N GLN A 340 -0.89 22.78 -0.11
CA GLN A 340 -0.49 21.37 -0.23
C GLN A 340 0.59 21.16 0.82
N LYS A 341 0.24 21.50 2.05
CA LYS A 341 1.20 21.49 3.14
C LYS A 341 0.85 20.39 4.15
N PRO A 342 1.78 20.04 5.07
CA PRO A 342 1.43 19.05 6.07
C PRO A 342 0.22 19.51 6.87
N GLY A 343 -0.75 18.65 7.01
CA GLY A 343 -1.94 18.91 7.82
C GLY A 343 -1.58 18.95 9.28
N VAL A 344 -2.29 19.76 10.08
CA VAL A 344 -2.03 19.92 11.52
C VAL A 344 -3.19 19.27 12.26
N TYR A 345 -2.87 18.39 13.22
CA TYR A 345 -3.85 17.59 13.95
C TYR A 345 -3.74 17.72 15.46
N THR A 346 -4.88 17.61 16.15
CA THR A 346 -4.98 17.51 17.62
C THR A 346 -4.31 16.19 18.00
N LYS A 347 -3.27 16.25 18.85
CA LYS A 347 -2.57 15.04 19.30
C LYS A 347 -3.36 14.50 20.48
N VAL A 348 -4.12 13.42 20.25
CA VAL A 348 -5.05 12.76 21.18
C VAL A 348 -4.34 12.21 22.48
N SER A 349 -3.04 11.83 22.42
CA SER A 349 -2.37 11.29 23.61
C SER A 349 -2.20 12.34 24.70
N ASP A 350 -2.17 13.61 24.29
CA ASP A 350 -2.05 14.76 25.18
C ASP A 350 -3.39 15.13 25.86
N PHE A 351 -4.52 14.56 25.40
CA PHE A 351 -5.87 14.78 25.94
C PHE A 351 -6.48 13.52 26.56
N ARG A 352 -5.67 12.47 26.76
CA ARG A 352 -6.11 11.19 27.37
C ARG A 352 -6.86 11.40 28.69
N GLU A 353 -6.29 12.20 29.60
CA GLU A 353 -6.87 12.43 30.92
C GLU A 353 -8.14 13.24 30.86
N TRP A 354 -8.16 14.22 29.94
CA TRP A 354 -9.28 15.09 29.68
C TRP A 354 -10.48 14.27 29.22
N ILE A 355 -10.21 13.29 28.36
CA ILE A 355 -11.20 12.35 27.84
C ILE A 355 -11.69 11.45 28.98
N PHE A 356 -10.74 10.93 29.82
CA PHE A 356 -11.18 10.04 30.90
C PHE A 356 -11.91 10.77 31.99
N GLN A 357 -11.60 12.05 32.20
CA GLN A 357 -12.26 12.87 33.20
C GLN A 357 -13.64 13.34 32.74
N ALA A 358 -13.73 13.81 31.47
CA ALA A 358 -14.97 14.38 30.94
C ALA A 358 -16.10 13.37 30.96
N ILE A 359 -15.77 12.09 30.76
CA ILE A 359 -16.72 11.01 30.74
C ILE A 359 -17.15 10.63 32.15
N LYS A 360 -16.20 10.63 33.11
CA LYS A 360 -16.50 10.31 34.50
C LYS A 360 -17.40 11.40 35.10
N THR A 361 -17.09 12.66 34.78
CA THR A 361 -17.79 13.84 35.30
C THR A 361 -19.07 14.21 34.61
N HIS A 362 -19.07 14.24 33.27
CA HIS A 362 -20.18 14.80 32.51
C HIS A 362 -21.03 13.78 31.77
N SER A 363 -21.23 12.62 32.40
CA SER A 363 -22.10 11.59 31.84
C SER A 363 -23.56 12.02 31.95
N GLU A 364 -23.90 12.64 33.09
CA GLU A 364 -25.28 13.01 33.40
C GLU A 364 -25.67 14.39 32.88
N ALA A 365 -24.79 15.01 32.08
CA ALA A 365 -25.00 16.35 31.55
C ALA A 365 -25.85 16.36 30.29
N SER A 366 -26.60 17.46 30.13
CA SER A 366 -27.42 17.79 28.97
C SER A 366 -26.94 19.12 28.43
N GLY A 367 -26.79 19.22 27.10
CA GLY A 367 -26.36 20.43 26.43
C GLY A 367 -24.85 20.61 26.26
N MET A 368 -24.42 21.81 25.83
CA MET A 368 -23.01 22.18 25.68
C MET A 368 -22.37 22.20 27.05
N VAL A 369 -21.15 21.67 27.19
CA VAL A 369 -20.42 21.63 28.46
C VAL A 369 -18.96 22.02 28.19
N THR A 370 -18.34 22.71 29.15
CA THR A 370 -16.93 23.11 29.09
C THR A 370 -16.16 22.21 30.07
N GLN A 371 -14.96 21.77 29.67
CA GLN A 371 -14.06 20.94 30.47
C GLN A 371 -12.67 21.55 30.37
N LEU A 372 -12.07 21.99 31.49
CA LEU A 372 -10.77 22.66 31.43
C LEU A 372 -9.61 21.64 31.48
N GLN B 3 0.37 -14.02 18.21
CA GLN B 3 1.07 -12.77 17.90
C GLN B 3 2.11 -12.46 18.97
N GLU B 4 3.37 -12.67 18.59
CA GLU B 4 4.57 -12.49 19.39
C GLU B 4 5.29 -11.30 18.78
N PRO B 5 4.98 -10.06 19.22
CA PRO B 5 5.59 -8.87 18.59
C PRO B 5 7.10 -8.73 18.85
N LEU B 6 7.63 -9.45 19.86
CA LEU B 6 9.02 -9.42 20.28
C LEU B 6 9.60 -10.84 20.38
N TYR B 7 10.67 -11.12 19.60
CA TYR B 7 11.36 -12.43 19.54
C TYR B 7 12.06 -12.80 20.90
N PRO B 8 12.03 -14.09 21.36
CA PRO B 8 12.65 -14.43 22.67
C PRO B 8 14.18 -14.35 22.73
N VAL B 9 14.86 -13.98 21.64
CA VAL B 9 16.32 -13.81 21.67
C VAL B 9 16.60 -12.38 21.22
N GLN B 10 17.38 -11.65 22.01
CA GLN B 10 17.68 -10.26 21.75
C GLN B 10 19.15 -9.95 21.90
N VAL B 11 19.62 -9.02 21.09
CA VAL B 11 20.97 -8.51 21.12
C VAL B 11 20.85 -7.01 21.44
N SER B 12 21.59 -6.52 22.46
CA SER B 12 21.53 -5.15 22.96
C SER B 12 22.12 -4.10 21.99
N SER B 13 21.50 -2.91 21.97
CA SER B 13 21.85 -1.74 21.15
C SER B 13 23.01 -0.93 21.78
N ALA B 14 23.20 -1.06 23.11
CA ALA B 14 24.23 -0.33 23.87
C ALA B 14 25.49 -1.16 24.18
N ASP B 15 25.32 -2.41 24.69
CA ASP B 15 26.46 -3.27 25.06
C ASP B 15 26.55 -4.55 24.20
N ALA B 16 25.58 -4.78 23.28
CA ALA B 16 25.46 -5.95 22.36
C ALA B 16 25.29 -7.28 23.13
N ARG B 17 24.85 -7.20 24.39
CA ARG B 17 24.64 -8.36 25.21
C ARG B 17 23.46 -9.17 24.72
N LEU B 18 23.60 -10.49 24.80
CA LEU B 18 22.55 -11.40 24.38
C LEU B 18 21.53 -11.54 25.49
N MET B 19 20.24 -11.50 25.13
CA MET B 19 19.14 -11.56 26.08
C MET B 19 18.13 -12.57 25.59
N VAL B 20 17.89 -13.60 26.39
CA VAL B 20 17.00 -14.71 26.07
C VAL B 20 15.84 -14.70 27.06
N PHE B 21 14.62 -14.80 26.52
CA PHE B 21 13.40 -14.74 27.32
C PHE B 21 13.05 -16.11 27.86
N ASP B 22 12.74 -16.15 29.15
CA ASP B 22 12.27 -17.35 29.81
C ASP B 22 10.76 -17.24 29.77
N LYS B 23 10.13 -17.87 28.76
CA LYS B 23 8.68 -17.82 28.51
C LYS B 23 7.82 -18.24 29.70
N THR B 24 8.30 -19.24 30.46
CA THR B 24 7.65 -19.83 31.63
C THR B 24 7.75 -18.93 32.88
N GLU B 25 8.90 -18.25 33.05
CA GLU B 25 9.14 -17.36 34.20
C GLU B 25 8.83 -15.91 33.86
N GLY B 26 8.60 -15.62 32.58
CA GLY B 26 8.37 -14.27 32.06
C GLY B 26 9.53 -13.36 32.32
N THR B 27 10.76 -13.94 32.38
CA THR B 27 12.02 -13.27 32.72
C THR B 27 13.04 -13.31 31.59
N TRP B 28 13.68 -12.17 31.38
CA TRP B 28 14.81 -12.05 30.47
C TRP B 28 16.04 -12.41 31.25
N ARG B 29 16.91 -13.21 30.64
CA ARG B 29 18.17 -13.68 31.24
C ARG B 29 19.33 -13.45 30.31
N LEU B 30 20.54 -13.38 30.88
CA LEU B 30 21.78 -13.23 30.14
C LEU B 30 22.38 -14.61 29.92
N LEU B 31 23.07 -14.83 28.79
CA LEU B 31 23.67 -16.14 28.50
C LEU B 31 25.01 -16.24 29.20
N CYS B 32 25.21 -17.32 29.98
CA CYS B 32 26.44 -17.52 30.76
C CYS B 32 27.58 -17.88 29.86
N SER B 33 28.75 -17.27 30.15
CA SER B 33 29.98 -17.47 29.41
C SER B 33 30.53 -18.88 29.64
N SER B 34 31.02 -19.52 28.56
CA SER B 34 31.60 -20.87 28.57
C SER B 34 32.78 -20.97 27.58
N ARG B 35 33.46 -22.14 27.58
CA ARG B 35 34.63 -22.44 26.73
C ARG B 35 34.23 -22.56 25.25
N SER B 36 32.93 -22.56 24.95
CA SER B 36 32.39 -22.66 23.59
C SER B 36 31.53 -21.42 23.23
N ASN B 37 32.03 -20.22 23.61
CA ASN B 37 31.37 -18.92 23.39
C ASN B 37 31.14 -18.58 21.91
N ALA B 38 32.07 -19.00 21.02
CA ALA B 38 31.98 -18.73 19.59
C ALA B 38 30.78 -19.40 18.95
N ARG B 39 30.55 -20.66 19.30
CA ARG B 39 29.48 -21.53 18.84
C ARG B 39 28.10 -20.98 19.28
N VAL B 40 27.96 -20.57 20.56
CA VAL B 40 26.73 -20.00 21.13
C VAL B 40 26.42 -18.63 20.51
N ALA B 41 27.47 -17.78 20.27
CA ALA B 41 27.36 -16.47 19.61
C ALA B 41 26.83 -16.67 18.21
N GLY B 42 27.41 -17.63 17.49
CA GLY B 42 27.03 -18.05 16.15
C GLY B 42 25.61 -18.58 16.14
N LEU B 43 25.28 -19.50 17.08
CA LEU B 43 23.94 -20.09 17.24
C LEU B 43 22.87 -19.02 17.53
N SER B 44 23.16 -18.07 18.46
CA SER B 44 22.24 -16.98 18.89
C SER B 44 21.89 -16.03 17.74
N CYS B 45 22.88 -15.66 16.90
CA CYS B 45 22.68 -14.78 15.74
C CYS B 45 21.79 -15.47 14.72
N GLU B 46 22.06 -16.80 14.47
CA GLU B 46 21.30 -17.66 13.53
C GLU B 46 19.82 -17.79 13.94
N GLU B 47 19.56 -17.92 15.25
CA GLU B 47 18.24 -18.03 15.90
C GLU B 47 17.38 -16.78 15.61
N MET B 48 18.04 -15.62 15.53
CA MET B 48 17.42 -14.31 15.28
C MET B 48 17.32 -14.02 13.77
N GLY B 49 17.85 -14.88 12.92
CA GLY B 49 17.76 -14.71 11.46
C GLY B 49 18.98 -14.09 10.82
N PHE B 50 20.02 -13.79 11.59
CA PHE B 50 21.29 -13.29 11.08
C PHE B 50 22.06 -14.49 10.55
N LEU B 51 22.90 -14.31 9.52
CA LEU B 51 23.61 -15.47 8.97
C LEU B 51 24.70 -15.97 9.92
N ARG B 52 25.39 -15.04 10.62
CA ARG B 52 26.49 -15.35 11.53
C ARG B 52 26.75 -14.24 12.52
N ALA B 53 27.64 -14.53 13.49
CA ALA B 53 28.17 -13.57 14.44
C ALA B 53 29.49 -13.04 13.85
N LEU B 54 29.70 -11.72 13.82
CA LEU B 54 30.93 -11.12 13.31
C LEU B 54 32.04 -11.31 14.36
N THR B 55 31.76 -10.91 15.60
CA THR B 55 32.62 -11.02 16.78
C THR B 55 31.78 -11.25 18.02
N HIS B 56 32.36 -11.86 19.04
CA HIS B 56 31.72 -12.05 20.33
C HIS B 56 32.64 -11.53 21.42
N SER B 57 32.07 -11.19 22.59
CA SER B 57 32.82 -10.64 23.73
C SER B 57 32.38 -11.22 25.07
N GLU B 58 33.25 -11.06 26.09
CA GLU B 58 33.07 -11.50 27.49
C GLU B 58 32.80 -10.26 28.34
N LEU B 59 31.66 -10.22 29.03
CA LEU B 59 31.27 -9.10 29.90
C LEU B 59 31.06 -9.61 31.34
N ASP B 60 31.29 -8.74 32.31
CA ASP B 60 31.15 -9.05 33.72
C ASP B 60 30.08 -8.19 34.30
N VAL B 61 29.24 -8.78 35.14
CA VAL B 61 28.15 -8.04 35.78
C VAL B 61 28.63 -6.90 36.65
N ARG B 62 29.69 -7.16 37.43
CA ARG B 62 30.20 -6.24 38.41
C ARG B 62 30.58 -4.93 37.79
N THR B 63 31.08 -4.94 36.56
CA THR B 63 31.38 -3.67 35.91
C THR B 63 30.30 -3.24 34.93
N ALA B 64 29.75 -4.23 34.20
CA ALA B 64 28.92 -3.95 33.02
C ALA B 64 27.41 -3.93 33.22
N GLY B 65 26.97 -3.99 34.45
CA GLY B 65 25.57 -3.99 34.83
C GLY B 65 24.83 -5.21 34.35
N ALA B 66 23.55 -5.27 34.73
CA ALA B 66 22.65 -6.36 34.35
C ALA B 66 21.22 -5.84 34.36
N ASN B 67 21.02 -4.55 33.98
CA ASN B 67 19.68 -3.96 33.93
C ASN B 67 18.91 -4.48 32.73
N GLY B 68 17.66 -4.84 32.97
CA GLY B 68 16.78 -5.39 31.95
C GLY B 68 16.69 -6.89 31.97
N THR B 69 17.53 -7.56 32.77
CA THR B 69 17.58 -9.02 32.89
C THR B 69 17.64 -9.44 34.35
N SER B 70 17.27 -10.69 34.64
CA SER B 70 17.29 -11.25 35.99
C SER B 70 17.75 -12.71 35.92
N GLY B 71 18.92 -12.97 36.46
CA GLY B 71 19.53 -14.28 36.47
C GLY B 71 20.21 -14.63 35.16
N PHE B 72 20.53 -15.92 35.00
CA PHE B 72 21.22 -16.43 33.83
C PHE B 72 20.70 -17.75 33.27
N PHE B 73 21.07 -18.01 32.01
CA PHE B 73 20.87 -19.24 31.25
C PHE B 73 22.23 -19.83 30.94
N CYS B 74 22.38 -21.14 31.13
CA CYS B 74 23.62 -21.87 30.83
C CYS B 74 23.41 -22.74 29.64
N VAL B 75 24.45 -22.90 28.84
CA VAL B 75 24.42 -23.71 27.63
C VAL B 75 24.86 -25.15 27.90
N ASP B 76 24.19 -26.12 27.26
CA ASP B 76 24.54 -27.53 27.24
C ASP B 76 25.57 -27.63 26.14
N GLU B 77 26.86 -27.70 26.52
CA GLU B 77 28.00 -27.71 25.61
C GLU B 77 28.11 -29.04 24.81
N GLY B 78 27.42 -30.07 25.26
CA GLY B 78 27.37 -31.38 24.61
C GLY B 78 26.29 -31.48 23.54
N ARG B 79 25.17 -30.77 23.74
CA ARG B 79 24.04 -30.76 22.81
C ARG B 79 24.19 -29.67 21.72
N LEU B 80 25.00 -28.64 22.02
CA LEU B 80 25.28 -27.45 21.18
C LEU B 80 25.81 -27.76 19.73
N PRO B 81 26.76 -28.72 19.60
CA PRO B 81 27.38 -28.96 18.27
C PRO B 81 26.44 -29.18 17.09
N HIS B 82 25.32 -29.89 17.29
CA HIS B 82 24.44 -30.09 16.15
C HIS B 82 23.00 -29.70 16.50
N THR B 83 22.81 -28.82 17.51
CA THR B 83 21.45 -28.33 17.87
C THR B 83 20.99 -27.31 16.89
N GLN B 84 19.69 -27.38 16.60
CA GLN B 84 19.07 -26.48 15.65
C GLN B 84 18.49 -25.24 16.34
N ARG B 85 18.39 -25.30 17.69
CA ARG B 85 17.78 -24.23 18.48
C ARG B 85 18.60 -23.92 19.73
N LEU B 86 18.50 -22.67 20.19
CA LEU B 86 19.15 -22.16 21.40
C LEU B 86 18.26 -22.40 22.64
N LEU B 87 16.92 -22.29 22.52
CA LEU B 87 15.99 -22.46 23.66
C LEU B 87 15.93 -23.89 24.21
N GLU B 88 16.39 -24.88 23.43
CA GLU B 88 16.42 -26.31 23.80
C GLU B 88 17.71 -26.70 24.54
N VAL B 89 18.80 -25.92 24.38
CA VAL B 89 20.12 -26.23 24.97
C VAL B 89 20.44 -25.37 26.20
N ILE B 90 19.49 -24.54 26.65
CA ILE B 90 19.70 -23.62 27.76
C ILE B 90 18.87 -23.99 29.00
N SER B 91 19.55 -24.01 30.15
CA SER B 91 18.99 -24.27 31.47
C SER B 91 19.18 -23.03 32.31
N VAL B 92 18.32 -22.81 33.30
CA VAL B 92 18.45 -21.68 34.22
C VAL B 92 19.64 -21.99 35.14
N CYS B 93 20.60 -21.05 35.24
CA CYS B 93 21.79 -21.30 36.04
C CYS B 93 22.27 -20.06 36.78
N ASP B 94 23.16 -20.29 37.73
CA ASP B 94 23.85 -19.27 38.50
C ASP B 94 25.25 -19.18 37.93
N CYS B 95 25.62 -17.98 37.50
CA CYS B 95 26.95 -17.75 36.99
C CYS B 95 27.78 -17.18 38.14
N PRO B 96 28.63 -18.03 38.78
CA PRO B 96 29.41 -17.55 39.93
C PRO B 96 30.37 -16.41 39.56
N ARG B 97 31.16 -16.58 38.46
CA ARG B 97 32.07 -15.57 37.91
C ARG B 97 31.27 -14.27 37.57
N GLY B 98 30.03 -14.49 37.09
CA GLY B 98 29.09 -13.46 36.66
C GLY B 98 29.36 -12.96 35.24
N ARG B 99 30.06 -13.81 34.49
CA ARG B 99 30.44 -13.51 33.11
C ARG B 99 29.37 -13.99 32.15
N PHE B 100 28.90 -13.08 31.29
CA PHE B 100 27.85 -13.34 30.31
C PHE B 100 28.34 -13.09 28.87
N LEU B 101 27.58 -13.57 27.86
CA LEU B 101 27.91 -13.43 26.45
C LEU B 101 27.20 -12.23 25.77
N ALA B 102 28.04 -11.52 25.01
CA ALA B 102 27.73 -10.38 24.16
C ALA B 102 28.29 -10.69 22.79
N ALA B 103 27.56 -10.39 21.72
CA ALA B 103 28.01 -10.69 20.35
C ALA B 103 27.43 -9.72 19.33
N ILE B 104 28.24 -9.38 18.32
CA ILE B 104 27.84 -8.50 17.23
C ILE B 104 27.50 -9.40 16.05
N CYS B 105 26.26 -9.32 15.58
CA CYS B 105 25.73 -10.11 14.47
C CYS B 105 25.96 -9.36 13.13
N GLN B 106 25.87 -10.07 11.98
CA GLN B 106 26.05 -9.44 10.66
C GLN B 106 24.86 -8.52 10.35
N ASP B 107 25.10 -7.20 10.10
CA ASP B 107 24.00 -6.28 9.78
C ASP B 107 23.32 -6.78 8.54
N CYS B 108 22.00 -6.92 8.69
CA CYS B 108 21.08 -7.70 7.90
C CYS B 108 19.71 -7.01 7.65
N GLY B 109 19.16 -7.25 6.46
CA GLY B 109 17.83 -6.83 5.98
C GLY B 109 17.27 -5.42 6.17
N ARG B 110 18.13 -4.37 6.14
CA ARG B 110 17.71 -2.96 6.28
C ARG B 110 18.05 -2.13 5.01
N ARG B 111 17.17 -1.15 4.67
CA ARG B 111 17.36 -0.18 3.58
C ARG B 111 18.29 0.89 4.10
N LYS B 112 19.36 1.20 3.35
CA LYS B 112 20.35 2.16 3.85
C LYS B 112 20.18 3.61 3.31
N LEU B 113 19.09 3.89 2.56
CA LEU B 113 18.69 5.22 2.06
C LEU B 113 19.89 6.12 1.58
N THR B 124 10.78 0.15 -9.62
CA THR B 124 11.41 0.36 -8.32
C THR B 124 12.52 1.38 -8.45
N SER B 125 12.83 2.08 -7.35
CA SER B 125 13.92 3.04 -7.27
C SER B 125 15.10 2.38 -6.57
N LEU B 126 16.33 2.87 -6.82
CA LEU B 126 17.54 2.32 -6.19
C LEU B 126 17.49 2.34 -4.65
N GLY B 127 17.85 1.21 -4.03
CA GLY B 127 17.96 1.10 -2.57
C GLY B 127 16.84 0.47 -1.78
N ARG B 128 15.65 0.27 -2.39
CA ARG B 128 14.48 -0.32 -1.74
C ARG B 128 14.70 -1.78 -1.36
N TRP B 129 15.36 -2.55 -2.25
CA TRP B 129 15.68 -3.97 -2.08
C TRP B 129 17.17 -4.14 -2.41
N PRO B 130 18.07 -3.73 -1.49
CA PRO B 130 19.52 -3.80 -1.79
C PRO B 130 20.12 -5.22 -1.89
N TRP B 131 19.35 -6.25 -1.54
CA TRP B 131 19.74 -7.66 -1.56
C TRP B 131 19.44 -8.31 -2.88
N GLN B 132 18.53 -7.72 -3.66
CA GLN B 132 18.14 -8.22 -4.97
C GLN B 132 19.31 -8.24 -5.96
N VAL B 133 19.59 -9.43 -6.53
CA VAL B 133 20.63 -9.60 -7.54
C VAL B 133 20.05 -10.26 -8.80
N SER B 134 20.76 -10.05 -9.94
CA SER B 134 20.45 -10.66 -11.22
C SER B 134 21.52 -11.68 -11.52
N LEU B 135 21.10 -12.92 -11.83
CA LEU B 135 22.04 -14.00 -12.19
C LEU B 135 21.99 -14.16 -13.70
N ARG B 136 23.12 -13.82 -14.32
CA ARG B 136 23.29 -13.79 -15.77
C ARG B 136 24.14 -14.92 -16.28
N TYR B 137 23.66 -15.59 -17.33
CA TYR B 137 24.36 -16.65 -18.06
C TYR B 137 24.61 -16.15 -19.48
N ASP B 138 25.90 -15.91 -19.84
CA ASP B 138 26.34 -15.36 -21.13
C ASP B 138 25.71 -13.96 -21.38
N GLY B 139 25.67 -13.14 -20.33
CA GLY B 139 25.14 -11.78 -20.37
C GLY B 139 23.65 -11.64 -20.14
N ALA B 140 22.87 -12.68 -20.46
CA ALA B 140 21.43 -12.69 -20.34
C ALA B 140 20.98 -12.97 -18.92
N HIS B 141 20.02 -12.17 -18.44
CA HIS B 141 19.40 -12.38 -17.14
C HIS B 141 18.62 -13.66 -17.20
N LEU B 142 18.85 -14.55 -16.25
CA LEU B 142 18.05 -15.75 -16.26
C LEU B 142 17.30 -15.86 -14.95
N CYS B 143 18.03 -15.88 -13.82
CA CYS B 143 17.40 -16.05 -12.53
C CYS B 143 17.72 -14.89 -11.58
N GLY B 144 16.87 -14.75 -10.56
CA GLY B 144 17.04 -13.74 -9.52
C GLY B 144 17.69 -14.37 -8.32
N GLY B 145 18.11 -13.54 -7.39
CA GLY B 145 18.75 -13.99 -6.16
C GLY B 145 18.67 -12.93 -5.08
N SER B 146 19.02 -13.32 -3.86
CA SER B 146 19.01 -12.47 -2.68
C SER B 146 20.29 -12.66 -1.93
N LEU B 147 21.02 -11.56 -1.66
CA LEU B 147 22.29 -11.62 -0.93
C LEU B 147 22.05 -11.94 0.53
N LEU B 148 22.73 -12.95 1.05
CA LEU B 148 22.65 -13.31 2.47
C LEU B 148 23.90 -12.75 3.18
N SER B 149 24.91 -12.41 2.36
CA SER B 149 26.18 -11.80 2.69
C SER B 149 26.80 -11.25 1.38
N GLY B 150 28.03 -10.75 1.44
CA GLY B 150 28.72 -10.20 0.28
C GLY B 150 29.06 -11.25 -0.76
N ASP B 151 29.37 -12.48 -0.33
CA ASP B 151 29.73 -13.52 -1.29
C ASP B 151 28.86 -14.78 -1.17
N TRP B 152 27.57 -14.61 -0.85
CA TRP B 152 26.59 -15.67 -0.76
C TRP B 152 25.25 -15.19 -1.23
N VAL B 153 24.72 -15.84 -2.26
CA VAL B 153 23.41 -15.52 -2.84
C VAL B 153 22.48 -16.69 -2.71
N LEU B 154 21.21 -16.41 -2.42
CA LEU B 154 20.28 -17.50 -2.34
C LEU B 154 19.30 -17.46 -3.49
N THR B 155 19.08 -18.63 -4.10
CA THR B 155 18.12 -18.71 -5.20
C THR B 155 17.46 -20.10 -5.26
N ALA B 156 16.90 -20.40 -6.45
CA ALA B 156 16.26 -21.66 -6.77
C ALA B 156 17.24 -22.61 -7.43
N ALA B 157 17.03 -23.92 -7.20
CA ALA B 157 17.84 -24.99 -7.78
C ALA B 157 17.58 -25.09 -9.26
N HIS B 158 16.30 -24.91 -9.64
CA HIS B 158 15.82 -25.02 -11.01
C HIS B 158 16.54 -24.03 -11.97
N CYS B 159 17.24 -23.03 -11.40
CA CYS B 159 17.99 -22.00 -12.14
C CYS B 159 19.15 -22.61 -12.90
N PHE B 160 19.61 -23.77 -12.43
CA PHE B 160 20.77 -24.44 -13.01
C PHE B 160 20.42 -25.74 -13.66
N PRO B 161 19.65 -25.67 -14.86
CA PRO B 161 19.51 -27.01 -15.54
C PRO B 161 20.87 -27.35 -16.13
N GLU B 162 21.07 -28.60 -16.43
CA GLU B 162 22.35 -29.07 -16.96
C GLU B 162 22.92 -28.14 -18.06
N ARG B 163 22.02 -27.49 -18.84
CA ARG B 163 22.27 -26.54 -19.90
C ARG B 163 23.07 -25.33 -19.40
N ASN B 164 22.77 -24.85 -18.16
CA ASN B 164 23.39 -23.68 -17.55
C ASN B 164 24.26 -24.04 -16.34
N ARG B 165 25.18 -25.00 -16.51
CA ARG B 165 26.05 -25.44 -15.42
C ARG B 165 27.56 -25.04 -15.58
N VAL B 166 27.96 -24.34 -16.68
CA VAL B 166 29.36 -23.86 -16.83
C VAL B 166 29.48 -22.54 -16.03
N LEU B 167 29.94 -22.64 -14.76
CA LEU B 167 30.01 -21.56 -13.78
C LEU B 167 30.83 -20.32 -14.20
N SER B 168 31.88 -20.47 -15.05
CA SER B 168 32.69 -19.35 -15.53
C SER B 168 31.89 -18.49 -16.54
N ARG B 169 30.68 -18.96 -16.94
CA ARG B 169 29.75 -18.25 -17.82
C ARG B 169 28.64 -17.57 -16.97
N TRP B 170 28.67 -17.77 -15.63
CA TRP B 170 27.73 -17.11 -14.72
C TRP B 170 28.33 -15.85 -14.15
N ARG B 171 27.48 -14.82 -13.97
CA ARG B 171 27.76 -13.53 -13.37
C ARG B 171 26.60 -13.08 -12.47
N VAL B 172 26.93 -12.34 -11.41
CA VAL B 172 25.99 -11.81 -10.42
C VAL B 172 26.02 -10.29 -10.49
N PHE B 173 24.89 -9.69 -10.89
CA PHE B 173 24.71 -8.25 -11.03
C PHE B 173 23.98 -7.72 -9.81
N ALA B 174 24.55 -6.69 -9.17
CA ALA B 174 23.98 -6.09 -7.96
C ALA B 174 24.08 -4.55 -7.98
N GLY B 175 23.49 -3.89 -6.99
CA GLY B 175 23.49 -2.44 -6.79
C GLY B 175 22.91 -1.59 -7.90
N ALA B 176 21.94 -2.15 -8.66
CA ALA B 176 21.26 -1.49 -9.77
C ALA B 176 19.86 -2.07 -9.99
N VAL B 177 18.89 -1.18 -10.31
CA VAL B 177 17.50 -1.54 -10.57
C VAL B 177 17.29 -1.89 -12.08
N ALA B 178 18.02 -1.19 -12.98
CA ALA B 178 17.97 -1.43 -14.42
C ALA B 178 19.09 -2.38 -14.82
N GLN B 179 18.81 -3.32 -15.74
CA GLN B 179 19.76 -4.33 -16.22
C GLN B 179 20.88 -3.73 -17.08
N ALA B 180 20.60 -2.60 -17.73
CA ALA B 180 21.54 -1.91 -18.61
C ALA B 180 22.45 -0.94 -17.84
N SER B 181 22.12 -0.66 -16.56
CA SER B 181 22.82 0.25 -15.68
C SER B 181 24.31 -0.09 -15.54
N PRO B 182 25.20 0.86 -15.89
CA PRO B 182 26.64 0.62 -15.78
C PRO B 182 27.19 0.89 -14.36
N HIS B 183 26.33 1.40 -13.47
CA HIS B 183 26.65 1.70 -12.08
C HIS B 183 26.69 0.42 -11.24
N GLY B 184 25.84 -0.54 -11.59
CA GLY B 184 25.76 -1.83 -10.89
C GLY B 184 26.97 -2.73 -11.08
N LEU B 185 27.37 -3.42 -10.00
CA LEU B 185 28.53 -4.33 -9.95
C LEU B 185 28.24 -5.73 -10.51
N GLN B 186 29.24 -6.30 -11.21
CA GLN B 186 29.20 -7.63 -11.85
C GLN B 186 30.37 -8.50 -11.36
N LEU B 187 30.07 -9.65 -10.73
CA LEU B 187 31.08 -10.57 -10.22
C LEU B 187 30.80 -12.03 -10.59
N GLY B 188 31.87 -12.81 -10.72
CA GLY B 188 31.83 -14.22 -11.06
C GLY B 188 31.39 -15.14 -9.92
N VAL B 189 31.34 -16.47 -10.22
CA VAL B 189 30.88 -17.52 -9.30
C VAL B 189 31.97 -18.65 -9.12
N GLN B 190 32.21 -19.02 -7.84
CA GLN B 190 33.14 -20.01 -7.31
C GLN B 190 32.47 -21.41 -7.21
N ALA B 191 31.32 -21.51 -6.51
CA ALA B 191 30.55 -22.73 -6.35
C ALA B 191 29.07 -22.44 -6.33
N VAL B 192 28.27 -23.44 -6.73
CA VAL B 192 26.81 -23.41 -6.68
C VAL B 192 26.42 -24.65 -5.92
N VAL B 193 25.95 -24.46 -4.69
CA VAL B 193 25.52 -25.53 -3.78
C VAL B 193 24.01 -25.71 -3.94
N TYR B 194 23.59 -26.74 -4.69
CA TYR B 194 22.16 -27.00 -4.88
C TYR B 194 21.70 -28.15 -3.97
N HIS B 195 20.42 -28.10 -3.55
CA HIS B 195 19.83 -29.12 -2.70
C HIS B 195 19.78 -30.45 -3.46
N GLY B 196 20.31 -31.51 -2.85
CA GLY B 196 20.33 -32.85 -3.43
C GLY B 196 18.98 -33.55 -3.39
N GLY B 197 18.05 -32.89 -2.70
CA GLY B 197 16.67 -33.31 -2.52
C GLY B 197 15.74 -32.79 -3.60
N TYR B 198 16.25 -31.97 -4.54
CA TYR B 198 15.45 -31.46 -5.65
C TYR B 198 15.56 -32.52 -6.73
N LEU B 199 14.52 -33.34 -6.78
CA LEU B 199 14.45 -34.56 -7.55
C LEU B 199 14.33 -34.36 -9.05
N PRO B 200 13.70 -33.27 -9.60
CA PRO B 200 13.63 -33.11 -11.06
C PRO B 200 14.99 -33.16 -11.75
N PHE B 201 16.05 -32.97 -10.96
CA PHE B 201 17.43 -33.10 -11.38
C PHE B 201 17.81 -34.54 -11.50
N ARG B 202 17.45 -35.38 -10.48
CA ARG B 202 17.74 -36.81 -10.48
C ARG B 202 16.74 -37.59 -11.35
N ASP B 203 15.48 -37.09 -11.43
CA ASP B 203 14.37 -37.66 -12.19
C ASP B 203 13.77 -36.59 -13.15
N PRO B 204 13.85 -36.76 -14.49
CA PRO B 204 13.28 -35.73 -15.39
C PRO B 204 11.79 -35.98 -15.75
N ASN B 205 11.12 -36.82 -14.96
CA ASN B 205 9.69 -37.10 -15.07
C ASN B 205 9.00 -36.86 -13.70
N SER B 206 9.69 -36.10 -12.82
CA SER B 206 9.25 -35.77 -11.48
C SER B 206 8.43 -34.45 -11.46
N GLU B 207 7.20 -34.50 -10.88
CA GLU B 207 6.31 -33.34 -10.82
C GLU B 207 6.65 -32.37 -9.66
N GLU B 208 7.63 -32.70 -8.79
CA GLU B 208 8.08 -31.93 -7.63
C GLU B 208 8.60 -30.49 -7.87
N ASN B 209 8.18 -29.62 -6.96
CA ASN B 209 8.56 -28.22 -6.91
C ASN B 209 9.53 -28.08 -5.69
N SER B 210 9.45 -29.09 -4.78
CA SER B 210 10.09 -29.22 -3.45
C SER B 210 11.61 -29.23 -3.47
N ASN B 211 12.20 -28.71 -2.38
CA ASN B 211 13.64 -28.57 -2.11
C ASN B 211 14.33 -27.76 -3.21
N ASP B 212 13.58 -26.87 -3.88
CA ASP B 212 14.10 -26.00 -4.92
C ASP B 212 14.81 -24.81 -4.26
N ILE B 213 16.05 -25.04 -3.82
CA ILE B 213 16.91 -24.07 -3.14
C ILE B 213 18.37 -24.35 -3.54
N ALA B 214 19.14 -23.27 -3.76
CA ALA B 214 20.54 -23.29 -4.15
C ALA B 214 21.28 -22.12 -3.55
N LEU B 215 22.55 -22.32 -3.18
CA LEU B 215 23.43 -21.29 -2.64
C LEU B 215 24.53 -20.96 -3.64
N VAL B 216 24.54 -19.71 -4.11
CA VAL B 216 25.55 -19.23 -5.05
C VAL B 216 26.63 -18.51 -4.26
N HIS B 217 27.86 -19.03 -4.35
CA HIS B 217 29.02 -18.47 -3.67
C HIS B 217 29.87 -17.72 -4.68
N LEU B 218 30.01 -16.41 -4.47
CA LEU B 218 30.78 -15.51 -5.32
C LEU B 218 32.26 -15.63 -4.98
N SER B 219 33.11 -15.68 -6.01
CA SER B 219 34.57 -15.82 -5.92
C SER B 219 35.21 -14.75 -5.01
N SER B 220 34.64 -13.52 -5.01
CA SER B 220 35.08 -12.40 -4.18
C SER B 220 33.86 -11.69 -3.52
N PRO B 221 33.97 -11.18 -2.28
CA PRO B 221 32.82 -10.53 -1.65
C PRO B 221 32.39 -9.23 -2.33
N LEU B 222 31.08 -8.97 -2.37
CA LEU B 222 30.51 -7.73 -2.91
C LEU B 222 30.70 -6.63 -1.89
N PRO B 223 31.05 -5.41 -2.32
CA PRO B 223 31.22 -4.33 -1.31
C PRO B 223 29.84 -3.97 -0.82
N LEU B 224 29.72 -3.82 0.49
CA LEU B 224 28.41 -3.55 1.00
C LEU B 224 28.22 -2.07 1.04
N THR B 225 27.21 -1.62 0.32
CA THR B 225 26.93 -0.22 0.10
C THR B 225 25.51 0.08 0.56
N GLU B 226 24.97 1.24 0.17
CA GLU B 226 23.61 1.62 0.51
C GLU B 226 22.68 1.02 -0.57
N TYR B 227 23.31 0.46 -1.62
CA TYR B 227 22.63 -0.17 -2.75
C TYR B 227 22.78 -1.64 -2.74
N ILE B 228 23.74 -2.15 -1.98
CA ILE B 228 24.00 -3.57 -1.80
C ILE B 228 24.00 -3.82 -0.33
N GLN B 229 23.18 -4.74 0.15
CA GLN B 229 23.09 -5.12 1.55
C GLN B 229 22.55 -6.52 1.66
N PRO B 230 22.87 -7.32 2.72
CA PRO B 230 22.24 -8.65 2.81
C PRO B 230 20.81 -8.57 3.36
N VAL B 231 20.02 -9.62 3.09
CA VAL B 231 18.66 -9.76 3.59
C VAL B 231 18.66 -10.77 4.76
N CYS B 232 17.70 -10.62 5.67
CA CYS B 232 17.60 -11.51 6.82
C CYS B 232 16.93 -12.82 6.45
N LEU B 233 17.27 -13.86 7.21
CA LEU B 233 16.63 -15.14 7.08
C LEU B 233 15.49 -15.13 8.12
N PRO B 234 14.40 -15.91 7.97
CA PRO B 234 13.40 -15.93 9.05
C PRO B 234 14.02 -16.34 10.38
N ALA B 235 13.47 -15.90 11.51
CA ALA B 235 13.98 -16.28 12.82
C ALA B 235 13.61 -17.75 13.12
N ALA B 236 14.33 -18.41 14.03
CA ALA B 236 14.02 -19.79 14.41
C ALA B 236 12.65 -19.87 15.12
N GLY B 237 11.73 -20.66 14.56
CA GLY B 237 10.37 -20.79 15.08
C GLY B 237 9.39 -19.75 14.57
N GLN B 238 9.88 -18.70 13.84
CA GLN B 238 9.05 -17.60 13.32
C GLN B 238 7.96 -18.10 12.35
N ALA B 239 6.71 -17.70 12.63
CA ALA B 239 5.51 -18.08 11.90
C ALA B 239 5.33 -17.31 10.61
N LEU B 240 4.74 -18.01 9.62
CA LEU B 240 4.33 -17.48 8.33
C LEU B 240 2.84 -17.24 8.48
N VAL B 241 2.45 -15.97 8.61
CA VAL B 241 1.10 -15.52 8.90
C VAL B 241 0.25 -15.45 7.63
N ASP B 242 -0.90 -16.15 7.65
CA ASP B 242 -1.87 -16.14 6.57
C ASP B 242 -2.53 -14.76 6.52
N GLY B 243 -2.53 -14.15 5.33
CA GLY B 243 -3.09 -12.81 5.14
C GLY B 243 -2.07 -11.68 5.27
N LYS B 244 -0.84 -11.99 5.73
CA LYS B 244 0.25 -11.03 5.87
C LYS B 244 0.74 -10.66 4.47
N ILE B 245 0.79 -9.35 4.16
CA ILE B 245 1.19 -8.88 2.83
C ILE B 245 2.72 -8.65 2.78
N CYS B 246 3.40 -9.44 1.95
CA CYS B 246 4.83 -9.39 1.71
C CYS B 246 5.08 -8.80 0.31
N THR B 247 6.36 -8.69 -0.11
CA THR B 247 6.74 -8.14 -1.42
C THR B 247 7.56 -9.14 -2.21
N VAL B 248 7.32 -9.19 -3.52
CA VAL B 248 8.05 -10.07 -4.45
C VAL B 248 8.72 -9.18 -5.51
N THR B 249 10.07 -9.30 -5.67
CA THR B 249 10.83 -8.47 -6.63
C THR B 249 11.52 -9.32 -7.72
N GLY B 250 11.84 -8.68 -8.84
CA GLY B 250 12.49 -9.31 -10.00
C GLY B 250 12.24 -8.53 -11.26
N TRP B 251 12.76 -9.05 -12.37
CA TRP B 251 12.60 -8.44 -13.69
C TRP B 251 11.59 -9.23 -14.52
N GLY B 262 13.41 -3.57 -18.82
CA GLY B 262 14.49 -4.16 -18.05
C GLY B 262 14.78 -3.53 -16.70
N VAL B 263 13.78 -2.87 -16.08
CA VAL B 263 13.90 -2.24 -14.76
C VAL B 263 13.20 -3.14 -13.72
N LEU B 264 13.75 -3.22 -12.50
CA LEU B 264 13.24 -4.06 -11.41
C LEU B 264 11.86 -3.62 -10.94
N GLN B 265 10.97 -4.61 -10.83
CA GLN B 265 9.57 -4.47 -10.42
C GLN B 265 9.32 -5.11 -9.06
N GLU B 266 8.23 -4.65 -8.40
CA GLU B 266 7.78 -5.14 -7.10
C GLU B 266 6.28 -5.36 -7.13
N ALA B 267 5.82 -6.35 -6.35
CA ALA B 267 4.41 -6.66 -6.18
C ALA B 267 4.13 -7.02 -4.73
N ARG B 268 3.15 -6.33 -4.16
CA ARG B 268 2.67 -6.58 -2.79
C ARG B 268 1.69 -7.73 -2.90
N VAL B 269 2.03 -8.89 -2.33
CA VAL B 269 1.19 -10.09 -2.44
C VAL B 269 0.92 -10.69 -1.05
N PRO B 270 -0.34 -11.13 -0.79
CA PRO B 270 -0.64 -11.71 0.51
C PRO B 270 -0.24 -13.19 0.63
N ILE B 271 0.04 -13.65 1.86
CA ILE B 271 0.31 -15.06 2.12
C ILE B 271 -1.06 -15.74 2.17
N ILE B 272 -1.23 -16.82 1.40
CA ILE B 272 -2.47 -17.58 1.29
C ILE B 272 -2.31 -18.86 2.07
N SER B 273 -3.39 -19.31 2.72
CA SER B 273 -3.43 -20.55 3.47
C SER B 273 -3.18 -21.74 2.56
N ASN B 274 -2.57 -22.79 3.12
CA ASN B 274 -2.32 -24.04 2.43
C ASN B 274 -3.68 -24.59 2.01
N ASP B 275 -4.62 -24.65 2.98
CA ASP B 275 -6.02 -25.06 2.82
C ASP B 275 -6.71 -24.31 1.69
N VAL B 276 -6.56 -22.96 1.60
CA VAL B 276 -7.20 -22.12 0.57
C VAL B 276 -6.72 -22.51 -0.83
N CYS B 277 -5.41 -22.60 -1.05
CA CYS B 277 -4.88 -22.99 -2.35
C CYS B 277 -5.22 -24.45 -2.66
N ASN B 278 -5.16 -25.34 -1.65
CA ASN B 278 -5.47 -26.76 -1.80
C ASN B 278 -6.97 -27.00 -2.07
N GLY B 279 -7.83 -26.12 -1.55
CA GLY B 279 -9.27 -26.17 -1.78
C GLY B 279 -9.72 -25.54 -3.08
N ALA B 280 -8.83 -24.77 -3.73
CA ALA B 280 -9.13 -24.01 -4.96
C ALA B 280 -8.44 -24.53 -6.22
N ASP B 281 -7.30 -25.23 -6.08
CA ASP B 281 -6.52 -25.81 -7.17
C ASP B 281 -7.43 -26.55 -8.17
N PHE B 282 -7.26 -26.26 -9.47
CA PHE B 282 -8.05 -26.84 -10.55
C PHE B 282 -7.69 -28.32 -10.80
N TYR B 283 -6.40 -28.66 -10.64
CA TYR B 283 -5.87 -30.02 -10.86
C TYR B 283 -5.89 -30.87 -9.59
N GLY B 284 -6.32 -30.27 -8.47
CA GLY B 284 -6.42 -30.92 -7.17
C GLY B 284 -5.07 -31.15 -6.52
N ASN B 285 -4.06 -30.34 -6.90
CA ASN B 285 -2.69 -30.41 -6.41
C ASN B 285 -2.56 -29.78 -5.02
N GLN B 286 -2.02 -30.56 -4.08
CA GLN B 286 -1.76 -30.13 -2.70
C GLN B 286 -0.37 -29.52 -2.60
N ILE B 287 -0.20 -28.39 -1.89
CA ILE B 287 1.12 -27.77 -1.72
C ILE B 287 1.96 -28.75 -0.89
N LYS B 288 3.12 -29.13 -1.45
CA LYS B 288 4.02 -30.13 -0.86
C LYS B 288 4.69 -29.58 0.42
N PRO B 289 5.37 -30.43 1.24
CA PRO B 289 6.04 -29.87 2.42
C PRO B 289 7.16 -28.91 2.02
N LYS B 290 7.55 -28.03 2.96
CA LYS B 290 8.61 -27.01 2.82
C LYS B 290 8.24 -25.99 1.71
N MET B 291 6.95 -25.74 1.51
CA MET B 291 6.48 -24.81 0.49
C MET B 291 5.23 -24.08 0.92
N PHE B 292 5.04 -22.85 0.40
CA PHE B 292 3.88 -22.04 0.69
C PHE B 292 3.32 -21.32 -0.56
N CYS B 293 2.12 -20.80 -0.42
CA CYS B 293 1.31 -20.14 -1.44
C CYS B 293 1.17 -18.69 -1.14
N ALA B 294 1.17 -17.87 -2.16
CA ALA B 294 0.96 -16.45 -2.01
C ALA B 294 0.10 -15.97 -3.12
N GLY B 295 -0.70 -14.98 -2.79
CA GLY B 295 -1.71 -14.38 -3.62
C GLY B 295 -1.21 -14.07 -4.98
N TYR B 296 -2.04 -14.37 -5.98
CA TYR B 296 -1.74 -14.00 -7.35
C TYR B 296 -1.74 -12.50 -7.35
N PRO B 297 -0.66 -11.79 -7.79
CA PRO B 297 -0.62 -10.34 -7.65
C PRO B 297 -2.02 -9.70 -7.53
N GLY B 306 6.24 -13.90 -12.14
CA GLY B 306 7.26 -13.64 -11.13
C GLY B 306 8.60 -14.28 -11.47
N ASP B 307 9.66 -13.46 -11.55
CA ASP B 307 11.04 -13.82 -11.87
C ASP B 307 11.58 -14.97 -10.99
N SER B 308 12.00 -16.05 -11.67
CA SER B 308 12.52 -17.32 -11.14
C SER B 308 13.68 -17.17 -10.21
N GLY B 309 13.56 -17.77 -9.04
CA GLY B 309 14.60 -17.70 -8.01
C GLY B 309 14.56 -16.39 -7.23
N GLY B 310 13.76 -15.45 -7.71
CA GLY B 310 13.59 -14.11 -7.14
C GLY B 310 13.14 -14.10 -5.68
N PRO B 311 13.33 -12.97 -4.96
CA PRO B 311 12.93 -12.91 -3.55
C PRO B 311 11.44 -12.78 -3.27
N PHE B 312 11.05 -13.17 -2.06
CA PHE B 312 9.74 -13.00 -1.43
C PHE B 312 10.06 -12.57 -0.01
N VAL B 313 10.03 -11.26 0.24
CA VAL B 313 10.43 -10.67 1.52
C VAL B 313 9.25 -10.06 2.31
N CYS B 314 9.24 -10.27 3.64
CA CYS B 314 8.26 -9.67 4.58
C CYS B 314 9.03 -8.85 5.61
N GLU B 315 8.43 -7.76 6.09
CA GLU B 315 9.00 -6.87 7.11
C GLU B 315 8.36 -7.17 8.47
N ASP B 316 9.16 -7.12 9.56
CA ASP B 316 8.71 -7.32 10.96
C ASP B 316 9.56 -6.47 11.89
N SER B 317 9.20 -6.40 13.20
CA SER B 317 9.93 -5.62 14.22
C SER B 317 10.29 -6.48 15.45
N ILE B 318 10.24 -7.81 15.28
CA ILE B 318 10.51 -8.81 16.32
C ILE B 318 11.94 -8.69 16.93
N SER B 319 12.87 -7.99 16.21
CA SER B 319 14.24 -7.75 16.65
C SER B 319 14.40 -6.30 17.19
N ARG B 320 13.28 -5.63 17.53
CA ARG B 320 13.18 -4.24 18.04
C ARG B 320 13.58 -3.21 16.95
N THR B 321 13.73 -3.65 15.69
CA THR B 321 14.04 -2.77 14.55
C THR B 321 13.40 -3.37 13.31
N PRO B 322 12.83 -2.55 12.38
CA PRO B 322 12.19 -3.13 11.19
C PRO B 322 13.23 -3.80 10.29
N ARG B 323 13.03 -5.09 10.06
CA ARG B 323 13.92 -5.88 9.21
C ARG B 323 13.14 -6.66 8.17
N TRP B 324 13.62 -6.65 6.94
CA TRP B 324 13.06 -7.44 5.85
C TRP B 324 13.66 -8.82 5.86
N ARG B 325 12.83 -9.84 5.75
CA ARG B 325 13.29 -11.20 5.78
C ARG B 325 12.88 -11.97 4.55
N LEU B 326 13.80 -12.78 4.03
CA LEU B 326 13.57 -13.69 2.89
C LEU B 326 12.72 -14.86 3.34
N CYS B 327 11.44 -14.89 2.94
CA CYS B 327 10.47 -15.89 3.40
C CYS B 327 10.20 -16.95 2.34
N GLY B 328 10.28 -16.59 1.08
CA GLY B 328 10.08 -17.51 -0.02
C GLY B 328 11.02 -17.30 -1.15
N ILE B 329 11.20 -18.30 -1.99
CA ILE B 329 11.96 -18.23 -3.24
C ILE B 329 10.97 -18.55 -4.36
N VAL B 330 11.00 -17.80 -5.49
CA VAL B 330 10.14 -18.09 -6.64
C VAL B 330 10.61 -19.43 -7.22
N SER B 331 9.72 -20.45 -7.17
CA SER B 331 9.96 -21.85 -7.50
C SER B 331 9.73 -22.28 -8.88
N TRP B 332 9.01 -21.52 -9.69
CA TRP B 332 8.87 -21.90 -11.08
C TRP B 332 8.80 -20.64 -11.93
N ALA B 339 -1.55 -19.15 -16.23
CA ALA B 339 -2.44 -19.25 -15.09
C ALA B 339 -2.40 -17.99 -14.22
N GLN B 340 -3.55 -17.70 -13.63
CA GLN B 340 -3.72 -16.60 -12.70
C GLN B 340 -4.03 -17.25 -11.35
N LYS B 341 -3.11 -18.16 -10.93
CA LYS B 341 -3.17 -19.02 -9.75
C LYS B 341 -2.15 -18.62 -8.69
N PRO B 342 -2.42 -18.92 -7.41
CA PRO B 342 -1.45 -18.52 -6.37
C PRO B 342 -0.13 -19.19 -6.65
N GLY B 343 0.93 -18.40 -6.58
CA GLY B 343 2.26 -18.88 -6.85
C GLY B 343 2.69 -19.73 -5.70
N VAL B 344 3.55 -20.69 -6.00
CA VAL B 344 4.08 -21.61 -5.02
C VAL B 344 5.53 -21.26 -4.82
N TYR B 345 5.95 -21.12 -3.54
CA TYR B 345 7.30 -20.69 -3.21
C TYR B 345 7.99 -21.62 -2.24
N THR B 346 9.32 -21.71 -2.38
CA THR B 346 10.18 -22.44 -1.47
C THR B 346 10.10 -21.68 -0.13
N LYS B 347 9.69 -22.36 0.96
CA LYS B 347 9.59 -21.77 2.28
C LYS B 347 10.98 -21.85 2.89
N VAL B 348 11.69 -20.72 2.92
CA VAL B 348 13.07 -20.54 3.36
C VAL B 348 13.29 -20.93 4.88
N SER B 349 12.27 -20.82 5.75
CA SER B 349 12.45 -21.16 7.17
C SER B 349 12.69 -22.66 7.39
N ASP B 350 12.21 -23.47 6.45
CA ASP B 350 12.37 -24.92 6.46
C ASP B 350 13.76 -25.37 5.97
N PHE B 351 14.54 -24.45 5.36
CA PHE B 351 15.88 -24.73 4.85
C PHE B 351 16.97 -23.96 5.62
N ARG B 352 16.63 -23.35 6.77
CA ARG B 352 17.57 -22.57 7.56
C ARG B 352 18.86 -23.34 7.90
N GLU B 353 18.75 -24.59 8.40
CA GLU B 353 19.91 -25.38 8.78
C GLU B 353 20.70 -25.82 7.55
N TRP B 354 19.99 -26.09 6.44
CA TRP B 354 20.60 -26.48 5.18
C TRP B 354 21.49 -25.36 4.67
N ILE B 355 21.01 -24.12 4.81
CA ILE B 355 21.73 -22.91 4.44
C ILE B 355 22.93 -22.74 5.35
N PHE B 356 22.73 -22.92 6.68
CA PHE B 356 23.85 -22.75 7.60
C PHE B 356 24.90 -23.82 7.47
N GLN B 357 24.49 -25.03 7.09
CA GLN B 357 25.39 -26.15 6.91
C GLN B 357 26.19 -26.06 5.62
N ALA B 358 25.49 -25.72 4.51
CA ALA B 358 26.13 -25.65 3.19
C ALA B 358 27.26 -24.64 3.13
N ILE B 359 27.10 -23.55 3.87
CA ILE B 359 28.04 -22.46 3.96
C ILE B 359 29.22 -22.87 4.83
N LYS B 360 28.98 -23.59 5.93
CA LYS B 360 30.04 -24.04 6.82
C LYS B 360 30.91 -25.05 6.12
N THR B 361 30.25 -25.99 5.40
CA THR B 361 30.92 -27.09 4.74
C THR B 361 31.55 -26.76 3.38
N HIS B 362 30.79 -26.06 2.52
CA HIS B 362 31.16 -25.86 1.13
C HIS B 362 31.64 -24.45 0.77
N SER B 363 32.36 -23.81 1.70
CA SER B 363 32.98 -22.51 1.46
C SER B 363 34.15 -22.65 0.51
N GLU B 364 34.93 -23.71 0.70
CA GLU B 364 36.17 -23.97 -0.04
C GLU B 364 35.96 -24.73 -1.34
N ALA B 365 34.70 -24.99 -1.71
CA ALA B 365 34.38 -25.73 -2.90
C ALA B 365 34.40 -24.85 -4.18
N SER B 366 34.75 -25.49 -5.31
CA SER B 366 34.70 -24.94 -6.66
C SER B 366 33.78 -25.81 -7.47
N GLY B 367 32.90 -25.18 -8.24
CA GLY B 367 31.95 -25.86 -9.11
C GLY B 367 30.60 -26.19 -8.49
N MET B 368 29.79 -26.98 -9.20
CA MET B 368 28.48 -27.45 -8.74
C MET B 368 28.69 -28.37 -7.54
N VAL B 369 27.85 -28.22 -6.50
CA VAL B 369 27.95 -29.04 -5.28
C VAL B 369 26.53 -29.47 -4.88
N THR B 370 26.39 -30.69 -4.33
CA THR B 370 25.13 -31.24 -3.84
C THR B 370 25.17 -31.19 -2.31
N GLN B 371 24.04 -30.84 -1.68
CA GLN B 371 23.90 -30.78 -0.23
C GLN B 371 22.59 -31.48 0.14
N GLN C 1 1.37 45.22 10.91
CA GLN C 1 2.40 45.52 9.93
C GLN C 1 3.62 44.68 10.26
N VAL C 2 3.70 43.44 9.71
CA VAL C 2 4.82 42.51 9.95
C VAL C 2 6.10 43.08 9.32
N GLN C 3 7.05 43.43 10.17
CA GLN C 3 8.29 44.04 9.70
C GLN C 3 9.47 43.31 10.27
N LEU C 4 10.54 43.22 9.47
CA LEU C 4 11.83 42.61 9.79
C LEU C 4 12.93 43.62 9.43
N VAL C 5 13.69 44.06 10.43
CA VAL C 5 14.74 45.06 10.17
C VAL C 5 16.04 44.52 10.68
N GLN C 6 17.06 44.52 9.80
CA GLN C 6 18.40 44.05 10.10
C GLN C 6 19.39 45.19 10.27
N SER C 7 20.41 44.95 11.11
CA SER C 7 21.49 45.90 11.40
C SER C 7 22.36 46.16 10.17
N GLY C 8 23.07 47.28 10.18
CA GLY C 8 23.90 47.73 9.08
C GLY C 8 25.08 46.85 8.72
N SER C 9 25.69 47.19 7.58
CA SER C 9 26.86 46.55 6.99
C SER C 9 28.02 46.46 7.97
N GLU C 10 28.78 45.35 7.88
CA GLU C 10 29.92 45.09 8.75
C GLU C 10 31.18 44.83 7.94
N LEU C 11 32.28 45.44 8.40
CA LEU C 11 33.58 45.31 7.78
C LEU C 11 34.52 44.76 8.81
N LYS C 12 34.90 43.48 8.65
CA LYS C 12 35.73 42.77 9.61
C LYS C 12 36.97 42.17 8.97
N LYS C 13 38.02 41.94 9.78
CA LYS C 13 39.28 41.34 9.35
C LYS C 13 39.19 39.85 9.62
N PRO C 14 39.99 38.99 8.93
CA PRO C 14 39.89 37.54 9.22
C PRO C 14 40.36 37.23 10.64
N GLY C 15 39.56 36.43 11.35
CA GLY C 15 39.80 36.06 12.75
C GLY C 15 38.82 36.69 13.72
N ALA C 16 38.21 37.83 13.31
CA ALA C 16 37.24 38.58 14.12
C ALA C 16 35.89 37.84 14.25
N SER C 17 34.93 38.46 14.95
CA SER C 17 33.60 37.91 15.13
C SER C 17 32.55 38.99 14.81
N VAL C 18 31.32 38.59 14.48
CA VAL C 18 30.29 39.57 14.15
C VAL C 18 28.91 39.07 14.59
N LYS C 19 28.19 39.97 15.28
CA LYS C 19 26.83 39.75 15.76
C LYS C 19 25.88 40.59 14.91
N VAL C 20 25.18 39.91 14.00
CA VAL C 20 24.21 40.51 13.09
C VAL C 20 22.85 40.40 13.75
N SER C 21 22.06 41.48 13.69
CA SER C 21 20.77 41.57 14.34
C SER C 21 19.60 41.60 13.38
N CYS C 22 18.42 41.16 13.89
CA CYS C 22 17.16 41.17 13.10
C CYS C 22 16.03 41.48 14.00
N LYS C 23 15.52 42.71 13.94
CA LYS C 23 14.40 43.08 14.80
C LYS C 23 13.09 42.83 14.11
N ALA C 24 12.21 42.12 14.82
CA ALA C 24 10.88 41.78 14.37
C ALA C 24 9.82 42.60 15.10
N SER C 25 8.74 42.96 14.36
CA SER C 25 7.56 43.71 14.84
C SER C 25 6.34 43.35 13.97
N GLY C 26 5.15 43.76 14.44
CA GLY C 26 3.88 43.55 13.75
C GLY C 26 3.25 42.18 13.96
N TYR C 27 3.76 41.42 14.94
CA TYR C 27 3.26 40.08 15.29
C TYR C 27 3.89 39.59 16.60
N THR C 28 3.27 38.56 17.23
CA THR C 28 3.83 37.95 18.44
C THR C 28 5.02 37.12 17.96
N PHE C 29 6.21 37.62 18.29
CA PHE C 29 7.53 37.07 17.95
C PHE C 29 7.66 35.58 18.34
N THR C 30 7.14 35.18 19.52
CA THR C 30 7.26 33.79 20.00
C THR C 30 6.39 32.80 19.21
N ASP C 31 5.37 33.24 18.46
CA ASP C 31 4.47 32.34 17.72
C ASP C 31 5.02 31.89 16.36
N TYR C 32 6.06 32.57 15.86
CA TYR C 32 6.66 32.31 14.55
C TYR C 32 8.18 32.23 14.64
N SER C 33 8.80 31.27 13.91
CA SER C 33 10.25 31.07 13.87
C SER C 33 10.99 32.16 13.05
N MET C 34 12.31 32.04 13.00
CA MET C 34 13.23 32.88 12.22
C MET C 34 14.27 31.99 11.54
N ARG C 35 14.57 32.26 10.28
CA ARG C 35 15.56 31.51 9.53
C ARG C 35 16.60 32.45 8.93
N TRP C 36 17.76 31.89 8.64
CA TRP C 36 18.87 32.65 8.11
C TRP C 36 19.24 32.13 6.73
N VAL C 37 19.40 33.06 5.78
CA VAL C 37 19.75 32.79 4.38
C VAL C 37 20.95 33.69 4.02
N ARG C 38 21.95 33.11 3.32
CA ARG C 38 23.19 33.77 2.90
C ARG C 38 23.31 33.89 1.38
N GLN C 39 23.76 35.04 0.89
CA GLN C 39 24.05 35.21 -0.52
C GLN C 39 25.43 35.83 -0.67
N ALA C 40 26.40 35.01 -1.10
CA ALA C 40 27.74 35.51 -1.35
C ALA C 40 27.73 36.15 -2.72
N PRO C 41 28.62 37.13 -2.96
CA PRO C 41 28.62 37.91 -4.22
C PRO C 41 28.48 37.17 -5.57
N GLY C 42 27.43 37.61 -6.27
CA GLY C 42 27.02 37.15 -7.60
C GLY C 42 26.61 35.69 -7.60
N GLN C 43 26.51 35.10 -6.40
CA GLN C 43 26.25 33.69 -6.15
C GLN C 43 24.82 33.38 -5.74
N GLY C 44 24.53 32.09 -5.57
CA GLY C 44 23.22 31.60 -5.17
C GLY C 44 22.86 31.89 -3.72
N LEU C 45 21.66 31.46 -3.30
CA LEU C 45 21.16 31.64 -1.95
C LEU C 45 21.36 30.39 -1.12
N GLU C 46 21.68 30.55 0.18
CA GLU C 46 21.87 29.39 1.05
C GLU C 46 21.06 29.50 2.30
N TRP C 47 20.24 28.48 2.56
CA TRP C 47 19.45 28.31 3.77
C TRP C 47 20.45 27.83 4.78
N MET C 48 20.65 28.60 5.86
CA MET C 48 21.66 28.32 6.89
C MET C 48 21.06 27.60 8.07
N GLY C 49 19.75 27.59 8.13
CA GLY C 49 19.00 26.96 9.20
C GLY C 49 17.96 27.86 9.78
N TRP C 50 17.37 27.44 10.90
CA TRP C 50 16.34 28.22 11.56
C TRP C 50 16.49 28.14 13.08
N ILE C 51 15.74 28.98 13.79
CA ILE C 51 15.75 29.00 15.25
C ILE C 51 14.31 28.92 15.73
N ASN C 52 14.07 27.97 16.66
CA ASN C 52 12.78 27.76 17.32
C ASN C 52 12.66 28.88 18.32
N THR C 53 11.53 29.57 18.33
CA THR C 53 11.41 30.76 19.17
C THR C 53 10.63 30.52 20.48
N GLU C 54 9.90 29.40 20.58
CA GLU C 54 9.20 29.06 21.82
C GLU C 54 10.12 28.23 22.72
N THR C 55 11.24 27.76 22.18
CA THR C 55 12.19 26.95 22.93
C THR C 55 13.54 27.64 22.87
N GLY C 56 13.76 28.32 21.75
CA GLY C 56 15.03 29.00 21.48
C GLY C 56 16.04 28.10 20.84
N SER C 57 15.63 26.91 20.39
CA SER C 57 16.56 25.92 19.85
C SER C 57 16.89 26.12 18.38
N PRO C 58 18.20 26.12 18.03
CA PRO C 58 18.55 26.31 16.63
C PRO C 58 18.84 25.01 15.88
N THR C 59 18.51 25.00 14.58
CA THR C 59 18.78 23.92 13.64
C THR C 59 19.71 24.50 12.60
N TYR C 60 20.87 23.88 12.39
CA TYR C 60 21.83 24.42 11.42
C TYR C 60 22.02 23.56 10.23
N ALA C 61 22.12 24.23 9.07
CA ALA C 61 22.42 23.59 7.81
C ALA C 61 23.84 23.15 7.88
N ASP C 62 24.08 22.00 7.26
CA ASP C 62 25.35 21.31 7.31
C ASP C 62 26.55 22.13 7.14
N ASP C 63 26.48 23.06 6.22
CA ASP C 63 27.52 23.99 5.91
C ASP C 63 27.84 25.03 6.99
N PHE C 64 26.90 25.23 7.90
CA PHE C 64 27.04 26.22 8.92
C PHE C 64 27.26 25.84 10.32
N LYS C 65 27.64 24.59 10.54
CA LYS C 65 27.87 24.11 11.88
C LYS C 65 29.23 24.44 12.48
N GLY C 66 29.23 25.06 13.65
CA GLY C 66 30.49 25.40 14.26
C GLY C 66 30.66 26.86 14.55
N ARG C 67 31.00 27.61 13.53
CA ARG C 67 31.14 29.04 13.63
C ARG C 67 29.88 29.88 13.86
N PHE C 68 28.81 29.51 13.20
CA PHE C 68 27.61 30.30 13.29
C PHE C 68 26.75 29.96 14.46
N VAL C 69 26.12 30.97 15.03
CA VAL C 69 25.26 30.73 16.20
C VAL C 69 24.02 31.64 16.11
N PHE C 70 22.83 31.03 16.12
CA PHE C 70 21.56 31.78 16.15
C PHE C 70 21.18 31.92 17.59
N SER C 71 20.82 33.12 17.97
CA SER C 71 20.49 33.47 19.34
C SER C 71 19.33 34.44 19.37
N LEU C 72 18.70 34.62 20.55
CA LEU C 72 17.54 35.49 20.70
C LEU C 72 17.55 36.35 21.92
N ASP C 73 16.68 37.36 21.90
CA ASP C 73 16.35 38.26 22.99
C ASP C 73 14.91 38.65 22.82
N THR C 74 14.01 37.91 23.47
CA THR C 74 12.58 38.12 23.34
C THR C 74 12.05 39.47 23.80
N SER C 75 12.56 40.02 24.92
CA SER C 75 12.06 41.27 25.50
C SER C 75 12.01 42.41 24.48
N VAL C 76 13.00 42.43 23.57
CA VAL C 76 13.12 43.44 22.55
C VAL C 76 12.72 42.84 21.15
N SER C 77 12.25 41.55 21.11
CA SER C 77 11.80 40.79 19.92
C SER C 77 12.84 40.79 18.77
N THR C 78 14.07 40.40 19.04
CA THR C 78 15.05 40.36 17.95
C THR C 78 15.79 39.05 17.87
N ALA C 79 16.08 38.64 16.64
CA ALA C 79 16.82 37.43 16.32
C ALA C 79 18.24 37.80 15.98
N TYR C 80 19.16 37.00 16.45
CA TYR C 80 20.57 37.27 16.21
C TYR C 80 21.22 36.18 15.40
N LEU C 81 22.43 36.48 14.94
CA LEU C 81 23.35 35.62 14.21
C LEU C 81 24.75 36.08 14.55
N GLN C 82 25.53 35.21 15.18
CA GLN C 82 26.94 35.50 15.48
C GLN C 82 27.83 34.55 14.70
N ILE C 83 28.79 35.12 13.97
CA ILE C 83 29.80 34.37 13.22
C ILE C 83 31.14 34.66 13.88
N SER C 84 31.73 33.65 14.55
CA SER C 84 33.04 33.73 15.20
C SER C 84 34.10 33.25 14.22
N SER C 85 35.38 33.70 14.42
CA SER C 85 36.56 33.37 13.62
C SER C 85 36.31 33.57 12.12
N LEU C 86 35.87 34.77 11.76
CA LEU C 86 35.53 35.19 10.40
C LEU C 86 36.63 34.86 9.42
N LYS C 87 36.20 34.38 8.26
CA LYS C 87 37.06 33.92 7.18
C LYS C 87 36.71 34.64 5.89
N ALA C 88 37.64 34.61 4.91
CA ALA C 88 37.48 35.30 3.64
C ALA C 88 36.18 35.00 2.93
N GLU C 89 35.74 33.73 3.05
CA GLU C 89 34.57 33.12 2.44
C GLU C 89 33.27 33.41 3.20
N ASP C 90 33.34 34.21 4.26
CA ASP C 90 32.17 34.57 5.03
C ASP C 90 31.57 35.84 4.45
N THR C 91 32.25 36.45 3.48
CA THR C 91 31.78 37.64 2.81
C THR C 91 30.45 37.31 2.16
N ALA C 92 29.34 37.96 2.61
CA ALA C 92 27.99 37.66 2.12
C ALA C 92 27.01 38.64 2.63
N VAL C 93 25.86 38.66 1.94
CA VAL C 93 24.67 39.34 2.42
C VAL C 93 23.91 38.25 3.17
N TYR C 94 23.80 38.36 4.50
CA TYR C 94 23.06 37.44 5.38
C TYR C 94 21.68 38.00 5.70
N TYR C 95 20.60 37.25 5.40
CA TYR C 95 19.23 37.68 5.63
C TYR C 95 18.52 36.91 6.72
N CYS C 96 17.52 37.54 7.36
CA CYS C 96 16.62 36.91 8.32
C CYS C 96 15.27 36.78 7.65
N ALA C 97 14.55 35.72 7.96
CA ALA C 97 13.24 35.50 7.39
C ALA C 97 12.37 34.77 8.36
N ARG C 98 11.09 35.17 8.43
CA ARG C 98 10.05 34.50 9.23
C ARG C 98 9.30 33.76 8.14
N GLY C 99 9.68 32.50 7.92
CA GLY C 99 9.22 31.68 6.81
C GLY C 99 9.91 32.16 5.55
N PHE C 100 9.31 31.95 4.37
CA PHE C 100 9.90 32.54 3.18
C PHE C 100 9.06 33.75 2.77
N ALA C 101 7.90 33.94 3.44
CA ALA C 101 7.00 35.06 3.20
C ALA C 101 7.66 36.39 3.55
N TYR C 102 8.23 36.50 4.77
CA TYR C 102 8.80 37.77 5.25
C TYR C 102 10.28 37.72 5.45
N TRP C 103 11.01 38.65 4.79
CA TRP C 103 12.47 38.78 4.85
C TRP C 103 12.94 40.15 5.39
N GLY C 104 14.17 40.19 5.89
CA GLY C 104 14.90 41.40 6.27
C GLY C 104 15.59 41.91 5.04
N GLN C 105 16.11 43.15 5.05
CA GLN C 105 16.74 43.74 3.85
C GLN C 105 18.14 43.14 3.54
N GLY C 106 18.73 42.46 4.53
CA GLY C 106 20.05 41.86 4.45
C GLY C 106 21.09 42.68 5.17
N THR C 107 22.15 42.00 5.58
CA THR C 107 23.29 42.61 6.24
C THR C 107 24.52 42.16 5.51
N LEU C 108 25.27 43.10 4.94
CA LEU C 108 26.49 42.72 4.27
C LEU C 108 27.62 42.60 5.28
N VAL C 109 28.35 41.50 5.20
CA VAL C 109 29.52 41.23 6.04
C VAL C 109 30.71 41.05 5.08
N THR C 110 31.68 41.98 5.11
CA THR C 110 32.89 41.91 4.30
C THR C 110 34.00 41.46 5.22
N VAL C 111 34.65 40.34 4.86
CA VAL C 111 35.78 39.81 5.59
C VAL C 111 36.99 40.00 4.67
N SER C 112 37.97 40.80 5.13
CA SER C 112 39.16 41.17 4.35
C SER C 112 40.33 41.53 5.26
N SER C 113 41.53 41.10 4.88
CA SER C 113 42.76 41.37 5.62
C SER C 113 43.35 42.70 5.22
N ALA C 114 42.91 43.20 4.05
CA ALA C 114 43.42 44.41 3.43
C ALA C 114 43.20 45.63 4.27
N SER C 115 44.17 46.54 4.17
CA SER C 115 44.19 47.84 4.82
C SER C 115 43.84 48.84 3.76
N THR C 116 43.66 50.11 4.12
CA THR C 116 43.32 51.15 3.17
C THR C 116 44.47 51.33 2.18
N LYS C 117 44.12 51.29 0.89
CA LYS C 117 45.02 51.40 -0.25
C LYS C 117 44.26 51.95 -1.45
N GLY C 118 44.91 52.86 -2.16
CA GLY C 118 44.41 53.49 -3.37
C GLY C 118 44.59 52.57 -4.56
N PRO C 119 43.91 52.83 -5.67
CA PRO C 119 44.03 51.93 -6.81
C PRO C 119 45.24 52.19 -7.70
N SER C 120 45.49 51.23 -8.57
CA SER C 120 46.43 51.25 -9.68
C SER C 120 45.53 51.34 -10.90
N VAL C 121 45.67 52.40 -11.68
CA VAL C 121 44.79 52.65 -12.83
C VAL C 121 45.51 52.28 -14.13
N PHE C 122 44.92 51.37 -14.94
CA PHE C 122 45.52 50.91 -16.22
C PHE C 122 44.71 51.39 -17.42
N PRO C 123 45.33 51.78 -18.56
CA PRO C 123 44.51 52.20 -19.70
C PRO C 123 43.93 51.03 -20.47
N LEU C 124 42.75 51.25 -21.05
CA LEU C 124 42.10 50.30 -21.95
C LEU C 124 42.06 51.06 -23.27
N ALA C 125 43.18 50.96 -24.02
CA ALA C 125 43.46 51.68 -25.27
C ALA C 125 42.48 51.31 -26.40
N PRO C 126 42.05 52.31 -27.20
CA PRO C 126 41.14 52.01 -28.32
C PRO C 126 41.89 51.52 -29.56
N ALA C 137 35.89 52.73 -28.71
CA ALA C 137 35.68 52.49 -27.28
C ALA C 137 37.00 52.47 -26.53
N LEU C 138 37.05 53.19 -25.40
CA LEU C 138 38.21 53.26 -24.53
C LEU C 138 37.78 53.43 -23.08
N GLY C 139 38.54 52.80 -22.19
CA GLY C 139 38.29 52.89 -20.76
C GLY C 139 39.55 52.84 -19.94
N CYS C 140 39.38 52.61 -18.64
CA CYS C 140 40.52 52.43 -17.75
C CYS C 140 40.15 51.41 -16.66
N LEU C 141 41.14 50.62 -16.27
CA LEU C 141 41.00 49.56 -15.27
C LEU C 141 41.49 50.07 -13.93
N VAL C 142 40.56 50.24 -13.00
CA VAL C 142 40.80 50.71 -11.64
C VAL C 142 40.91 49.49 -10.76
N LYS C 143 42.14 49.01 -10.58
CA LYS C 143 42.42 47.77 -9.85
C LYS C 143 43.07 48.00 -8.48
N ASP C 144 42.84 47.03 -7.56
CA ASP C 144 43.39 46.84 -6.21
C ASP C 144 43.22 48.06 -5.25
N TYR C 145 41.98 48.33 -4.83
CA TYR C 145 41.74 49.40 -3.87
C TYR C 145 40.86 48.91 -2.72
N PHE C 146 41.15 49.44 -1.53
CA PHE C 146 40.44 49.12 -0.32
C PHE C 146 40.32 50.34 0.58
N PRO C 147 39.12 50.62 1.15
CA PRO C 147 37.83 49.94 0.91
C PRO C 147 37.01 50.63 -0.18
N GLU C 148 35.74 50.25 -0.31
CA GLU C 148 34.80 50.94 -1.19
C GLU C 148 34.59 52.39 -0.66
N PRO C 149 34.34 53.43 -1.50
CA PRO C 149 34.15 53.44 -2.96
C PRO C 149 35.24 54.13 -3.78
N VAL C 150 35.09 54.07 -5.10
CA VAL C 150 35.89 54.75 -6.12
C VAL C 150 34.89 55.49 -7.01
N THR C 151 35.21 56.76 -7.37
CA THR C 151 34.44 57.59 -8.30
C THR C 151 35.32 57.88 -9.52
N VAL C 152 34.80 57.61 -10.74
CA VAL C 152 35.52 57.84 -11.98
C VAL C 152 34.79 58.88 -12.85
N SER C 153 35.56 59.88 -13.31
CA SER C 153 35.12 60.93 -14.22
C SER C 153 36.05 60.93 -15.43
N TRP C 154 35.57 61.41 -16.58
CA TRP C 154 36.36 61.45 -17.81
C TRP C 154 36.50 62.88 -18.29
N ASN C 155 37.75 63.30 -18.50
CA ASN C 155 38.15 64.64 -18.94
C ASN C 155 37.65 65.69 -17.91
N SER C 156 37.65 65.28 -16.61
CA SER C 156 37.27 66.01 -15.39
C SER C 156 35.77 66.37 -15.38
N GLY C 157 34.93 65.44 -15.83
CA GLY C 157 33.48 65.64 -15.86
C GLY C 157 32.95 66.34 -17.10
N ALA C 158 33.85 66.78 -18.01
CA ALA C 158 33.50 67.43 -19.27
C ALA C 158 32.93 66.40 -20.25
N LEU C 159 33.47 65.16 -20.24
CA LEU C 159 32.98 64.05 -21.07
C LEU C 159 32.11 63.18 -20.19
N THR C 160 30.80 63.13 -20.49
CA THR C 160 29.82 62.38 -19.70
C THR C 160 28.97 61.46 -20.60
N SER C 161 28.83 61.79 -21.90
CA SER C 161 28.05 61.04 -22.88
C SER C 161 28.78 59.76 -23.29
N GLY C 162 28.04 58.64 -23.21
CA GLY C 162 28.54 57.32 -23.55
C GLY C 162 29.39 56.68 -22.45
N VAL C 163 29.53 57.37 -21.30
CA VAL C 163 30.32 56.93 -20.15
C VAL C 163 29.51 55.96 -19.27
N HIS C 164 30.11 54.80 -18.95
CA HIS C 164 29.52 53.81 -18.07
C HIS C 164 30.59 53.15 -17.17
N THR C 165 30.39 53.26 -15.85
CA THR C 165 31.24 52.70 -14.80
C THR C 165 30.54 51.46 -14.24
N PHE C 166 31.31 50.37 -14.13
CA PHE C 166 30.80 49.09 -13.71
C PHE C 166 30.93 48.90 -12.19
N PRO C 167 30.00 48.14 -11.54
CA PRO C 167 30.12 47.92 -10.08
C PRO C 167 31.44 47.25 -9.73
N ALA C 168 31.94 47.50 -8.52
CA ALA C 168 33.21 46.93 -8.07
C ALA C 168 33.12 45.42 -7.78
N VAL C 169 34.14 44.64 -8.22
CA VAL C 169 34.22 43.21 -7.91
C VAL C 169 35.23 43.04 -6.75
N LEU C 170 34.82 42.35 -5.65
CA LEU C 170 35.75 42.06 -4.54
C LEU C 170 36.53 40.82 -4.93
N GLN C 171 37.84 40.95 -4.93
CA GLN C 171 38.71 39.88 -5.38
C GLN C 171 39.29 39.09 -4.21
N SER C 172 39.72 37.84 -4.48
CA SER C 172 40.29 36.88 -3.53
C SER C 172 41.50 37.44 -2.75
N SER C 173 41.92 38.68 -3.08
CA SER C 173 43.01 39.40 -2.43
C SER C 173 42.50 40.34 -1.33
N GLY C 174 41.17 40.42 -1.17
CA GLY C 174 40.53 41.31 -0.20
C GLY C 174 40.56 42.77 -0.64
N LEU C 175 40.72 42.99 -1.97
CA LEU C 175 40.82 44.29 -2.66
C LEU C 175 39.82 44.32 -3.81
N TYR C 176 39.18 45.48 -4.03
CA TYR C 176 38.20 45.69 -5.10
C TYR C 176 38.85 46.12 -6.41
N SER C 177 38.13 45.93 -7.52
CA SER C 177 38.53 46.33 -8.86
C SER C 177 37.27 46.67 -9.64
N LEU C 178 37.37 47.68 -10.51
CA LEU C 178 36.28 48.10 -11.40
C LEU C 178 36.86 48.62 -12.72
N SER C 179 35.97 48.96 -13.66
CA SER C 179 36.29 49.47 -14.99
C SER C 179 35.32 50.56 -15.40
N SER C 180 35.81 51.54 -16.14
CA SER C 180 35.01 52.63 -16.66
C SER C 180 35.23 52.67 -18.14
N VAL C 181 34.15 52.85 -18.93
CA VAL C 181 34.23 52.83 -20.39
C VAL C 181 33.52 54.03 -20.98
N VAL C 182 33.96 54.45 -22.15
CA VAL C 182 33.33 55.55 -22.89
C VAL C 182 33.41 55.27 -24.39
N THR C 183 32.25 55.16 -25.05
CA THR C 183 32.16 54.95 -26.50
C THR C 183 32.23 56.35 -27.15
N VAL C 184 33.32 56.62 -27.89
CA VAL C 184 33.56 57.91 -28.53
C VAL C 184 33.67 57.78 -30.06
N PRO C 185 33.51 58.86 -30.84
CA PRO C 185 33.66 58.71 -32.30
C PRO C 185 35.10 58.42 -32.70
N SER C 186 35.26 57.63 -33.77
CA SER C 186 36.57 57.25 -34.30
C SER C 186 37.39 58.48 -34.72
N SER C 187 36.67 59.45 -35.31
CA SER C 187 37.19 60.69 -35.83
C SER C 187 37.96 61.49 -34.78
N SER C 188 37.64 61.31 -33.51
CA SER C 188 38.25 62.07 -32.44
C SER C 188 39.62 61.55 -32.04
N LEU C 189 39.83 60.22 -32.13
CA LEU C 189 41.09 59.63 -31.67
C LEU C 189 42.32 60.21 -32.36
N GLY C 190 43.16 60.89 -31.63
CA GLY C 190 44.35 61.46 -32.27
C GLY C 190 44.32 62.97 -32.32
N THR C 191 43.13 63.55 -32.10
CA THR C 191 42.98 65.00 -31.93
C THR C 191 42.54 65.28 -30.50
N GLN C 192 41.58 64.46 -30.00
CA GLN C 192 40.96 64.60 -28.69
C GLN C 192 41.66 63.80 -27.57
N THR C 193 41.90 64.50 -26.42
CA THR C 193 42.55 63.92 -25.25
C THR C 193 41.52 63.22 -24.36
N TYR C 194 41.80 61.97 -23.98
CA TYR C 194 40.92 61.19 -23.10
C TYR C 194 41.66 60.79 -21.83
N ILE C 195 41.22 61.37 -20.70
CA ILE C 195 41.84 61.15 -19.38
C ILE C 195 40.78 60.67 -18.38
N CYS C 196 41.08 59.59 -17.62
CA CYS C 196 40.13 59.19 -16.58
C CYS C 196 40.68 59.58 -15.21
N ASN C 197 39.81 60.23 -14.44
CA ASN C 197 40.11 60.73 -13.11
C ASN C 197 39.43 59.85 -12.12
N VAL C 198 40.24 59.14 -11.35
CA VAL C 198 39.79 58.17 -10.36
C VAL C 198 39.99 58.78 -9.00
N ASN C 199 38.92 58.82 -8.21
CA ASN C 199 38.98 59.38 -6.87
C ASN C 199 38.63 58.33 -5.88
N HIS C 200 39.55 58.06 -4.96
CA HIS C 200 39.36 57.11 -3.88
C HIS C 200 39.48 57.92 -2.62
N LYS C 201 38.35 58.49 -2.16
CA LYS C 201 38.33 59.31 -0.96
C LYS C 201 38.87 58.52 0.25
N PRO C 202 38.52 57.20 0.47
CA PRO C 202 39.04 56.52 1.68
C PRO C 202 40.56 56.55 1.88
N SER C 203 41.36 56.56 0.78
CA SER C 203 42.83 56.64 0.89
C SER C 203 43.31 58.07 0.66
N ASN C 204 42.37 58.96 0.22
CA ASN C 204 42.66 60.36 -0.09
C ASN C 204 43.62 60.39 -1.25
N THR C 205 43.17 59.88 -2.42
CA THR C 205 44.01 59.74 -3.60
C THR C 205 43.20 59.99 -4.87
N LYS C 206 43.83 60.67 -5.84
CA LYS C 206 43.29 60.95 -7.16
C LYS C 206 44.36 60.55 -8.18
N VAL C 207 43.95 59.76 -9.18
CA VAL C 207 44.82 59.28 -10.24
C VAL C 207 44.23 59.70 -11.60
N ASP C 208 45.05 60.37 -12.41
CA ASP C 208 44.70 60.78 -13.75
C ASP C 208 45.47 59.95 -14.72
N LYS C 209 44.78 59.04 -15.46
CA LYS C 209 45.45 58.23 -16.45
C LYS C 209 44.96 58.58 -17.85
N LYS C 210 45.86 59.11 -18.70
CA LYS C 210 45.56 59.42 -20.10
C LYS C 210 45.46 58.10 -20.89
N VAL C 211 44.34 57.92 -21.58
CA VAL C 211 44.10 56.72 -22.39
C VAL C 211 44.26 57.10 -23.86
N GLU C 212 45.44 56.84 -24.42
CA GLU C 212 45.70 57.12 -25.83
C GLU C 212 45.91 55.80 -26.56
N PRO C 213 45.58 55.68 -27.88
CA PRO C 213 45.81 54.38 -28.55
C PRO C 213 47.29 54.07 -28.80
N GLN D 1 -3.00 -42.65 -17.01
CA GLN D 1 -4.43 -42.77 -17.31
C GLN D 1 -5.21 -42.45 -16.01
N VAL D 2 -5.40 -41.15 -15.71
CA VAL D 2 -6.08 -40.66 -14.50
C VAL D 2 -7.56 -41.03 -14.58
N GLN D 3 -7.99 -41.91 -13.69
CA GLN D 3 -9.37 -42.39 -13.69
C GLN D 3 -9.97 -42.25 -12.30
N LEU D 4 -11.28 -41.93 -12.27
CA LEU D 4 -12.09 -41.81 -11.06
C LEU D 4 -13.35 -42.63 -11.26
N VAL D 5 -13.56 -43.66 -10.43
CA VAL D 5 -14.74 -44.52 -10.60
C VAL D 5 -15.50 -44.58 -9.29
N GLN D 6 -16.81 -44.26 -9.36
CA GLN D 6 -17.71 -44.26 -8.23
C GLN D 6 -18.63 -45.46 -8.19
N SER D 7 -19.01 -45.86 -6.96
CA SER D 7 -19.91 -46.99 -6.69
C SER D 7 -21.33 -46.70 -7.21
N GLY D 8 -22.09 -47.77 -7.37
CA GLY D 8 -23.44 -47.74 -7.91
C GLY D 8 -24.46 -46.98 -7.09
N SER D 9 -25.62 -46.77 -7.70
CA SER D 9 -26.80 -46.11 -7.17
C SER D 9 -27.26 -46.74 -5.85
N GLU D 10 -27.76 -45.88 -4.95
CA GLU D 10 -28.23 -46.30 -3.62
C GLU D 10 -29.65 -45.88 -3.37
N LEU D 11 -30.44 -46.79 -2.79
CA LEU D 11 -31.83 -46.56 -2.47
C LEU D 11 -31.99 -46.79 -0.99
N LYS D 12 -32.20 -45.69 -0.24
CA LYS D 12 -32.29 -45.73 1.21
C LYS D 12 -33.57 -45.11 1.73
N LYS D 13 -33.96 -45.48 2.97
CA LYS D 13 -35.14 -44.96 3.67
C LYS D 13 -34.70 -43.82 4.56
N PRO D 14 -35.58 -42.86 4.95
CA PRO D 14 -35.11 -41.76 5.81
C PRO D 14 -34.71 -42.29 7.20
N GLY D 15 -33.56 -41.86 7.66
CA GLY D 15 -32.97 -42.31 8.93
C GLY D 15 -31.75 -43.18 8.76
N ALA D 16 -31.63 -43.83 7.56
CA ALA D 16 -30.53 -44.73 7.22
C ALA D 16 -29.23 -43.96 6.97
N SER D 17 -28.16 -44.70 6.62
CA SER D 17 -26.86 -44.12 6.33
C SER D 17 -26.34 -44.71 5.02
N VAL D 18 -25.41 -44.00 4.34
CA VAL D 18 -24.88 -44.48 3.07
C VAL D 18 -23.43 -44.09 2.89
N LYS D 19 -22.61 -45.07 2.51
CA LYS D 19 -21.20 -44.94 2.23
C LYS D 19 -20.98 -45.03 0.73
N VAL D 20 -20.76 -43.89 0.09
CA VAL D 20 -20.49 -43.76 -1.33
C VAL D 20 -18.96 -43.83 -1.52
N SER D 21 -18.51 -44.58 -2.53
CA SER D 21 -17.10 -44.79 -2.79
C SER D 21 -16.63 -44.13 -4.07
N CYS D 22 -15.32 -43.87 -4.13
CA CYS D 22 -14.67 -43.23 -5.30
C CYS D 22 -13.32 -43.79 -5.45
N LYS D 23 -13.10 -44.71 -6.38
CA LYS D 23 -11.79 -45.28 -6.58
C LYS D 23 -10.99 -44.49 -7.60
N ALA D 24 -9.79 -44.11 -7.17
CA ALA D 24 -8.85 -43.36 -7.99
C ALA D 24 -7.70 -44.25 -8.47
N SER D 25 -7.20 -43.98 -9.70
CA SER D 25 -6.07 -44.64 -10.36
C SER D 25 -5.43 -43.70 -11.40
N GLY D 26 -4.25 -44.08 -11.91
CA GLY D 26 -3.49 -43.35 -12.91
C GLY D 26 -2.65 -42.19 -12.39
N TYR D 27 -2.45 -42.15 -11.06
CA TYR D 27 -1.65 -41.14 -10.39
C TYR D 27 -1.43 -41.52 -8.91
N THR D 28 -0.43 -40.87 -8.26
CA THR D 28 -0.16 -41.06 -6.84
C THR D 28 -1.30 -40.31 -6.11
N PHE D 29 -2.19 -41.11 -5.51
CA PHE D 29 -3.40 -40.69 -4.79
C PHE D 29 -3.08 -39.66 -3.69
N THR D 30 -1.98 -39.82 -2.93
CA THR D 30 -1.60 -38.92 -1.83
C THR D 30 -1.13 -37.51 -2.28
N ASP D 31 -0.74 -37.34 -3.57
CA ASP D 31 -0.24 -36.06 -4.09
C ASP D 31 -1.34 -35.09 -4.51
N TYR D 32 -2.57 -35.58 -4.65
CA TYR D 32 -3.72 -34.79 -5.08
C TYR D 32 -4.92 -35.03 -4.16
N SER D 33 -5.64 -33.94 -3.82
CA SER D 33 -6.86 -33.98 -2.98
C SER D 33 -8.08 -34.59 -3.73
N MET D 34 -9.22 -34.67 -3.00
CA MET D 34 -10.52 -35.11 -3.49
C MET D 34 -11.60 -34.19 -2.96
N ARG D 35 -12.54 -33.80 -3.83
CA ARG D 35 -13.64 -32.94 -3.44
C ARG D 35 -14.96 -33.59 -3.80
N TRP D 36 -16.00 -33.16 -3.10
CA TRP D 36 -17.33 -33.70 -3.29
C TRP D 36 -18.27 -32.60 -3.75
N VAL D 37 -19.02 -32.92 -4.81
CA VAL D 37 -19.99 -32.03 -5.46
C VAL D 37 -21.33 -32.79 -5.57
N ARG D 38 -22.43 -32.13 -5.21
CA ARG D 38 -23.79 -32.64 -5.19
C ARG D 38 -24.70 -31.97 -6.22
N GLN D 39 -25.52 -32.76 -6.89
CA GLN D 39 -26.52 -32.23 -7.79
C GLN D 39 -27.86 -32.89 -7.50
N ALA D 40 -28.77 -32.12 -6.96
CA ALA D 40 -30.11 -32.58 -6.73
C ALA D 40 -30.88 -32.44 -8.05
N PRO D 41 -31.89 -33.28 -8.21
CA PRO D 41 -32.69 -33.31 -9.47
C PRO D 41 -33.15 -31.98 -10.15
N GLY D 42 -32.73 -31.87 -11.42
CA GLY D 42 -32.99 -30.74 -12.31
C GLY D 42 -32.36 -29.45 -11.84
N GLN D 43 -31.60 -29.51 -10.73
CA GLN D 43 -31.00 -28.39 -10.03
C GLN D 43 -29.50 -28.20 -10.30
N GLY D 44 -29.00 -27.14 -9.69
CA GLY D 44 -27.60 -26.74 -9.75
C GLY D 44 -26.64 -27.66 -9.04
N LEU D 45 -25.36 -27.30 -9.09
CA LEU D 45 -24.27 -28.06 -8.50
C LEU D 45 -23.83 -27.45 -7.18
N GLU D 46 -23.43 -28.28 -6.19
CA GLU D 46 -22.97 -27.78 -4.90
C GLU D 46 -21.67 -28.39 -4.50
N TRP D 47 -20.67 -27.53 -4.22
CA TRP D 47 -19.37 -27.89 -3.69
C TRP D 47 -19.62 -28.17 -2.23
N MET D 48 -19.37 -29.41 -1.79
CA MET D 48 -19.66 -29.85 -0.42
C MET D 48 -18.44 -29.75 0.48
N GLY D 49 -17.29 -29.57 -0.15
CA GLY D 49 -16.01 -29.47 0.52
C GLY D 49 -14.97 -30.39 -0.10
N TRP D 50 -13.83 -30.53 0.58
CA TRP D 50 -12.74 -31.36 0.08
C TRP D 50 -12.06 -32.11 1.23
N ILE D 51 -11.20 -33.07 0.89
CA ILE D 51 -10.46 -33.85 1.87
C ILE D 51 -8.97 -33.80 1.50
N ASN D 52 -8.15 -33.47 2.48
CA ASN D 52 -6.70 -33.47 2.36
C ASN D 52 -6.27 -34.92 2.39
N THR D 53 -5.42 -35.33 1.47
CA THR D 53 -5.07 -36.74 1.34
C THR D 53 -3.69 -37.09 1.97
N GLU D 54 -2.84 -36.10 2.28
CA GLU D 54 -1.58 -36.39 2.96
C GLU D 54 -1.82 -36.39 4.46
N THR D 55 -2.85 -35.70 4.88
CA THR D 55 -3.18 -35.65 6.30
C THR D 55 -4.45 -36.44 6.57
N GLY D 56 -5.37 -36.40 5.62
CA GLY D 56 -6.70 -37.03 5.68
C GLY D 56 -7.71 -36.09 6.27
N SER D 57 -7.39 -34.78 6.39
CA SER D 57 -8.30 -33.82 7.02
C SER D 57 -9.37 -33.26 6.07
N PRO D 58 -10.67 -33.29 6.49
CA PRO D 58 -11.73 -32.75 5.65
C PRO D 58 -12.14 -31.31 5.97
N THR D 59 -12.51 -30.54 4.93
CA THR D 59 -13.05 -29.19 5.00
C THR D 59 -14.46 -29.22 4.44
N TYR D 60 -15.45 -28.69 5.19
CA TYR D 60 -16.84 -28.74 4.77
C TYR D 60 -17.49 -27.42 4.51
N ALA D 61 -18.30 -27.43 3.42
CA ALA D 61 -19.13 -26.32 3.00
C ALA D 61 -20.23 -26.18 4.02
N ASP D 62 -20.63 -24.92 4.29
CA ASP D 62 -21.63 -24.54 5.31
C ASP D 62 -22.75 -25.50 5.43
N ASP D 63 -23.31 -25.91 4.29
CA ASP D 63 -24.47 -26.72 4.17
C ASP D 63 -24.27 -28.15 4.47
N PHE D 64 -23.02 -28.60 4.54
CA PHE D 64 -22.77 -30.01 4.68
C PHE D 64 -22.11 -30.42 5.96
N LYS D 65 -22.25 -29.61 6.99
CA LYS D 65 -21.66 -29.81 8.29
C LYS D 65 -22.59 -30.69 9.17
N GLY D 66 -22.04 -31.77 9.70
CA GLY D 66 -22.80 -32.67 10.56
C GLY D 66 -22.87 -34.10 10.10
N ARG D 67 -23.74 -34.37 9.12
CA ARG D 67 -24.02 -35.74 8.68
C ARG D 67 -23.10 -36.27 7.62
N PHE D 68 -22.53 -35.41 6.79
CA PHE D 68 -21.63 -35.82 5.74
C PHE D 68 -20.22 -35.95 6.28
N VAL D 69 -19.54 -37.07 5.97
CA VAL D 69 -18.19 -37.35 6.45
C VAL D 69 -17.35 -37.87 5.30
N PHE D 70 -16.26 -37.14 5.00
CA PHE D 70 -15.31 -37.57 4.00
C PHE D 70 -14.27 -38.40 4.72
N SER D 71 -13.97 -39.58 4.17
CA SER D 71 -13.00 -40.48 4.75
C SER D 71 -12.20 -41.14 3.64
N LEU D 72 -11.09 -41.76 4.03
CA LEU D 72 -10.20 -42.38 3.06
C LEU D 72 -9.68 -43.72 3.48
N ASP D 73 -9.17 -44.44 2.48
CA ASP D 73 -8.46 -45.69 2.59
C ASP D 73 -7.41 -45.65 1.53
N THR D 74 -6.21 -45.19 1.90
CA THR D 74 -5.16 -44.99 0.94
C THR D 74 -4.59 -46.27 0.30
N SER D 75 -4.50 -47.34 1.07
CA SER D 75 -3.93 -48.59 0.59
C SER D 75 -4.59 -49.09 -0.70
N VAL D 76 -5.90 -48.85 -0.84
CA VAL D 76 -6.70 -49.27 -2.00
C VAL D 76 -7.05 -48.01 -2.88
N SER D 77 -6.49 -46.82 -2.51
CA SER D 77 -6.64 -45.51 -3.17
C SER D 77 -8.08 -45.10 -3.46
N THR D 78 -8.93 -45.11 -2.44
CA THR D 78 -10.31 -44.69 -2.68
C THR D 78 -10.74 -43.65 -1.65
N ALA D 79 -11.59 -42.74 -2.13
CA ALA D 79 -12.16 -41.71 -1.31
C ALA D 79 -13.58 -42.08 -1.00
N TYR D 80 -13.99 -41.80 0.24
CA TYR D 80 -15.32 -42.11 0.67
C TYR D 80 -16.08 -40.85 1.03
N LEU D 81 -17.39 -41.06 1.14
CA LEU D 81 -18.40 -40.12 1.57
C LEU D 81 -19.47 -40.90 2.25
N GLN D 82 -19.68 -40.61 3.54
CA GLN D 82 -20.74 -41.24 4.29
C GLN D 82 -21.72 -40.17 4.74
N ILE D 83 -23.00 -40.42 4.45
CA ILE D 83 -24.11 -39.57 4.87
C ILE D 83 -24.94 -40.36 5.87
N SER D 84 -24.92 -39.94 7.15
CA SER D 84 -25.70 -40.57 8.22
C SER D 84 -27.01 -39.83 8.39
N SER D 85 -28.04 -40.50 8.96
CA SER D 85 -29.41 -39.98 9.20
C SER D 85 -29.99 -39.30 7.95
N LEU D 86 -30.00 -40.07 6.85
CA LEU D 86 -30.49 -39.67 5.54
C LEU D 86 -31.86 -39.08 5.60
N LYS D 87 -32.05 -38.00 4.83
CA LYS D 87 -33.26 -37.19 4.76
C LYS D 87 -33.76 -37.10 3.34
N ALA D 88 -35.05 -36.79 3.16
CA ALA D 88 -35.74 -36.70 1.88
C ALA D 88 -34.95 -35.86 0.84
N GLU D 89 -34.35 -34.75 1.31
CA GLU D 89 -33.60 -33.75 0.58
C GLU D 89 -32.12 -34.13 0.36
N ASP D 90 -31.72 -35.35 0.75
CA ASP D 90 -30.37 -35.84 0.53
C ASP D 90 -30.33 -36.60 -0.78
N THR D 91 -31.48 -36.69 -1.45
CA THR D 91 -31.60 -37.27 -2.77
C THR D 91 -30.75 -36.40 -3.72
N ALA D 92 -29.71 -37.00 -4.28
CA ALA D 92 -28.81 -36.30 -5.18
C ALA D 92 -27.90 -37.21 -5.91
N VAL D 93 -27.29 -36.68 -6.96
CA VAL D 93 -26.18 -37.30 -7.63
C VAL D 93 -24.96 -36.66 -6.95
N TYR D 94 -24.18 -37.43 -6.16
CA TYR D 94 -22.95 -37.00 -5.50
C TYR D 94 -21.73 -37.41 -6.29
N TYR D 95 -20.86 -36.46 -6.65
CA TYR D 95 -19.65 -36.72 -7.44
C TYR D 95 -18.37 -36.52 -6.66
N CYS D 96 -17.32 -37.24 -7.07
CA CYS D 96 -15.96 -37.05 -6.55
C CYS D 96 -15.14 -36.39 -7.62
N ALA D 97 -14.25 -35.52 -7.22
CA ALA D 97 -13.41 -34.81 -8.17
C ALA D 97 -12.05 -34.57 -7.58
N ARG D 98 -11.02 -34.72 -8.39
CA ARG D 98 -9.64 -34.40 -8.03
C ARG D 98 -9.44 -33.11 -8.82
N GLY D 99 -9.67 -32.01 -8.12
CA GLY D 99 -9.73 -30.67 -8.68
C GLY D 99 -11.04 -30.53 -9.43
N PHE D 100 -11.11 -29.62 -10.41
CA PHE D 100 -12.32 -29.60 -11.24
C PHE D 100 -12.02 -30.27 -12.58
N ALA D 101 -10.73 -30.59 -12.84
CA ALA D 101 -10.26 -31.26 -14.05
C ALA D 101 -10.84 -32.67 -14.14
N TYR D 102 -10.69 -33.49 -13.08
CA TYR D 102 -11.12 -34.89 -13.11
C TYR D 102 -12.27 -35.20 -12.18
N TRP D 103 -13.37 -35.75 -12.73
CA TRP D 103 -14.58 -36.14 -12.01
C TRP D 103 -14.92 -37.64 -12.15
N GLY D 104 -15.69 -38.13 -11.19
CA GLY D 104 -16.29 -39.46 -11.21
C GLY D 104 -17.62 -39.35 -11.95
N GLN D 105 -18.25 -40.47 -12.33
CA GLN D 105 -19.51 -40.44 -13.11
C GLN D 105 -20.74 -40.00 -12.28
N GLY D 106 -20.62 -40.06 -10.97
CA GLY D 106 -21.66 -39.73 -10.02
C GLY D 106 -22.31 -40.95 -9.41
N THR D 107 -22.87 -40.78 -8.24
CA THR D 107 -23.58 -41.82 -7.53
C THR D 107 -24.92 -41.26 -7.14
N LEU D 108 -25.98 -41.89 -7.61
CA LEU D 108 -27.30 -41.42 -7.23
C LEU D 108 -27.70 -42.03 -5.91
N VAL D 109 -28.19 -41.17 -4.99
CA VAL D 109 -28.69 -41.61 -3.70
C VAL D 109 -30.12 -41.15 -3.59
N THR D 110 -31.08 -42.09 -3.55
CA THR D 110 -32.50 -41.81 -3.41
C THR D 110 -32.89 -42.09 -1.98
N VAL D 111 -33.45 -41.08 -1.32
CA VAL D 111 -33.95 -41.18 0.04
C VAL D 111 -35.47 -41.07 -0.05
N SER D 112 -36.18 -42.14 0.38
CA SER D 112 -37.63 -42.25 0.31
C SER D 112 -38.20 -43.21 1.38
N SER D 113 -39.34 -42.85 1.97
CA SER D 113 -40.01 -43.67 2.99
C SER D 113 -40.94 -44.70 2.35
N ALA D 114 -41.26 -44.47 1.08
CA ALA D 114 -42.19 -45.25 0.30
C ALA D 114 -41.75 -46.68 0.11
N SER D 115 -42.74 -47.55 0.07
CA SER D 115 -42.61 -48.97 -0.18
C SER D 115 -43.04 -49.19 -1.61
N THR D 116 -42.86 -50.42 -2.13
CA THR D 116 -43.24 -50.71 -3.52
C THR D 116 -44.75 -50.56 -3.67
N LYS D 117 -45.15 -49.78 -4.68
CA LYS D 117 -46.53 -49.43 -5.02
C LYS D 117 -46.62 -49.09 -6.51
N GLY D 118 -47.68 -49.58 -7.13
CA GLY D 118 -48.00 -49.37 -8.53
C GLY D 118 -48.65 -48.01 -8.71
N PRO D 119 -48.71 -47.53 -9.96
CA PRO D 119 -49.26 -46.19 -10.18
C PRO D 119 -50.76 -46.18 -10.28
N SER D 120 -51.28 -44.96 -10.20
CA SER D 120 -52.66 -44.56 -10.46
C SER D 120 -52.56 -43.83 -11.79
N VAL D 121 -53.27 -44.30 -12.80
CA VAL D 121 -53.18 -43.76 -14.16
C VAL D 121 -54.42 -42.87 -14.44
N PHE D 122 -54.20 -41.57 -14.78
CA PHE D 122 -55.29 -40.63 -15.07
C PHE D 122 -55.33 -40.24 -16.56
N PRO D 123 -56.51 -40.03 -17.18
CA PRO D 123 -56.50 -39.63 -18.60
C PRO D 123 -56.22 -38.15 -18.78
N LEU D 124 -55.58 -37.81 -19.90
CA LEU D 124 -55.34 -36.45 -20.33
C LEU D 124 -56.12 -36.36 -21.63
N ALA D 125 -57.43 -36.09 -21.50
CA ALA D 125 -58.44 -36.05 -22.57
C ALA D 125 -58.17 -34.98 -23.64
N PRO D 126 -58.38 -35.33 -24.94
CA PRO D 126 -58.16 -34.35 -26.00
C PRO D 126 -59.36 -33.43 -26.19
N THR D 135 -55.07 -31.64 -36.11
CA THR D 135 -54.23 -32.35 -35.14
C THR D 135 -54.73 -32.13 -33.69
N ALA D 136 -54.68 -33.21 -32.91
CA ALA D 136 -55.08 -33.26 -31.50
C ALA D 136 -53.94 -33.86 -30.65
N ALA D 137 -54.09 -33.77 -29.32
CA ALA D 137 -53.12 -34.31 -28.37
C ALA D 137 -53.83 -34.92 -27.18
N LEU D 138 -53.40 -36.13 -26.80
CA LEU D 138 -53.93 -36.86 -25.65
C LEU D 138 -52.84 -37.70 -25.01
N GLY D 139 -52.91 -37.78 -23.70
CA GLY D 139 -51.96 -38.56 -22.93
C GLY D 139 -52.58 -39.18 -21.69
N CYS D 140 -51.72 -39.64 -20.80
CA CYS D 140 -52.17 -40.17 -19.52
C CYS D 140 -51.13 -39.86 -18.46
N LEU D 141 -51.62 -39.59 -17.26
CA LEU D 141 -50.80 -39.24 -16.10
C LEU D 141 -50.59 -40.46 -15.23
N VAL D 142 -49.36 -40.93 -15.21
CA VAL D 142 -48.93 -42.09 -14.44
C VAL D 142 -48.35 -41.57 -13.13
N LYS D 143 -49.20 -41.46 -12.10
CA LYS D 143 -48.85 -40.88 -10.82
C LYS D 143 -48.71 -41.90 -9.68
N ASP D 144 -47.88 -41.54 -8.68
CA ASP D 144 -47.61 -42.21 -7.40
C ASP D 144 -47.14 -43.68 -7.48
N TYR D 145 -45.93 -43.90 -8.01
CA TYR D 145 -45.39 -45.26 -8.08
C TYR D 145 -43.98 -45.32 -7.52
N PHE D 146 -43.66 -46.42 -6.86
CA PHE D 146 -42.36 -46.68 -6.27
C PHE D 146 -41.99 -48.14 -6.39
N PRO D 147 -40.75 -48.45 -6.80
CA PRO D 147 -39.69 -47.55 -7.26
C PRO D 147 -39.71 -47.41 -8.78
N GLU D 148 -38.65 -46.80 -9.34
CA GLU D 148 -38.44 -46.77 -10.81
C GLU D 148 -38.22 -48.22 -11.32
N PRO D 149 -38.64 -48.59 -12.56
CA PRO D 149 -39.24 -47.80 -13.65
C PRO D 149 -40.69 -48.12 -13.98
N VAL D 150 -41.24 -47.33 -14.91
CA VAL D 150 -42.56 -47.50 -15.53
C VAL D 150 -42.31 -47.48 -17.05
N THR D 151 -42.96 -48.39 -17.79
CA THR D 151 -42.94 -48.46 -19.26
C THR D 151 -44.37 -48.21 -19.77
N VAL D 152 -44.53 -47.24 -20.69
CA VAL D 152 -45.83 -46.88 -21.25
C VAL D 152 -45.85 -47.15 -22.76
N SER D 153 -46.90 -47.86 -23.21
CA SER D 153 -47.19 -48.16 -24.62
C SER D 153 -48.61 -47.66 -24.92
N TRP D 154 -48.89 -47.37 -26.19
CA TRP D 154 -50.20 -46.89 -26.61
C TRP D 154 -50.81 -47.82 -27.61
N ASN D 155 -52.04 -48.28 -27.32
CA ASN D 155 -52.82 -49.23 -28.13
C ASN D 155 -52.03 -50.56 -28.28
N SER D 156 -51.28 -50.91 -27.20
CA SER D 156 -50.43 -52.09 -26.99
C SER D 156 -49.23 -52.14 -27.96
N GLY D 157 -48.63 -50.98 -28.20
CA GLY D 157 -47.47 -50.87 -29.08
C GLY D 157 -47.79 -50.69 -30.54
N ALA D 158 -49.09 -50.73 -30.91
CA ALA D 158 -49.56 -50.53 -32.28
C ALA D 158 -49.45 -49.06 -32.68
N LEU D 159 -49.71 -48.14 -31.72
CA LEU D 159 -49.56 -46.69 -31.93
C LEU D 159 -48.21 -46.28 -31.34
N THR D 160 -47.28 -45.85 -32.20
CA THR D 160 -45.92 -45.48 -31.78
C THR D 160 -45.54 -44.09 -32.32
N SER D 161 -46.18 -43.64 -33.42
CA SER D 161 -45.91 -42.36 -34.06
C SER D 161 -46.50 -41.21 -33.27
N GLY D 162 -45.67 -40.20 -33.01
CA GLY D 162 -46.02 -39.01 -32.24
C GLY D 162 -46.05 -39.23 -30.74
N VAL D 163 -45.68 -40.45 -30.27
CA VAL D 163 -45.66 -40.86 -28.86
C VAL D 163 -44.37 -40.39 -28.19
N HIS D 164 -44.50 -39.72 -27.02
CA HIS D 164 -43.37 -39.28 -26.21
C HIS D 164 -43.69 -39.41 -24.72
N THR D 165 -42.84 -40.16 -24.00
CA THR D 165 -42.91 -40.41 -22.56
C THR D 165 -41.83 -39.57 -21.87
N PHE D 166 -42.23 -38.85 -20.84
CA PHE D 166 -41.37 -37.93 -20.13
C PHE D 166 -40.65 -38.58 -18.95
N PRO D 167 -39.41 -38.12 -18.59
CA PRO D 167 -38.71 -38.73 -17.44
C PRO D 167 -39.52 -38.61 -16.17
N ALA D 168 -39.36 -39.53 -15.24
CA ALA D 168 -40.09 -39.54 -13.98
C ALA D 168 -39.63 -38.44 -13.04
N VAL D 169 -40.58 -37.73 -12.38
CA VAL D 169 -40.28 -36.71 -11.38
C VAL D 169 -40.48 -37.34 -10.00
N LEU D 170 -39.45 -37.29 -9.10
CA LEU D 170 -39.57 -37.79 -7.74
C LEU D 170 -40.26 -36.68 -6.93
N GLN D 171 -41.37 -37.02 -6.32
CA GLN D 171 -42.16 -36.05 -5.59
C GLN D 171 -41.89 -36.12 -4.08
N SER D 172 -42.19 -35.02 -3.37
CA SER D 172 -41.97 -34.82 -1.94
C SER D 172 -42.67 -35.91 -1.07
N SER D 173 -43.42 -36.81 -1.74
CA SER D 173 -44.11 -37.94 -1.12
C SER D 173 -43.26 -39.23 -1.18
N GLY D 174 -42.09 -39.16 -1.81
CA GLY D 174 -41.18 -40.28 -1.99
C GLY D 174 -41.66 -41.26 -3.04
N LEU D 175 -42.54 -40.78 -3.93
CA LEU D 175 -43.18 -41.51 -5.03
C LEU D 175 -42.95 -40.76 -6.32
N TYR D 176 -42.72 -41.50 -7.43
CA TYR D 176 -42.50 -40.94 -8.76
C TYR D 176 -43.81 -40.72 -9.51
N SER D 177 -43.74 -39.87 -10.52
CA SER D 177 -44.85 -39.55 -11.42
C SER D 177 -44.28 -39.20 -12.77
N LEU D 178 -44.99 -39.58 -13.85
CA LEU D 178 -44.60 -39.27 -15.22
C LEU D 178 -45.85 -39.10 -16.08
N SER D 179 -45.65 -38.73 -17.35
CA SER D 179 -46.70 -38.50 -18.33
C SER D 179 -46.27 -39.02 -19.68
N SER D 180 -47.24 -39.51 -20.45
CA SER D 180 -47.03 -40.00 -21.80
C SER D 180 -47.99 -39.26 -22.68
N VAL D 181 -47.53 -38.81 -23.85
CA VAL D 181 -48.36 -38.02 -24.76
C VAL D 181 -48.28 -38.57 -26.16
N VAL D 182 -49.34 -38.34 -26.95
CA VAL D 182 -49.36 -38.76 -28.36
C VAL D 182 -50.19 -37.73 -29.15
N THR D 183 -49.54 -37.10 -30.14
CA THR D 183 -50.20 -36.13 -31.03
C THR D 183 -50.82 -36.94 -32.15
N VAL D 184 -52.17 -36.97 -32.20
CA VAL D 184 -52.90 -37.75 -33.19
C VAL D 184 -53.77 -36.83 -34.08
N PRO D 185 -54.08 -37.27 -35.32
CA PRO D 185 -55.03 -36.50 -36.15
C PRO D 185 -56.42 -36.39 -35.51
N SER D 186 -57.02 -35.20 -35.65
CA SER D 186 -58.33 -34.86 -35.11
C SER D 186 -59.38 -35.79 -35.64
N SER D 187 -59.32 -36.11 -36.95
CA SER D 187 -60.23 -36.93 -37.72
C SER D 187 -60.48 -38.29 -37.09
N SER D 188 -59.44 -38.85 -36.42
CA SER D 188 -59.49 -40.16 -35.79
C SER D 188 -60.30 -40.17 -34.52
N LEU D 189 -60.28 -39.08 -33.72
CA LEU D 189 -60.99 -39.08 -32.43
C LEU D 189 -62.45 -39.44 -32.53
N GLY D 190 -62.88 -40.26 -31.62
CA GLY D 190 -64.28 -40.64 -31.59
C GLY D 190 -64.58 -41.85 -32.42
N THR D 191 -63.63 -42.22 -33.27
CA THR D 191 -63.75 -43.42 -34.08
C THR D 191 -62.58 -44.32 -33.73
N GLN D 192 -61.39 -43.79 -33.43
CA GLN D 192 -60.22 -44.61 -33.10
C GLN D 192 -60.02 -44.66 -31.59
N THR D 193 -59.83 -45.86 -31.04
CA THR D 193 -59.66 -46.10 -29.61
C THR D 193 -58.23 -45.81 -29.17
N TYR D 194 -58.04 -45.01 -28.10
CA TYR D 194 -56.75 -44.67 -27.54
C TYR D 194 -56.63 -45.13 -26.10
N ILE D 195 -55.77 -46.12 -25.89
CA ILE D 195 -55.55 -46.76 -24.59
C ILE D 195 -54.07 -46.70 -24.23
N CYS D 196 -53.74 -46.26 -22.99
CA CYS D 196 -52.33 -46.31 -22.60
C CYS D 196 -52.13 -47.48 -21.63
N ASN D 197 -51.11 -48.27 -21.92
CA ASN D 197 -50.75 -49.45 -21.15
C ASN D 197 -49.50 -49.13 -20.39
N VAL D 198 -49.66 -49.10 -19.08
CA VAL D 198 -48.61 -48.76 -18.13
C VAL D 198 -48.15 -50.03 -17.49
N ASN D 199 -46.85 -50.30 -17.55
CA ASN D 199 -46.28 -51.48 -16.93
C ASN D 199 -45.29 -51.06 -15.86
N HIS D 200 -45.57 -51.45 -14.63
CA HIS D 200 -44.71 -51.20 -13.47
C HIS D 200 -44.29 -52.57 -13.01
N LYS D 201 -43.20 -53.09 -13.59
CA LYS D 201 -42.70 -54.41 -13.23
C LYS D 201 -42.38 -54.48 -11.73
N PRO D 202 -41.73 -53.46 -11.07
CA PRO D 202 -41.41 -53.62 -9.63
C PRO D 202 -42.59 -53.99 -8.72
N SER D 203 -43.82 -53.56 -9.03
CA SER D 203 -45.01 -53.93 -8.24
C SER D 203 -45.78 -55.05 -8.90
N ASN D 204 -45.39 -55.41 -10.14
CA ASN D 204 -46.03 -56.46 -10.92
C ASN D 204 -47.44 -56.02 -11.22
N THR D 205 -47.56 -54.92 -11.98
CA THR D 205 -48.86 -54.35 -12.29
C THR D 205 -48.86 -53.76 -13.72
N LYS D 206 -49.99 -53.96 -14.41
CA LYS D 206 -50.28 -53.40 -15.72
C LYS D 206 -51.65 -52.72 -15.63
N VAL D 207 -51.71 -51.44 -16.05
CA VAL D 207 -52.91 -50.63 -16.02
C VAL D 207 -53.21 -50.14 -17.45
N ASP D 208 -54.42 -50.41 -17.92
CA ASP D 208 -54.91 -49.95 -19.21
C ASP D 208 -55.92 -48.87 -18.98
N LYS D 209 -55.60 -47.62 -19.34
CA LYS D 209 -56.54 -46.52 -19.21
C LYS D 209 -56.92 -45.97 -20.57
N LYS D 210 -58.21 -46.12 -20.95
CA LYS D 210 -58.75 -45.58 -22.19
C LYS D 210 -58.86 -44.07 -22.05
N VAL D 211 -58.27 -43.34 -23.00
CA VAL D 211 -58.29 -41.88 -23.02
C VAL D 211 -59.26 -41.44 -24.11
N GLU D 212 -60.50 -41.15 -23.73
CA GLU D 212 -61.50 -40.68 -24.67
C GLU D 212 -61.84 -39.21 -24.32
N PRO D 213 -62.24 -38.35 -25.28
CA PRO D 213 -62.55 -36.96 -24.93
C PRO D 213 -63.86 -36.81 -24.14
N GLN E 1 25.72 18.20 -3.58
CA GLN E 1 25.60 17.86 -5.00
C GLN E 1 24.19 18.05 -5.55
N THR E 2 23.17 18.25 -4.69
CA THR E 2 21.83 18.54 -5.18
C THR E 2 21.84 19.97 -5.74
N VAL E 3 21.40 20.06 -6.99
CA VAL E 3 21.29 21.30 -7.75
C VAL E 3 19.82 21.46 -8.15
N VAL E 4 19.32 22.69 -8.00
CA VAL E 4 17.97 23.08 -8.37
C VAL E 4 18.15 24.07 -9.51
N THR E 5 17.67 23.68 -10.69
CA THR E 5 17.83 24.41 -11.95
C THR E 5 16.57 25.22 -12.35
N GLN E 6 16.79 26.53 -12.62
CA GLN E 6 15.82 27.52 -13.06
C GLN E 6 16.26 28.13 -14.38
N GLU E 7 15.32 28.53 -15.25
CA GLU E 7 15.69 29.16 -16.52
C GLU E 7 16.46 30.47 -16.23
N PRO E 8 17.71 30.70 -16.71
CA PRO E 8 18.41 31.95 -16.33
C PRO E 8 17.60 33.23 -16.59
N SER E 9 16.93 33.31 -17.74
CA SER E 9 16.15 34.48 -18.13
C SER E 9 14.97 34.10 -19.03
N LEU E 10 13.82 34.74 -18.77
CA LEU E 10 12.57 34.57 -19.53
C LEU E 10 11.98 35.92 -19.89
N THR E 11 11.42 36.02 -21.11
CA THR E 11 10.73 37.21 -21.62
C THR E 11 9.21 37.00 -21.64
N VAL E 12 8.45 38.08 -21.46
CA VAL E 12 6.98 38.11 -21.49
C VAL E 12 6.55 39.56 -21.87
N SER E 13 5.48 39.71 -22.67
CA SER E 13 4.99 41.04 -23.06
C SER E 13 3.87 41.49 -22.12
N PRO E 14 3.68 42.81 -21.83
CA PRO E 14 2.55 43.22 -20.95
C PRO E 14 1.24 42.59 -21.39
N GLY E 15 0.59 41.88 -20.48
CA GLY E 15 -0.66 41.18 -20.74
C GLY E 15 -0.48 39.69 -20.97
N GLY E 16 0.71 39.30 -21.43
CA GLY E 16 1.07 37.91 -21.71
C GLY E 16 1.16 37.02 -20.48
N THR E 17 1.39 35.73 -20.72
CA THR E 17 1.51 34.71 -19.67
C THR E 17 2.86 33.98 -19.81
N VAL E 18 3.52 33.71 -18.67
CA VAL E 18 4.81 33.05 -18.63
C VAL E 18 4.82 32.02 -17.49
N THR E 19 5.53 30.91 -17.68
CA THR E 19 5.68 29.83 -16.72
C THR E 19 7.16 29.62 -16.48
N LEU E 20 7.52 29.55 -15.20
CA LEU E 20 8.91 29.35 -14.77
C LEU E 20 9.03 27.97 -14.16
N THR E 21 10.02 27.18 -14.60
CA THR E 21 10.18 25.84 -14.06
C THR E 21 11.30 25.82 -13.00
N CYS E 22 11.27 24.77 -12.15
CA CYS E 22 12.17 24.51 -11.03
C CYS E 22 12.50 23.04 -11.04
N ARG E 23 13.73 22.68 -11.36
CA ARG E 23 14.08 21.28 -11.44
C ARG E 23 14.92 20.74 -10.33
N SER E 24 14.67 19.53 -9.93
CA SER E 24 15.45 18.84 -8.94
C SER E 24 16.37 17.88 -9.61
N SER E 25 17.60 17.73 -9.15
CA SER E 25 18.54 16.91 -9.88
C SER E 25 18.50 15.44 -9.49
N THR E 26 17.80 15.18 -8.41
CA THR E 26 17.63 13.89 -7.83
C THR E 26 16.42 13.22 -8.40
N GLY E 27 15.71 13.93 -9.25
CA GLY E 27 14.49 13.41 -9.83
C GLY E 27 13.29 14.32 -9.76
N ALA E 28 12.12 13.73 -9.75
CA ALA E 28 10.84 14.43 -9.77
C ALA E 28 10.61 15.35 -8.58
N VAL E 29 10.14 16.56 -8.88
CA VAL E 29 9.73 17.52 -7.86
C VAL E 29 8.31 17.05 -7.45
N THR E 30 8.14 16.82 -6.14
CA THR E 30 6.91 16.32 -5.53
C THR E 30 6.41 17.29 -4.47
N THR E 31 5.20 17.02 -3.93
CA THR E 31 4.60 17.78 -2.85
C THR E 31 5.47 17.73 -1.57
N SER E 32 6.31 16.69 -1.45
CA SER E 32 7.22 16.46 -0.33
C SER E 32 8.39 17.47 -0.32
N ASN E 33 8.58 18.17 -1.45
CA ASN E 33 9.62 19.20 -1.59
C ASN E 33 9.05 20.59 -1.20
N TYR E 34 7.72 20.65 -0.88
CA TYR E 34 6.99 21.84 -0.41
C TYR E 34 7.52 23.10 -1.09
N ALA E 35 7.56 23.08 -2.44
CA ALA E 35 8.10 24.14 -3.29
C ALA E 35 7.58 25.52 -2.92
N ASN E 36 8.52 26.43 -2.64
CA ASN E 36 8.29 27.84 -2.35
C ASN E 36 8.82 28.68 -3.50
N TRP E 37 8.24 29.86 -3.73
CA TRP E 37 8.70 30.81 -4.75
C TRP E 37 8.86 32.18 -4.10
N VAL E 38 10.03 32.76 -4.30
CA VAL E 38 10.43 34.03 -3.71
C VAL E 38 10.70 35.00 -4.86
N GLN E 39 10.22 36.23 -4.71
CA GLN E 39 10.36 37.30 -5.69
C GLN E 39 11.26 38.42 -5.11
N GLN E 40 12.21 38.94 -5.92
CA GLN E 40 13.05 40.09 -5.58
C GLN E 40 12.92 41.15 -6.69
N LYS E 41 12.10 42.19 -6.43
CA LYS E 41 11.92 43.27 -7.40
C LYS E 41 13.18 44.19 -7.35
N PRO E 42 13.49 44.96 -8.44
CA PRO E 42 14.71 45.80 -8.41
C PRO E 42 14.81 46.73 -7.19
N GLY E 43 15.93 46.65 -6.48
CA GLY E 43 16.23 47.43 -5.28
C GLY E 43 15.45 47.09 -4.01
N GLN E 44 14.39 46.31 -4.15
CA GLN E 44 13.49 45.92 -3.05
C GLN E 44 13.95 44.63 -2.33
N ALA E 45 13.38 44.39 -1.14
CA ALA E 45 13.63 43.21 -0.31
C ALA E 45 13.00 41.98 -0.94
N PHE E 46 13.42 40.79 -0.50
CA PHE E 46 12.82 39.54 -0.96
C PHE E 46 11.41 39.40 -0.41
N ARG E 47 10.54 38.76 -1.17
CA ARG E 47 9.15 38.54 -0.81
C ARG E 47 8.70 37.19 -1.32
N GLY E 48 8.36 36.33 -0.37
CA GLY E 48 7.83 34.99 -0.64
C GLY E 48 6.52 35.14 -1.33
N LEU E 49 6.34 34.45 -2.43
CA LEU E 49 5.11 34.49 -3.19
C LEU E 49 4.30 33.26 -2.96
N ILE E 50 4.93 32.10 -3.07
CA ILE E 50 4.29 30.80 -2.95
C ILE E 50 5.06 29.90 -2.02
N GLY E 51 4.33 29.11 -1.27
CA GLY E 51 4.86 28.07 -0.38
C GLY E 51 4.04 26.82 -0.54
N ASP E 52 4.60 25.67 -0.16
CA ASP E 52 3.97 24.34 -0.15
C ASP E 52 3.23 24.07 -1.46
N THR E 53 3.99 24.19 -2.55
CA THR E 53 3.65 24.04 -3.97
C THR E 53 2.69 25.11 -4.49
N ASN E 54 1.47 25.24 -3.90
CA ASN E 54 0.48 26.15 -4.47
C ASN E 54 -0.16 27.18 -3.47
N ASN E 55 0.33 27.30 -2.23
CA ASN E 55 -0.24 28.24 -1.25
C ASN E 55 0.20 29.68 -1.57
N ARG E 56 -0.76 30.54 -2.02
CA ARG E 56 -0.54 31.94 -2.38
C ARG E 56 -0.32 32.81 -1.16
N ALA E 57 0.66 33.73 -1.24
CA ALA E 57 0.91 34.64 -0.13
C ALA E 57 -0.16 35.73 -0.09
N PRO E 58 -0.38 36.48 1.03
CA PRO E 58 -1.48 37.47 1.06
C PRO E 58 -1.44 38.57 -0.02
N TRP E 59 -0.25 38.94 -0.53
CA TRP E 59 -0.01 39.99 -1.54
C TRP E 59 0.03 39.45 -2.99
N THR E 60 0.27 38.12 -3.19
CA THR E 60 0.33 37.51 -4.54
C THR E 60 -1.07 37.29 -5.08
N PRO E 61 -1.33 37.82 -6.29
CA PRO E 61 -2.69 37.70 -6.88
C PRO E 61 -2.96 36.33 -7.50
N ALA E 62 -4.24 36.14 -7.82
CA ALA E 62 -4.87 34.97 -8.42
C ALA E 62 -4.34 34.63 -9.81
N ARG E 63 -3.77 35.63 -10.53
CA ARG E 63 -3.21 35.43 -11.87
C ARG E 63 -1.84 34.72 -11.75
N PHE E 64 -1.31 34.64 -10.51
CA PHE E 64 -0.08 33.95 -10.15
C PHE E 64 -0.44 32.56 -9.63
N SER E 65 -0.05 31.53 -10.37
CA SER E 65 -0.35 30.13 -10.04
C SER E 65 0.91 29.30 -9.90
N GLY E 66 0.99 28.54 -8.81
CA GLY E 66 2.08 27.62 -8.54
C GLY E 66 1.59 26.19 -8.62
N SER E 67 2.30 25.33 -9.39
CA SER E 67 1.91 23.92 -9.57
C SER E 67 3.10 22.98 -9.82
N LEU E 68 2.81 21.71 -10.16
CA LEU E 68 3.81 20.72 -10.55
C LEU E 68 3.60 20.41 -12.04
N LEU E 69 4.56 20.79 -12.89
CA LEU E 69 4.47 20.56 -14.32
C LEU E 69 5.59 19.63 -14.81
N GLY E 70 5.22 18.38 -15.11
CA GLY E 70 6.12 17.35 -15.63
C GLY E 70 7.37 17.13 -14.80
N GLY E 71 7.15 16.70 -13.55
CA GLY E 71 8.20 16.40 -12.59
C GLY E 71 8.95 17.62 -12.06
N LYS E 72 8.39 18.80 -12.28
CA LYS E 72 9.01 20.05 -11.86
C LYS E 72 8.05 20.89 -11.08
N ALA E 73 8.57 21.93 -10.43
CA ALA E 73 7.75 22.92 -9.74
C ALA E 73 7.63 24.06 -10.73
N ALA E 74 6.43 24.60 -10.91
CA ALA E 74 6.25 25.68 -11.89
C ALA E 74 5.50 26.88 -11.31
N LEU E 75 5.81 28.08 -11.81
CA LEU E 75 5.14 29.28 -11.38
C LEU E 75 4.66 30.07 -12.58
N THR E 76 3.32 30.19 -12.73
CA THR E 76 2.69 30.93 -13.83
C THR E 76 2.29 32.34 -13.39
N LEU E 77 2.62 33.32 -14.24
CA LEU E 77 2.31 34.72 -14.07
C LEU E 77 1.49 35.09 -15.31
N SER E 78 0.18 35.27 -15.08
CA SER E 78 -0.85 35.56 -16.09
C SER E 78 -1.12 37.05 -16.14
N GLY E 79 -1.55 37.55 -17.30
CA GLY E 79 -1.85 38.96 -17.53
C GLY E 79 -0.81 39.86 -16.90
N VAL E 80 0.44 39.69 -17.34
CA VAL E 80 1.63 40.32 -16.79
C VAL E 80 1.60 41.85 -16.89
N GLN E 81 2.06 42.48 -15.81
CA GLN E 81 2.21 43.91 -15.61
C GLN E 81 3.70 44.26 -15.66
N PRO E 82 4.11 45.48 -16.09
CA PRO E 82 5.56 45.81 -16.06
C PRO E 82 6.15 45.75 -14.63
N GLU E 83 5.26 45.71 -13.62
CA GLU E 83 5.62 45.64 -12.21
C GLU E 83 6.03 44.24 -11.80
N ASP E 84 5.63 43.24 -12.60
CA ASP E 84 5.95 41.84 -12.35
C ASP E 84 7.41 41.51 -12.64
N GLU E 85 8.15 42.44 -13.27
CA GLU E 85 9.57 42.30 -13.57
C GLU E 85 10.35 42.26 -12.25
N ALA E 86 11.06 41.14 -12.06
CA ALA E 86 11.86 40.80 -10.88
C ALA E 86 12.64 39.54 -11.15
N GLU E 87 13.32 39.04 -10.10
CA GLU E 87 14.07 37.80 -10.04
C GLU E 87 13.23 36.84 -9.20
N TYR E 88 13.03 35.60 -9.70
CA TYR E 88 12.21 34.58 -9.06
C TYR E 88 13.04 33.38 -8.71
N TYR E 89 13.09 33.08 -7.41
CA TYR E 89 13.83 31.95 -6.84
C TYR E 89 12.88 30.91 -6.30
N CYS E 90 13.10 29.64 -6.67
CA CYS E 90 12.34 28.55 -6.06
C CYS E 90 13.25 27.89 -5.03
N ALA E 91 12.65 27.38 -3.98
CA ALA E 91 13.32 26.67 -2.90
C ALA E 91 12.60 25.35 -2.71
N LEU E 92 13.34 24.27 -2.84
CA LEU E 92 12.83 22.91 -2.68
C LEU E 92 13.34 22.36 -1.38
N TRP E 93 12.48 21.67 -0.66
CA TRP E 93 12.85 21.12 0.62
C TRP E 93 13.30 19.71 0.39
N TYR E 94 14.48 19.43 0.92
CA TYR E 94 15.04 18.13 0.80
C TYR E 94 15.23 17.57 2.16
N SER E 95 14.18 16.96 2.64
CA SER E 95 14.21 16.23 3.87
C SER E 95 14.44 17.10 5.08
N ASN E 96 15.54 17.80 5.06
CA ASN E 96 15.93 18.65 6.17
C ASN E 96 16.43 20.05 5.87
N HIS E 97 16.43 20.45 4.62
CA HIS E 97 16.95 21.74 4.30
C HIS E 97 16.31 22.19 3.03
N PHE E 98 16.50 23.45 2.71
CA PHE E 98 16.05 23.98 1.45
C PHE E 98 17.19 24.11 0.49
N ILE E 99 16.92 23.97 -0.81
CA ILE E 99 17.89 24.24 -1.85
C ILE E 99 17.25 25.21 -2.83
N PHE E 100 17.94 26.35 -3.03
CA PHE E 100 17.50 27.41 -3.90
C PHE E 100 18.03 27.24 -5.30
N GLY E 101 17.12 27.37 -6.27
CA GLY E 101 17.44 27.38 -7.69
C GLY E 101 18.16 28.68 -7.98
N SER E 102 19.07 28.70 -8.96
CA SER E 102 19.88 29.90 -9.24
C SER E 102 19.08 31.19 -9.49
N GLY E 103 17.81 31.07 -9.90
CA GLY E 103 16.95 32.21 -10.17
C GLY E 103 16.71 32.50 -11.64
N THR E 104 15.54 33.09 -11.94
CA THR E 104 15.11 33.51 -13.27
C THR E 104 14.78 35.01 -13.30
N LYS E 105 15.35 35.75 -14.27
CA LYS E 105 14.97 37.14 -14.42
C LYS E 105 13.81 37.21 -15.37
N VAL E 106 12.64 37.68 -14.90
CA VAL E 106 11.56 37.80 -15.84
C VAL E 106 11.54 39.27 -16.21
N THR E 107 11.73 39.50 -17.51
CA THR E 107 11.67 40.84 -18.07
C THR E 107 10.36 40.94 -18.75
N VAL E 108 9.60 41.96 -18.39
CA VAL E 108 8.36 42.33 -19.02
C VAL E 108 8.82 43.19 -20.18
N LEU E 109 8.51 42.81 -21.40
CA LEU E 109 9.04 43.44 -22.61
C LEU E 109 8.48 44.81 -22.95
N GLY E 110 9.22 45.84 -22.61
CA GLY E 110 8.81 47.24 -22.83
C GLY E 110 9.56 48.01 -23.89
N GLN E 111 10.59 47.45 -24.48
CA GLN E 111 11.35 48.15 -25.53
C GLN E 111 11.91 47.10 -26.46
N PRO E 112 12.34 47.42 -27.71
CA PRO E 112 12.83 46.37 -28.58
C PRO E 112 14.08 45.67 -28.06
N LYS E 113 14.20 44.36 -28.39
CA LYS E 113 15.33 43.52 -28.03
C LYS E 113 16.60 44.16 -28.59
N ALA E 114 17.59 44.41 -27.73
CA ALA E 114 18.83 45.05 -28.12
C ALA E 114 20.01 44.09 -28.04
N ALA E 115 20.88 44.11 -29.07
CA ALA E 115 22.07 43.28 -29.15
C ALA E 115 23.23 43.98 -28.45
N PRO E 116 24.02 43.25 -27.64
CA PRO E 116 25.11 43.90 -26.93
C PRO E 116 26.34 44.21 -27.78
N SER E 117 26.98 45.37 -27.55
CA SER E 117 28.23 45.76 -28.19
C SER E 117 29.34 45.20 -27.33
N VAL E 118 30.04 44.16 -27.84
CA VAL E 118 31.12 43.53 -27.09
C VAL E 118 32.47 44.06 -27.61
N THR E 119 33.28 44.57 -26.67
CA THR E 119 34.64 45.06 -26.85
C THR E 119 35.48 44.39 -25.77
N LEU E 120 36.48 43.63 -26.21
CA LEU E 120 37.44 42.90 -25.38
C LEU E 120 38.81 43.59 -25.45
N PHE E 121 39.41 43.91 -24.29
CA PHE E 121 40.71 44.57 -24.18
C PHE E 121 41.83 43.65 -23.66
N PRO E 122 43.00 43.63 -24.33
CA PRO E 122 44.14 42.83 -23.82
C PRO E 122 44.77 43.48 -22.59
N PRO E 123 45.74 42.88 -21.85
CA PRO E 123 46.38 43.65 -20.75
C PRO E 123 47.15 44.84 -21.32
N SER E 124 47.33 45.89 -20.51
CA SER E 124 48.07 47.05 -20.98
C SER E 124 49.56 46.79 -20.81
N SER E 125 50.42 47.48 -21.59
CA SER E 125 51.86 47.31 -21.45
C SER E 125 52.30 47.80 -20.07
N GLU E 126 51.57 48.82 -19.53
CA GLU E 126 51.73 49.43 -18.21
C GLU E 126 51.55 48.37 -17.14
N GLU E 127 50.46 47.58 -17.28
CA GLU E 127 50.07 46.50 -16.40
C GLU E 127 50.97 45.29 -16.56
N LEU E 128 51.28 44.88 -17.82
CA LEU E 128 52.15 43.74 -18.06
C LEU E 128 53.57 44.00 -17.49
N GLN E 129 53.99 45.29 -17.39
CA GLN E 129 55.25 45.75 -16.74
C GLN E 129 55.19 45.53 -15.22
N ALA E 130 53.98 45.59 -14.63
CA ALA E 130 53.71 45.38 -13.21
C ALA E 130 53.51 43.87 -12.92
N ASN E 131 53.90 43.02 -13.89
CA ASN E 131 53.84 41.55 -13.94
C ASN E 131 52.41 41.02 -13.66
N LYS E 132 51.41 41.71 -14.20
CA LYS E 132 50.02 41.36 -14.04
C LYS E 132 49.33 41.34 -15.40
N ALA E 133 48.27 40.55 -15.54
CA ALA E 133 47.51 40.47 -16.78
C ALA E 133 46.04 40.33 -16.48
N THR E 134 45.23 41.20 -17.09
CA THR E 134 43.79 41.16 -16.94
C THR E 134 43.18 41.41 -18.27
N LEU E 135 42.30 40.51 -18.69
CA LEU E 135 41.53 40.70 -19.92
C LEU E 135 40.22 41.36 -19.50
N VAL E 136 39.87 42.49 -20.12
CA VAL E 136 38.65 43.21 -19.78
C VAL E 136 37.68 43.10 -20.96
N CYS E 137 36.56 42.41 -20.73
CA CYS E 137 35.51 42.20 -21.73
C CYS E 137 34.31 43.04 -21.33
N LEU E 138 33.96 44.00 -22.17
CA LEU E 138 32.87 44.89 -21.83
C LEU E 138 31.73 44.74 -22.80
N ILE E 139 30.56 44.48 -22.22
CA ILE E 139 29.29 44.23 -22.89
C ILE E 139 28.35 45.37 -22.52
N SER E 140 27.79 46.06 -23.52
CA SER E 140 26.92 47.22 -23.30
C SER E 140 25.74 47.25 -24.28
N ASP E 141 24.76 48.12 -24.01
CA ASP E 141 23.58 48.40 -24.84
C ASP E 141 22.74 47.14 -25.20
N PHE E 142 22.42 46.29 -24.19
CA PHE E 142 21.57 45.12 -24.41
C PHE E 142 20.25 45.21 -23.60
N TYR E 143 19.19 44.59 -24.14
CA TYR E 143 17.86 44.45 -23.56
C TYR E 143 17.22 43.15 -24.11
N PRO E 144 16.68 42.22 -23.28
CA PRO E 144 16.63 42.22 -21.80
C PRO E 144 18.02 42.24 -21.17
N GLY E 145 18.07 42.64 -19.91
CA GLY E 145 19.31 42.73 -19.15
C GLY E 145 19.80 41.44 -18.54
N ALA E 146 19.99 40.43 -19.38
CA ALA E 146 20.50 39.12 -18.98
C ALA E 146 21.55 38.67 -20.00
N VAL E 147 22.72 38.23 -19.52
CA VAL E 147 23.80 37.84 -20.41
C VAL E 147 24.61 36.64 -19.84
N THR E 148 25.16 35.81 -20.74
CA THR E 148 25.97 34.63 -20.38
C THR E 148 27.38 34.88 -20.92
N VAL E 149 28.41 34.80 -20.06
CA VAL E 149 29.80 35.06 -20.48
C VAL E 149 30.70 33.81 -20.31
N ALA E 150 31.43 33.47 -21.38
CA ALA E 150 32.39 32.36 -21.42
C ALA E 150 33.72 32.82 -21.98
N TRP E 151 34.81 32.28 -21.43
CA TRP E 151 36.14 32.58 -21.93
C TRP E 151 36.77 31.32 -22.51
N LYS E 152 37.70 31.51 -23.42
CA LYS E 152 38.49 30.45 -24.04
C LYS E 152 39.95 30.86 -23.99
N ALA E 153 40.85 29.87 -23.90
CA ALA E 153 42.29 30.06 -23.88
C ALA E 153 42.80 30.13 -25.30
N ASP E 154 42.50 29.13 -26.11
CA ASP E 154 42.91 29.10 -27.51
C ASP E 154 41.68 28.90 -28.34
N SER E 155 41.05 27.78 -28.07
CA SER E 155 39.73 27.35 -28.52
C SER E 155 39.17 26.53 -27.39
N SER E 156 39.96 26.31 -26.33
CA SER E 156 39.51 25.48 -25.23
C SER E 156 39.15 26.34 -23.98
N PRO E 157 38.01 26.01 -23.32
CA PRO E 157 37.49 26.89 -22.26
C PRO E 157 38.30 26.96 -20.98
N VAL E 158 38.12 28.09 -20.27
CA VAL E 158 38.72 28.47 -19.00
C VAL E 158 37.65 29.17 -18.14
N LYS E 159 37.39 28.68 -16.92
CA LYS E 159 36.39 29.28 -16.02
C LYS E 159 37.09 29.82 -14.75
N ALA E 160 38.41 29.56 -14.64
CA ALA E 160 39.26 29.99 -13.54
C ALA E 160 39.85 31.38 -13.78
N GLY E 161 39.79 32.23 -12.74
CA GLY E 161 40.28 33.60 -12.80
C GLY E 161 39.28 34.55 -13.44
N VAL E 162 38.04 34.06 -13.66
CA VAL E 162 36.94 34.79 -14.26
C VAL E 162 36.01 35.29 -13.19
N GLU E 163 35.77 36.60 -13.20
CA GLU E 163 34.84 37.28 -12.32
C GLU E 163 33.98 38.18 -13.20
N THR E 164 32.66 38.05 -13.07
CA THR E 164 31.72 38.82 -13.87
C THR E 164 30.78 39.63 -12.96
N THR E 165 30.36 40.81 -13.44
CA THR E 165 29.42 41.68 -12.75
C THR E 165 28.03 41.40 -13.30
N THR E 166 26.99 41.54 -12.45
CA THR E 166 25.59 41.33 -12.86
C THR E 166 25.14 42.52 -13.72
N PRO E 167 24.35 42.31 -14.81
CA PRO E 167 23.92 43.47 -15.62
C PRO E 167 23.28 44.58 -14.79
N SER E 168 23.69 45.79 -15.11
CA SER E 168 23.27 47.06 -14.50
C SER E 168 22.72 47.96 -15.58
N LYS E 169 21.65 48.70 -15.25
CA LYS E 169 21.02 49.63 -16.18
C LYS E 169 21.91 50.83 -16.45
N GLN E 170 21.97 51.23 -17.72
CA GLN E 170 22.72 52.38 -18.19
C GLN E 170 21.82 53.62 -18.15
N SER E 171 22.37 54.78 -18.56
CA SER E 171 21.66 56.06 -18.61
C SER E 171 20.46 56.03 -19.61
N ASN E 172 20.50 55.14 -20.63
CA ASN E 172 19.45 55.00 -21.66
C ASN E 172 18.47 53.84 -21.37
N ASN E 173 18.46 53.32 -20.12
CA ASN E 173 17.62 52.20 -19.63
C ASN E 173 18.04 50.83 -20.24
N LYS E 174 19.06 50.79 -21.14
CA LYS E 174 19.60 49.55 -21.68
C LYS E 174 20.58 48.96 -20.64
N TYR E 175 21.17 47.79 -20.88
CA TYR E 175 22.01 47.16 -19.86
C TYR E 175 23.47 47.03 -20.24
N ALA E 176 24.33 46.94 -19.22
CA ALA E 176 25.77 46.78 -19.36
C ALA E 176 26.30 45.72 -18.41
N ALA E 177 27.26 44.93 -18.90
CA ALA E 177 27.92 43.85 -18.17
C ALA E 177 29.41 43.87 -18.41
N SER E 178 30.20 43.39 -17.44
CA SER E 178 31.64 43.34 -17.58
C SER E 178 32.20 42.02 -17.04
N SER E 179 33.19 41.47 -17.75
CA SER E 179 33.90 40.24 -17.38
C SER E 179 35.40 40.53 -17.42
N TYR E 180 36.15 39.91 -16.50
CA TYR E 180 37.59 40.07 -16.40
C TYR E 180 38.22 38.71 -16.28
N LEU E 181 39.31 38.47 -17.01
CA LEU E 181 40.03 37.21 -16.91
C LEU E 181 41.44 37.50 -16.42
N SER E 182 41.73 37.08 -15.17
CA SER E 182 43.04 37.22 -14.50
C SER E 182 43.95 36.10 -14.93
N LEU E 183 45.14 36.49 -15.38
CA LEU E 183 46.19 35.60 -15.84
C LEU E 183 47.51 36.13 -15.42
N THR E 184 48.52 35.29 -15.52
CA THR E 184 49.90 35.67 -15.31
C THR E 184 50.39 36.14 -16.67
N PRO E 185 51.34 37.10 -16.79
CA PRO E 185 51.88 37.43 -18.12
C PRO E 185 52.33 36.17 -18.89
N GLU E 186 52.86 35.18 -18.15
CA GLU E 186 53.34 33.90 -18.65
C GLU E 186 52.22 33.13 -19.34
N GLN E 187 51.00 33.13 -18.75
CA GLN E 187 49.81 32.51 -19.34
C GLN E 187 49.37 33.31 -20.58
N TRP E 188 49.34 34.67 -20.45
CA TRP E 188 48.98 35.61 -21.52
C TRP E 188 49.77 35.33 -22.81
N LYS E 189 51.10 35.40 -22.72
CA LYS E 189 52.02 35.21 -23.83
C LYS E 189 52.17 33.74 -24.27
N SER E 190 51.60 32.79 -23.49
CA SER E 190 51.64 31.34 -23.72
C SER E 190 50.68 30.89 -24.83
N HIS E 191 49.54 31.54 -24.93
CA HIS E 191 48.54 31.13 -25.91
C HIS E 191 48.62 32.02 -27.13
N ARG E 192 47.99 31.57 -28.24
CA ARG E 192 47.99 32.30 -29.50
C ARG E 192 46.85 33.28 -29.54
N SER E 193 45.73 32.96 -28.89
CA SER E 193 44.53 33.76 -28.85
C SER E 193 43.89 33.69 -27.47
N TYR E 194 42.92 34.58 -27.21
CA TYR E 194 42.12 34.63 -25.99
C TYR E 194 40.78 35.24 -26.35
N SER E 195 39.68 34.50 -26.13
CA SER E 195 38.33 34.92 -26.51
C SER E 195 37.38 35.14 -25.34
N CYS E 196 36.41 36.04 -25.54
CA CYS E 196 35.31 36.32 -24.63
C CYS E 196 34.02 36.07 -25.42
N GLN E 197 33.25 35.03 -25.02
CA GLN E 197 31.99 34.59 -25.67
C GLN E 197 30.78 35.10 -24.90
N VAL E 198 29.99 35.99 -25.52
CA VAL E 198 28.82 36.56 -24.87
C VAL E 198 27.53 36.11 -25.55
N THR E 199 26.65 35.42 -24.78
CA THR E 199 25.34 34.93 -25.22
C THR E 199 24.22 35.79 -24.63
N HIS E 200 23.34 36.33 -25.50
CA HIS E 200 22.18 37.14 -25.15
C HIS E 200 20.99 36.71 -26.03
N GLU E 201 19.91 36.23 -25.37
CA GLU E 201 18.65 35.75 -25.95
C GLU E 201 18.84 34.65 -27.01
N GLY E 202 19.82 33.79 -26.81
CA GLY E 202 20.14 32.70 -27.73
C GLY E 202 21.17 33.07 -28.78
N SER E 203 21.51 34.36 -28.86
CA SER E 203 22.51 34.89 -29.80
C SER E 203 23.84 35.09 -29.07
N THR E 204 24.92 34.58 -29.66
CA THR E 204 26.28 34.66 -29.09
C THR E 204 27.19 35.62 -29.89
N VAL E 205 27.67 36.68 -29.23
CA VAL E 205 28.63 37.66 -29.76
C VAL E 205 30.02 37.23 -29.23
N GLU E 206 31.04 37.23 -30.10
CA GLU E 206 32.40 36.85 -29.67
C GLU E 206 33.46 37.83 -30.18
N LYS E 207 34.44 38.12 -29.31
CA LYS E 207 35.61 38.95 -29.58
C LYS E 207 36.85 38.16 -29.19
N THR E 208 37.96 38.32 -29.93
CA THR E 208 39.21 37.59 -29.68
C THR E 208 40.41 38.53 -29.69
N VAL E 209 41.37 38.30 -28.79
CA VAL E 209 42.60 39.10 -28.67
C VAL E 209 43.81 38.15 -28.69
N ALA E 210 44.98 38.66 -29.09
CA ALA E 210 46.19 37.81 -29.16
C ALA E 210 47.40 38.52 -28.60
N PRO E 211 48.28 37.80 -27.87
CA PRO E 211 49.44 38.45 -27.23
C PRO E 211 50.39 39.32 -28.06
N GLN F 1 -27.39 -14.26 0.08
CA GLN F 1 -27.04 -15.50 -0.61
C GLN F 1 -26.39 -15.21 -1.97
N THR F 2 -25.12 -15.54 -2.05
CA THR F 2 -24.32 -15.34 -3.25
C THR F 2 -24.84 -16.27 -4.36
N VAL F 3 -25.16 -15.63 -5.48
CA VAL F 3 -25.69 -16.23 -6.69
C VAL F 3 -24.69 -15.93 -7.82
N VAL F 4 -24.40 -16.96 -8.63
CA VAL F 4 -23.54 -16.88 -9.79
C VAL F 4 -24.45 -17.14 -10.99
N THR F 5 -24.60 -16.13 -11.84
CA THR F 5 -25.50 -16.13 -12.99
C THR F 5 -24.79 -16.39 -14.34
N GLN F 6 -25.30 -17.38 -15.09
CA GLN F 6 -24.89 -17.84 -16.40
C GLN F 6 -26.04 -17.74 -17.39
N GLU F 7 -25.78 -17.47 -18.68
CA GLU F 7 -26.85 -17.39 -19.68
C GLU F 7 -27.55 -18.78 -19.77
N PRO F 8 -28.87 -18.94 -19.54
CA PRO F 8 -29.45 -20.31 -19.57
C PRO F 8 -29.12 -21.10 -20.84
N SER F 9 -29.16 -20.45 -22.01
CA SER F 9 -28.90 -21.10 -23.29
C SER F 9 -28.33 -20.15 -24.32
N LEU F 10 -27.34 -20.62 -25.09
CA LEU F 10 -26.67 -19.87 -26.17
C LEU F 10 -26.56 -20.71 -27.44
N THR F 11 -26.74 -20.08 -28.61
CA THR F 11 -26.63 -20.72 -29.93
C THR F 11 -25.36 -20.28 -30.66
N VAL F 12 -24.83 -21.17 -31.52
CA VAL F 12 -23.62 -20.93 -32.31
C VAL F 12 -23.66 -21.87 -33.54
N SER F 13 -23.22 -21.38 -34.71
CA SER F 13 -23.19 -22.18 -35.94
C SER F 13 -21.82 -22.84 -36.11
N PRO F 14 -21.72 -24.07 -36.70
CA PRO F 14 -20.39 -24.68 -36.90
C PRO F 14 -19.41 -23.71 -37.54
N GLY F 15 -18.29 -23.48 -36.88
CA GLY F 15 -17.27 -22.54 -37.34
C GLY F 15 -17.31 -21.21 -36.64
N GLY F 16 -18.49 -20.83 -36.14
CA GLY F 16 -18.71 -19.58 -35.41
C GLY F 16 -18.02 -19.48 -34.07
N THR F 17 -18.14 -18.32 -33.42
CA THR F 17 -17.55 -18.06 -32.11
C THR F 17 -18.65 -17.60 -31.13
N VAL F 18 -18.55 -18.07 -29.87
CA VAL F 18 -19.49 -17.76 -28.81
C VAL F 18 -18.74 -17.48 -27.50
N THR F 19 -19.27 -16.56 -26.68
CA THR F 19 -18.72 -16.19 -25.38
C THR F 19 -19.79 -16.39 -24.35
N LEU F 20 -19.41 -17.04 -23.24
CA LEU F 20 -20.30 -17.33 -22.13
C LEU F 20 -19.86 -16.53 -20.94
N THR F 21 -20.80 -15.80 -20.30
CA THR F 21 -20.43 -14.98 -19.15
C THR F 21 -20.82 -15.71 -17.83
N CYS F 22 -20.19 -15.26 -16.73
CA CYS F 22 -20.32 -15.78 -15.37
C CYS F 22 -20.36 -14.58 -14.44
N ARG F 23 -21.55 -14.25 -13.91
CA ARG F 23 -21.71 -13.08 -13.07
C ARG F 23 -21.71 -13.43 -11.58
N SER F 24 -21.15 -12.54 -10.74
CA SER F 24 -21.13 -12.66 -9.28
C SER F 24 -22.05 -11.60 -8.73
N SER F 25 -22.98 -11.98 -7.82
CA SER F 25 -23.95 -11.04 -7.26
C SER F 25 -23.30 -10.04 -6.28
N THR F 26 -22.15 -10.39 -5.69
CA THR F 26 -21.39 -9.56 -4.75
C THR F 26 -20.65 -8.38 -5.44
N GLY F 27 -20.54 -8.43 -6.75
CA GLY F 27 -19.86 -7.43 -7.55
C GLY F 27 -19.00 -8.02 -8.64
N ALA F 28 -17.84 -7.36 -8.91
CA ALA F 28 -16.91 -7.74 -9.95
C ALA F 28 -16.25 -9.10 -9.73
N VAL F 29 -16.21 -9.88 -10.82
CA VAL F 29 -15.48 -11.15 -10.84
C VAL F 29 -14.01 -10.75 -11.05
N THR F 30 -13.15 -11.20 -10.13
CA THR F 30 -11.72 -10.88 -10.11
C THR F 30 -10.89 -12.16 -10.15
N THR F 31 -9.57 -12.00 -10.27
CA THR F 31 -8.60 -13.10 -10.24
C THR F 31 -8.67 -13.88 -8.90
N SER F 32 -9.15 -13.22 -7.84
CA SER F 32 -9.29 -13.78 -6.50
C SER F 32 -10.42 -14.82 -6.44
N ASN F 33 -11.29 -14.84 -7.46
CA ASN F 33 -12.39 -15.78 -7.58
C ASN F 33 -11.94 -17.05 -8.34
N TYR F 34 -10.64 -17.06 -8.83
CA TYR F 34 -9.98 -18.18 -9.53
C TYR F 34 -10.98 -18.99 -10.36
N ALA F 35 -11.72 -18.28 -11.23
CA ALA F 35 -12.79 -18.82 -12.06
C ALA F 35 -12.38 -20.07 -12.81
N ASN F 36 -13.17 -21.13 -12.59
CA ASN F 36 -13.06 -22.43 -13.26
C ASN F 36 -14.24 -22.62 -14.19
N TRP F 37 -14.07 -23.39 -15.26
CA TRP F 37 -15.13 -23.76 -16.20
C TRP F 37 -15.13 -25.26 -16.38
N VAL F 38 -16.31 -25.85 -16.22
CA VAL F 38 -16.53 -27.29 -16.31
C VAL F 38 -17.52 -27.54 -17.46
N GLN F 39 -17.23 -28.56 -18.26
CA GLN F 39 -18.04 -28.96 -19.40
C GLN F 39 -18.66 -30.35 -19.16
N GLN F 40 -19.94 -30.52 -19.51
CA GLN F 40 -20.66 -31.81 -19.47
C GLN F 40 -21.29 -32.10 -20.84
N LYS F 41 -20.64 -32.95 -21.62
CA LYS F 41 -21.15 -33.31 -22.94
C LYS F 41 -22.34 -34.30 -22.77
N PRO F 42 -23.28 -34.42 -23.77
CA PRO F 42 -24.43 -35.33 -23.59
C PRO F 42 -24.04 -36.76 -23.19
N GLY F 43 -24.62 -37.24 -22.09
CA GLY F 43 -24.40 -38.58 -21.54
C GLY F 43 -23.05 -38.84 -20.88
N GLN F 44 -22.08 -37.95 -21.12
CA GLN F 44 -20.71 -38.07 -20.61
C GLN F 44 -20.53 -37.43 -19.20
N ALA F 45 -19.41 -37.77 -18.53
CA ALA F 45 -19.02 -37.27 -17.23
C ALA F 45 -18.58 -35.81 -17.33
N PHE F 46 -18.51 -35.10 -16.19
CA PHE F 46 -18.04 -33.72 -16.16
C PHE F 46 -16.54 -33.67 -16.45
N ARG F 47 -16.09 -32.58 -17.07
CA ARG F 47 -14.68 -32.37 -17.42
C ARG F 47 -14.35 -30.90 -17.27
N GLY F 48 -13.42 -30.62 -16.36
CA GLY F 48 -12.95 -29.27 -16.14
C GLY F 48 -12.21 -28.80 -17.35
N LEU F 49 -12.51 -27.60 -17.80
CA LEU F 49 -11.89 -27.04 -18.97
C LEU F 49 -10.88 -26.00 -18.58
N ILE F 50 -11.32 -25.08 -17.69
CA ILE F 50 -10.50 -23.96 -17.28
C ILE F 50 -10.51 -23.81 -15.79
N GLY F 51 -9.37 -23.39 -15.25
CA GLY F 51 -9.19 -23.07 -13.85
C GLY F 51 -8.36 -21.81 -13.73
N ASP F 52 -8.47 -21.14 -12.56
CA ASP F 52 -7.71 -19.94 -12.19
C ASP F 52 -7.72 -18.91 -13.34
N THR F 53 -8.96 -18.55 -13.73
CA THR F 53 -9.38 -17.62 -14.77
C THR F 53 -9.02 -18.10 -16.20
N ASN F 54 -7.74 -18.32 -16.51
CA ASN F 54 -7.36 -18.62 -17.89
C ASN F 54 -6.49 -19.89 -18.10
N ASN F 55 -6.26 -20.71 -17.06
CA ASN F 55 -5.41 -21.92 -17.21
C ASN F 55 -6.19 -23.05 -17.94
N ARG F 56 -5.76 -23.36 -19.19
CA ARG F 56 -6.36 -24.40 -20.06
C ARG F 56 -6.02 -25.80 -19.57
N ALA F 57 -7.01 -26.70 -19.60
CA ALA F 57 -6.79 -28.07 -19.20
C ALA F 57 -6.05 -28.83 -20.32
N PRO F 58 -5.40 -30.01 -20.07
CA PRO F 58 -4.63 -30.67 -21.14
C PRO F 58 -5.41 -31.03 -22.43
N TRP F 59 -6.73 -31.26 -22.33
CA TRP F 59 -7.62 -31.65 -23.44
C TRP F 59 -8.33 -30.44 -24.11
N THR F 60 -8.45 -29.27 -23.41
CA THR F 60 -9.08 -28.06 -23.97
C THR F 60 -8.13 -27.36 -24.95
N PRO F 61 -8.63 -27.11 -26.18
CA PRO F 61 -7.79 -26.47 -27.22
C PRO F 61 -7.67 -24.96 -27.05
N ALA F 62 -6.73 -24.41 -27.84
CA ALA F 62 -6.33 -23.02 -27.96
C ALA F 62 -7.46 -22.09 -28.44
N ARG F 63 -8.47 -22.64 -29.15
CA ARG F 63 -9.61 -21.87 -29.66
C ARG F 63 -10.58 -21.57 -28.50
N PHE F 64 -10.37 -22.25 -27.35
CA PHE F 64 -11.10 -22.06 -26.10
C PHE F 64 -10.30 -21.12 -25.22
N SER F 65 -10.86 -19.92 -24.96
CA SER F 65 -10.21 -18.89 -24.16
C SER F 65 -11.08 -18.49 -22.97
N GLY F 66 -10.45 -18.44 -21.79
CA GLY F 66 -11.09 -18.01 -20.54
C GLY F 66 -10.49 -16.69 -20.09
N SER F 67 -11.34 -15.69 -19.79
CA SER F 67 -10.86 -14.34 -19.39
C SER F 67 -11.84 -13.62 -18.45
N LEU F 68 -11.56 -12.33 -18.17
CA LEU F 68 -12.43 -11.44 -17.39
C LEU F 68 -12.99 -10.38 -18.35
N LEU F 69 -14.29 -10.41 -18.63
CA LEU F 69 -14.94 -9.45 -19.54
C LEU F 69 -15.97 -8.61 -18.79
N GLY F 70 -15.64 -7.35 -18.53
CA GLY F 70 -16.51 -6.38 -17.89
C GLY F 70 -17.08 -6.83 -16.56
N GLY F 71 -16.19 -7.07 -15.60
CA GLY F 71 -16.52 -7.50 -14.25
C GLY F 71 -17.07 -8.91 -14.14
N LYS F 72 -16.89 -9.71 -15.20
CA LYS F 72 -17.38 -11.08 -15.25
C LYS F 72 -16.29 -12.03 -15.65
N ALA F 73 -16.55 -13.32 -15.47
CA ALA F 73 -15.69 -14.38 -15.97
C ALA F 73 -16.28 -14.80 -17.28
N ALA F 74 -15.46 -14.97 -18.32
CA ALA F 74 -16.00 -15.34 -19.63
C ALA F 74 -15.26 -16.52 -20.25
N LEU F 75 -15.97 -17.31 -21.06
CA LEU F 75 -15.38 -18.43 -21.75
C LEU F 75 -15.73 -18.36 -23.24
N THR F 76 -14.71 -18.16 -24.10
CA THR F 76 -14.87 -18.10 -25.56
C THR F 76 -14.53 -19.44 -26.21
N LEU F 77 -15.41 -19.88 -27.12
CA LEU F 77 -15.28 -21.09 -27.90
C LEU F 77 -15.30 -20.61 -29.35
N SER F 78 -14.11 -20.66 -29.98
CA SER F 78 -13.83 -20.20 -31.35
C SER F 78 -13.85 -21.37 -32.30
N GLY F 79 -14.18 -21.13 -33.58
CA GLY F 79 -14.27 -22.15 -34.63
C GLY F 79 -14.95 -23.39 -34.13
N VAL F 80 -16.20 -23.23 -33.69
CA VAL F 80 -17.00 -24.24 -33.02
C VAL F 80 -17.26 -25.47 -33.90
N GLN F 81 -17.19 -26.63 -33.26
CA GLN F 81 -17.44 -27.97 -33.80
C GLN F 81 -18.78 -28.49 -33.24
N PRO F 82 -19.55 -29.34 -33.96
CA PRO F 82 -20.78 -29.88 -33.36
C PRO F 82 -20.53 -30.66 -32.06
N GLU F 83 -19.25 -31.02 -31.82
CA GLU F 83 -18.80 -31.75 -30.64
C GLU F 83 -18.71 -30.85 -29.44
N ASP F 84 -18.63 -29.53 -29.64
CA ASP F 84 -18.55 -28.55 -28.57
C ASP F 84 -19.87 -28.38 -27.83
N GLU F 85 -20.97 -28.97 -28.35
CA GLU F 85 -22.32 -28.95 -27.75
C GLU F 85 -22.25 -29.69 -26.43
N ALA F 86 -22.59 -28.98 -25.34
CA ALA F 86 -22.57 -29.44 -23.95
C ALA F 86 -23.18 -28.39 -23.06
N GLU F 87 -23.11 -28.62 -21.74
CA GLU F 87 -23.51 -27.74 -20.65
C GLU F 87 -22.21 -27.24 -20.00
N TYR F 88 -22.11 -25.93 -19.79
CA TYR F 88 -20.92 -25.25 -19.27
C TYR F 88 -21.24 -24.56 -17.96
N TYR F 89 -20.57 -25.01 -16.89
CA TYR F 89 -20.71 -24.50 -15.54
C TYR F 89 -19.45 -23.75 -15.13
N CYS F 90 -19.63 -22.53 -14.58
CA CYS F 90 -18.53 -21.80 -14.01
C CYS F 90 -18.64 -21.94 -12.50
N ALA F 91 -17.50 -21.94 -11.83
CA ALA F 91 -17.39 -22.01 -10.39
C ALA F 91 -16.47 -20.88 -9.96
N LEU F 92 -16.99 -20.02 -9.10
CA LEU F 92 -16.27 -18.90 -8.55
C LEU F 92 -15.91 -19.19 -7.13
N TRP F 93 -14.72 -18.86 -6.72
CA TRP F 93 -14.27 -19.13 -5.38
C TRP F 93 -14.42 -17.88 -4.58
N TYR F 94 -14.99 -18.02 -3.40
CA TYR F 94 -15.24 -16.87 -2.58
C TYR F 94 -14.53 -17.06 -1.30
N SER F 95 -13.26 -16.79 -1.39
CA SER F 95 -12.41 -16.77 -0.26
C SER F 95 -12.24 -18.16 0.32
N ASN F 96 -13.34 -18.85 0.57
CA ASN F 96 -13.24 -20.19 1.15
C ASN F 96 -14.07 -21.37 0.58
N HIS F 97 -14.83 -21.17 -0.46
CA HIS F 97 -15.66 -22.22 -1.00
C HIS F 97 -16.00 -21.78 -2.37
N PHE F 98 -16.56 -22.68 -3.18
CA PHE F 98 -16.94 -22.44 -4.57
C PHE F 98 -18.41 -22.23 -4.70
N ILE F 99 -18.85 -21.41 -5.68
CA ILE F 99 -20.26 -21.25 -6.01
C ILE F 99 -20.40 -21.45 -7.50
N PHE F 100 -21.28 -22.40 -7.87
CA PHE F 100 -21.56 -22.77 -9.24
C PHE F 100 -22.70 -21.98 -9.84
N GLY F 101 -22.46 -21.46 -11.03
CA GLY F 101 -23.45 -20.77 -11.85
C GLY F 101 -24.42 -21.81 -12.35
N SER F 102 -25.70 -21.44 -12.54
CA SER F 102 -26.76 -22.37 -12.94
C SER F 102 -26.46 -23.21 -14.21
N GLY F 103 -25.52 -22.76 -15.06
CA GLY F 103 -25.12 -23.45 -16.28
C GLY F 103 -25.71 -22.91 -17.57
N THR F 104 -24.96 -23.06 -18.69
CA THR F 104 -25.36 -22.65 -20.04
C THR F 104 -25.33 -23.84 -21.03
N LYS F 105 -26.44 -24.03 -21.77
CA LYS F 105 -26.41 -25.06 -22.79
C LYS F 105 -25.96 -24.44 -24.10
N VAL F 106 -24.81 -24.88 -24.63
CA VAL F 106 -24.44 -24.33 -25.92
C VAL F 106 -24.87 -25.37 -26.94
N THR F 107 -25.72 -24.94 -27.85
CA THR F 107 -26.15 -25.76 -28.95
C THR F 107 -25.43 -25.28 -30.15
N VAL F 108 -24.76 -26.20 -30.82
CA VAL F 108 -24.10 -25.98 -32.08
C VAL F 108 -25.17 -26.25 -33.11
N LEU F 109 -25.45 -25.27 -33.95
CA LEU F 109 -26.61 -25.34 -34.83
C LEU F 109 -26.59 -26.31 -36.02
N GLY F 110 -27.27 -27.44 -35.80
CA GLY F 110 -27.45 -28.49 -36.79
C GLY F 110 -28.72 -28.42 -37.62
N GLN F 111 -29.82 -27.98 -37.03
CA GLN F 111 -31.09 -27.96 -37.72
C GLN F 111 -31.80 -26.61 -37.50
N PRO F 112 -32.88 -26.27 -38.27
CA PRO F 112 -33.55 -24.99 -38.04
C PRO F 112 -34.14 -24.85 -36.63
N LYS F 113 -34.19 -23.61 -36.10
CA LYS F 113 -34.79 -23.29 -34.80
C LYS F 113 -36.25 -23.71 -34.85
N ALA F 114 -36.68 -24.54 -33.88
CA ALA F 114 -38.05 -25.05 -33.84
C ALA F 114 -38.82 -24.47 -32.66
N ALA F 115 -40.07 -24.06 -32.93
CA ALA F 115 -40.97 -23.50 -31.93
C ALA F 115 -41.72 -24.61 -31.21
N PRO F 116 -41.84 -24.55 -29.86
CA PRO F 116 -42.52 -25.64 -29.15
C PRO F 116 -44.03 -25.61 -29.22
N SER F 117 -44.65 -26.79 -29.32
CA SER F 117 -46.10 -26.94 -29.29
C SER F 117 -46.49 -27.15 -27.84
N VAL F 118 -47.14 -26.15 -27.25
CA VAL F 118 -47.54 -26.23 -25.85
C VAL F 118 -49.02 -26.60 -25.77
N THR F 119 -49.31 -27.65 -24.97
CA THR F 119 -50.63 -28.16 -24.63
C THR F 119 -50.65 -28.34 -23.12
N LEU F 120 -51.58 -27.63 -22.46
CA LEU F 120 -51.81 -27.65 -21.03
C LEU F 120 -53.12 -28.38 -20.74
N PHE F 121 -53.08 -29.37 -19.82
CA PHE F 121 -54.24 -30.20 -19.44
C PHE F 121 -54.75 -29.90 -18.01
N PRO F 122 -56.09 -29.73 -17.84
CA PRO F 122 -56.62 -29.54 -16.47
C PRO F 122 -56.63 -30.86 -15.69
N PRO F 123 -56.95 -30.93 -14.37
CA PRO F 123 -57.03 -32.25 -13.72
C PRO F 123 -58.17 -33.08 -14.33
N SER F 124 -58.05 -34.41 -14.25
CA SER F 124 -59.09 -35.27 -14.80
C SER F 124 -60.21 -35.42 -13.77
N SER F 125 -61.44 -35.72 -14.23
CA SER F 125 -62.56 -35.91 -13.30
C SER F 125 -62.27 -37.13 -12.42
N GLU F 126 -61.55 -38.13 -12.99
CA GLU F 126 -61.09 -39.37 -12.33
C GLU F 126 -60.21 -39.01 -11.14
N GLU F 127 -59.24 -38.10 -11.38
CA GLU F 127 -58.29 -37.58 -10.40
C GLU F 127 -58.95 -36.65 -9.41
N LEU F 128 -59.80 -35.71 -9.87
CA LEU F 128 -60.49 -34.78 -8.98
C LEU F 128 -61.41 -35.55 -8.00
N GLN F 129 -61.91 -36.76 -8.41
CA GLN F 129 -62.69 -37.72 -7.58
C GLN F 129 -61.81 -38.32 -6.48
N ALA F 130 -60.50 -38.45 -6.74
CA ALA F 130 -59.49 -38.98 -5.80
C ALA F 130 -58.94 -37.84 -4.90
N ASN F 131 -59.66 -36.69 -4.89
CA ASN F 131 -59.42 -35.43 -4.18
C ASN F 131 -58.00 -34.90 -4.43
N LYS F 132 -57.55 -34.99 -5.69
CA LYS F 132 -56.23 -34.54 -6.11
C LYS F 132 -56.35 -33.70 -7.38
N ALA F 133 -55.40 -32.80 -7.59
CA ALA F 133 -55.40 -31.92 -8.76
C ALA F 133 -53.99 -31.72 -9.27
N THR F 134 -53.77 -31.97 -10.55
CA THR F 134 -52.48 -31.79 -11.18
C THR F 134 -52.69 -31.18 -12.52
N LEU F 135 -52.03 -30.07 -12.77
CA LEU F 135 -52.04 -29.45 -14.09
C LEU F 135 -50.85 -30.01 -14.86
N VAL F 136 -51.07 -30.57 -16.06
CA VAL F 136 -50.01 -31.14 -16.87
C VAL F 136 -49.78 -30.26 -18.09
N CYS F 137 -48.60 -29.65 -18.16
CA CYS F 137 -48.19 -28.76 -19.25
C CYS F 137 -47.14 -29.49 -20.07
N LEU F 138 -47.46 -29.75 -21.34
CA LEU F 138 -46.55 -30.50 -22.18
C LEU F 138 -46.05 -29.66 -23.33
N ILE F 139 -44.74 -29.59 -23.44
CA ILE F 139 -43.98 -28.80 -24.41
C ILE F 139 -43.22 -29.79 -25.27
N SER F 140 -43.40 -29.70 -26.60
CA SER F 140 -42.77 -30.63 -27.53
C SER F 140 -42.30 -29.94 -28.80
N ASP F 141 -41.50 -30.66 -29.62
CA ASP F 141 -41.00 -30.27 -30.93
C ASP F 141 -40.25 -28.91 -30.94
N PHE F 142 -39.29 -28.70 -29.98
CA PHE F 142 -38.47 -27.49 -29.95
C PHE F 142 -36.97 -27.82 -30.12
N TYR F 143 -36.24 -26.85 -30.73
CA TYR F 143 -34.79 -26.86 -30.97
C TYR F 143 -34.32 -25.40 -31.00
N PRO F 144 -33.27 -25.00 -30.24
CA PRO F 144 -32.45 -25.80 -29.29
C PRO F 144 -33.29 -26.37 -28.14
N GLY F 145 -32.76 -27.42 -27.50
CA GLY F 145 -33.42 -28.08 -26.39
C GLY F 145 -33.27 -27.42 -25.04
N ALA F 146 -33.69 -26.15 -24.96
CA ALA F 146 -33.68 -25.35 -23.73
C ALA F 146 -34.99 -24.61 -23.61
N VAL F 147 -35.62 -24.68 -22.42
CA VAL F 147 -36.92 -24.06 -22.21
C VAL F 147 -37.08 -23.51 -20.77
N THR F 148 -37.87 -22.42 -20.62
CA THR F 148 -38.15 -21.76 -19.32
C THR F 148 -39.64 -21.92 -19.07
N VAL F 149 -40.04 -22.47 -17.90
CA VAL F 149 -41.46 -22.68 -17.59
C VAL F 149 -41.89 -21.88 -16.32
N ALA F 150 -43.02 -21.16 -16.45
CA ALA F 150 -43.63 -20.37 -15.38
C ALA F 150 -45.12 -20.65 -15.28
N TRP F 151 -45.66 -20.65 -14.07
CA TRP F 151 -47.09 -20.83 -13.87
C TRP F 151 -47.66 -19.56 -13.26
N LYS F 152 -48.96 -19.34 -13.50
CA LYS F 152 -49.74 -18.23 -12.92
C LYS F 152 -51.01 -18.84 -12.32
N ALA F 153 -51.52 -18.23 -11.23
CA ALA F 153 -52.75 -18.72 -10.60
C ALA F 153 -53.91 -18.05 -11.26
N ASP F 154 -53.89 -16.73 -11.37
CA ASP F 154 -54.96 -15.99 -12.00
C ASP F 154 -54.34 -15.07 -12.98
N SER F 155 -53.46 -14.20 -12.47
CA SER F 155 -52.59 -13.30 -13.20
C SER F 155 -51.29 -13.27 -12.46
N SER F 156 -51.30 -13.82 -11.22
CA SER F 156 -50.21 -13.76 -10.27
C SER F 156 -49.43 -15.04 -10.25
N PRO F 157 -48.08 -14.94 -10.27
CA PRO F 157 -47.26 -16.16 -10.36
C PRO F 157 -47.28 -17.06 -9.12
N VAL F 158 -46.99 -18.35 -9.36
CA VAL F 158 -46.92 -19.42 -8.38
C VAL F 158 -45.73 -20.32 -8.74
N LYS F 159 -44.80 -20.55 -7.79
CA LYS F 159 -43.63 -21.41 -8.04
C LYS F 159 -43.67 -22.64 -7.14
N ALA F 160 -44.67 -22.71 -6.25
CA ALA F 160 -44.90 -23.79 -5.29
C ALA F 160 -45.78 -24.89 -5.90
N GLY F 161 -45.36 -26.14 -5.70
CA GLY F 161 -46.05 -27.32 -6.21
C GLY F 161 -45.71 -27.60 -7.66
N VAL F 162 -44.68 -26.89 -8.19
CA VAL F 162 -44.20 -26.99 -9.56
C VAL F 162 -42.95 -27.85 -9.60
N GLU F 163 -43.00 -28.87 -10.44
CA GLU F 163 -41.89 -29.75 -10.74
C GLU F 163 -41.78 -29.88 -12.26
N THR F 164 -40.58 -29.64 -12.79
CA THR F 164 -40.35 -29.69 -14.22
C THR F 164 -39.22 -30.70 -14.56
N THR F 165 -39.34 -31.33 -15.74
CA THR F 165 -38.35 -32.26 -16.26
C THR F 165 -37.43 -31.52 -17.20
N THR F 166 -36.15 -31.92 -17.25
CA THR F 166 -35.16 -31.30 -18.16
C THR F 166 -35.45 -31.74 -19.60
N PRO F 167 -35.32 -30.87 -20.62
CA PRO F 167 -35.59 -31.31 -22.00
C PRO F 167 -34.86 -32.59 -22.37
N SER F 168 -35.61 -33.49 -23.01
CA SER F 168 -35.21 -34.81 -23.50
C SER F 168 -35.47 -34.88 -24.98
N LYS F 169 -34.56 -35.50 -25.73
CA LYS F 169 -34.68 -35.67 -27.16
C LYS F 169 -35.81 -36.63 -27.51
N GLN F 170 -36.56 -36.27 -28.55
CA GLN F 170 -37.66 -37.06 -29.09
C GLN F 170 -37.12 -37.98 -30.18
N SER F 171 -38.01 -38.79 -30.77
CA SER F 171 -37.68 -39.72 -31.86
C SER F 171 -37.16 -38.98 -33.14
N ASN F 172 -37.55 -37.68 -33.33
CA ASN F 172 -37.16 -36.84 -34.49
C ASN F 172 -35.99 -35.88 -34.19
N ASN F 173 -35.23 -36.14 -33.08
CA ASN F 173 -34.08 -35.37 -32.60
C ASN F 173 -34.47 -33.96 -32.05
N LYS F 174 -35.78 -33.58 -32.11
CA LYS F 174 -36.28 -32.33 -31.52
C LYS F 174 -36.43 -32.58 -30.00
N TYR F 175 -36.82 -31.56 -29.23
CA TYR F 175 -36.88 -31.74 -27.78
C TYR F 175 -38.28 -31.63 -27.21
N ALA F 176 -38.46 -32.24 -26.02
CA ALA F 176 -39.71 -32.24 -25.28
C ALA F 176 -39.45 -31.98 -23.82
N ALA F 177 -40.36 -31.22 -23.21
CA ALA F 177 -40.32 -30.84 -21.79
C ALA F 177 -41.70 -30.97 -21.17
N SER F 178 -41.76 -31.19 -19.85
CA SER F 178 -43.02 -31.33 -19.14
C SER F 178 -42.97 -30.64 -17.78
N SER F 179 -44.06 -29.96 -17.43
CA SER F 179 -44.24 -29.27 -16.15
C SER F 179 -45.58 -29.72 -15.55
N TYR F 180 -45.63 -29.84 -14.22
CA TYR F 180 -46.82 -30.25 -13.48
C TYR F 180 -47.03 -29.30 -12.33
N LEU F 181 -48.28 -28.86 -12.12
CA LEU F 181 -48.60 -27.99 -10.99
C LEU F 181 -49.60 -28.71 -10.09
N SER F 182 -49.13 -29.08 -8.88
CA SER F 182 -49.91 -29.76 -7.83
C SER F 182 -50.70 -28.75 -7.03
N LEU F 183 -51.99 -29.01 -6.90
CA LEU F 183 -52.97 -28.20 -6.19
C LEU F 183 -53.97 -29.08 -5.53
N THR F 184 -54.73 -28.51 -4.61
CA THR F 184 -55.86 -29.16 -3.98
C THR F 184 -57.05 -28.90 -4.87
N PRO F 185 -58.06 -29.78 -4.98
CA PRO F 185 -59.25 -29.44 -5.77
C PRO F 185 -59.81 -28.06 -5.39
N GLU F 186 -59.72 -27.71 -4.08
CA GLU F 186 -60.18 -26.46 -3.49
C GLU F 186 -59.46 -25.28 -4.11
N GLN F 187 -58.12 -25.39 -4.33
CA GLN F 187 -57.32 -24.38 -5.02
C GLN F 187 -57.72 -24.31 -6.49
N TRP F 188 -57.85 -25.49 -7.16
CA TRP F 188 -58.25 -25.63 -8.56
C TRP F 188 -59.53 -24.84 -8.86
N LYS F 189 -60.62 -25.16 -8.16
CA LYS F 189 -61.94 -24.57 -8.35
C LYS F 189 -62.05 -23.13 -7.78
N SER F 190 -61.02 -22.67 -7.01
CA SER F 190 -60.93 -21.36 -6.37
C SER F 190 -60.60 -20.24 -7.33
N HIS F 191 -59.76 -20.54 -8.32
CA HIS F 191 -59.33 -19.54 -9.28
C HIS F 191 -60.15 -19.62 -10.53
N ARG F 192 -60.09 -18.57 -11.33
CA ARG F 192 -60.85 -18.46 -12.56
C ARG F 192 -60.09 -19.02 -13.71
N SER F 193 -58.75 -18.88 -13.66
CA SER F 193 -57.84 -19.35 -14.70
C SER F 193 -56.60 -19.95 -14.08
N TYR F 194 -55.82 -20.69 -14.88
CA TYR F 194 -54.53 -21.29 -14.53
C TYR F 194 -53.72 -21.38 -15.81
N SER F 195 -52.55 -20.71 -15.83
CA SER F 195 -51.69 -20.62 -17.00
C SER F 195 -50.34 -21.28 -16.85
N CYS F 196 -49.79 -21.77 -17.98
CA CYS F 196 -48.46 -22.32 -18.11
C CYS F 196 -47.73 -21.48 -19.16
N GLN F 197 -46.69 -20.73 -18.75
CA GLN F 197 -45.89 -19.82 -19.60
C GLN F 197 -44.58 -20.47 -20.00
N VAL F 198 -44.40 -20.74 -21.30
CA VAL F 198 -43.19 -21.38 -21.81
C VAL F 198 -42.39 -20.43 -22.68
N THR F 199 -41.14 -20.13 -22.28
CA THR F 199 -40.19 -19.27 -23.00
C THR F 199 -39.10 -20.14 -23.66
N HIS F 200 -38.90 -19.96 -24.98
CA HIS F 200 -37.90 -20.64 -25.81
C HIS F 200 -37.28 -19.63 -26.77
N GLU F 201 -35.94 -19.42 -26.65
CA GLU F 201 -35.10 -18.51 -27.45
C GLU F 201 -35.61 -17.05 -27.44
N GLY F 202 -36.16 -16.62 -26.30
CA GLY F 202 -36.70 -15.27 -26.15
C GLY F 202 -38.17 -15.15 -26.49
N SER F 203 -38.75 -16.21 -27.08
CA SER F 203 -40.16 -16.29 -27.47
C SER F 203 -40.94 -17.08 -26.40
N THR F 204 -42.07 -16.51 -25.95
CA THR F 204 -42.92 -17.10 -24.91
C THR F 204 -44.26 -17.60 -25.48
N VAL F 205 -44.50 -18.91 -25.36
CA VAL F 205 -45.77 -19.57 -25.72
C VAL F 205 -46.56 -19.74 -24.41
N GLU F 206 -47.87 -19.43 -24.43
CA GLU F 206 -48.71 -19.54 -23.24
C GLU F 206 -50.03 -20.23 -23.54
N LYS F 207 -50.45 -21.10 -22.61
CA LYS F 207 -51.73 -21.82 -22.64
C LYS F 207 -52.42 -21.58 -21.30
N THR F 208 -53.76 -21.48 -21.31
CA THR F 208 -54.54 -21.21 -20.10
C THR F 208 -55.73 -22.16 -20.02
N VAL F 209 -56.02 -22.64 -18.80
CA VAL F 209 -57.13 -23.56 -18.52
C VAL F 209 -57.96 -22.96 -17.40
N ALA F 210 -59.25 -23.32 -17.35
CA ALA F 210 -60.15 -22.81 -16.33
C ALA F 210 -61.00 -23.95 -15.72
N PRO F 211 -61.22 -23.91 -14.38
CA PRO F 211 -61.99 -24.98 -13.68
C PRO F 211 -63.35 -25.43 -14.26
N THR F 212 -64.26 -24.58 -14.69
CA THR F 212 -64.24 -23.19 -15.14
C THR F 212 -63.91 -22.12 -14.12
#